data_2C57
#
_entry.id   2C57
#
_cell.length_a   103.863
_cell.length_b   103.863
_cell.length_c   217.531
_cell.angle_alpha   90.00
_cell.angle_beta   90.00
_cell.angle_gamma   120.00
#
_symmetry.space_group_name_H-M   'P 31'
#
loop_
_entity.id
_entity.type
_entity.pdbx_description
1 polymer '3-DEHYDROQUINATE DEHYDRATASE'
2 non-polymer '2,3 -ANHYDRO-QUINIC ACID'
#
_entity_poly.entity_id   1
_entity_poly.type   'polypeptide(L)'
_entity_poly.pdbx_seq_one_letter_code
;GSSHHHHHHSSSHMKILVIQGPNLNMLGHRDPRLYGMVTLDQIHEIMQTFVKQGNLDVELEFFQTNFEGEIIDKIQESVG
SDYEGIIINPGAFSHTSIAIADAIMLAGKPVIEVHLTNIQAREEFRKNSYTGAACGGVIMGFGPLGYNMALMAMVNILAE
MKAFQEAQKNNPNNPINNQK
;
_entity_poly.pdbx_strand_id   A,B,C,D,E,F,G,H,I,J,K,L
#
loop_
_chem_comp.id
_chem_comp.type
_chem_comp.name
_chem_comp.formula
FA1 non-polymer '2,3 -ANHYDRO-QUINIC ACID' 'C7 H10 O5'
#
# COMPACT_ATOMS: atom_id res chain seq x y z
N GLY A 1 1.75 37.97 -10.81
CA GLY A 1 0.96 37.33 -11.88
C GLY A 1 0.11 38.36 -12.62
N SER A 2 -0.86 37.84 -13.35
CA SER A 2 -1.66 38.65 -14.23
C SER A 2 -3.11 38.73 -13.84
N SER A 3 -3.74 39.79 -14.27
CA SER A 3 -4.94 40.28 -13.62
C SER A 3 -5.74 41.16 -14.58
N HIS A 4 -6.97 40.75 -14.92
CA HIS A 4 -7.82 41.66 -15.77
C HIS A 4 -9.12 41.89 -15.04
N HIS A 5 -9.84 42.89 -15.51
CA HIS A 5 -10.97 43.40 -14.76
C HIS A 5 -11.63 44.35 -15.72
N HIS A 6 -12.90 44.68 -15.52
CA HIS A 6 -13.59 45.42 -16.54
C HIS A 6 -14.17 46.78 -16.18
N HIS A 7 -14.77 46.91 -15.00
CA HIS A 7 -15.24 48.25 -14.54
C HIS A 7 -16.57 48.29 -13.78
N HIS A 8 -17.70 48.16 -14.48
CA HIS A 8 -18.98 48.16 -13.79
C HIS A 8 -19.43 49.59 -13.39
N HIS A 9 -20.72 49.88 -13.54
CA HIS A 9 -21.14 51.27 -13.44
C HIS A 9 -21.54 51.88 -12.08
N SER A 10 -22.31 51.16 -11.25
CA SER A 10 -22.98 51.84 -10.11
C SER A 10 -24.41 52.37 -10.46
N SER A 11 -25.45 51.57 -10.18
CA SER A 11 -26.87 51.98 -10.34
C SER A 11 -27.14 53.51 -10.26
N SER A 12 -28.88 42.48 -6.35
CA SER A 12 -27.77 43.36 -6.00
C SER A 12 -26.46 43.02 -6.74
N HIS A 13 -25.43 43.84 -6.49
CA HIS A 13 -24.13 43.76 -7.15
C HIS A 13 -23.29 42.67 -6.53
N MET A 14 -22.88 41.67 -7.30
CA MET A 14 -21.97 40.66 -6.78
C MET A 14 -20.62 40.77 -7.37
N LYS A 15 -19.63 41.15 -6.58
CA LYS A 15 -18.23 40.98 -7.00
C LYS A 15 -17.76 39.47 -6.87
N ILE A 16 -17.27 38.87 -7.97
CA ILE A 16 -16.68 37.49 -8.00
C ILE A 16 -15.15 37.56 -8.41
N LEU A 17 -14.31 36.72 -7.79
CA LEU A 17 -12.87 36.61 -8.07
C LEU A 17 -12.51 35.28 -8.69
N VAL A 18 -12.02 35.31 -9.94
CA VAL A 18 -11.51 34.12 -10.63
C VAL A 18 -9.99 33.96 -10.48
N ILE A 19 -9.56 32.81 -9.98
CA ILE A 19 -8.15 32.53 -9.86
C ILE A 19 -7.74 31.34 -10.67
N GLN A 20 -6.93 31.66 -11.68
CA GLN A 20 -6.26 30.71 -12.60
C GLN A 20 -4.86 30.23 -12.19
N GLY A 21 -4.75 28.90 -11.97
CA GLY A 21 -3.49 28.21 -11.57
C GLY A 21 -2.26 28.33 -12.49
N PRO A 22 -1.18 27.59 -12.25
CA PRO A 22 0.07 27.72 -12.97
C PRO A 22 -0.04 27.05 -14.27
N ASN A 23 0.57 27.64 -15.29
CA ASN A 23 0.52 27.12 -16.61
C ASN A 23 -0.71 27.40 -17.43
N LEU A 24 -1.83 27.77 -16.77
CA LEU A 24 -3.07 28.09 -17.44
C LEU A 24 -2.96 29.27 -18.39
N ASN A 25 -2.04 30.15 -18.06
CA ASN A 25 -1.63 31.24 -18.95
C ASN A 25 -1.18 30.74 -20.32
N MET A 26 -0.99 29.43 -20.48
CA MET A 26 -0.41 28.93 -21.70
C MET A 26 -1.36 28.35 -22.80
N LEU A 27 -2.64 28.06 -22.52
CA LEU A 27 -3.49 27.51 -23.59
C LEU A 27 -3.44 28.36 -24.89
N GLY A 28 -3.01 27.73 -26.01
CA GLY A 28 -2.71 28.43 -27.35
C GLY A 28 -1.51 27.99 -28.21
N GLY A 36 -8.17 22.19 -26.44
CA GLY A 36 -8.79 22.82 -27.65
C GLY A 36 -7.73 23.62 -28.45
N MET A 37 -8.15 24.72 -29.10
CA MET A 37 -7.16 25.74 -29.66
C MET A 37 -7.40 27.26 -29.13
N VAL A 38 -8.05 27.34 -27.97
CA VAL A 38 -8.53 28.54 -27.28
C VAL A 38 -7.52 28.98 -26.22
N THR A 39 -7.50 30.28 -25.92
CA THR A 39 -6.59 30.89 -24.93
C THR A 39 -7.34 31.41 -23.68
N LEU A 40 -6.61 31.76 -22.62
CA LEU A 40 -7.21 32.11 -21.32
C LEU A 40 -7.95 33.42 -21.39
N ASP A 41 -7.41 34.38 -22.13
CA ASP A 41 -8.12 35.65 -22.25
C ASP A 41 -9.41 35.34 -22.86
N GLN A 42 -9.40 34.44 -23.83
CA GLN A 42 -10.63 34.04 -24.50
C GLN A 42 -11.60 33.39 -23.53
N ILE A 43 -11.05 32.63 -22.58
CA ILE A 43 -11.91 31.98 -21.59
C ILE A 43 -12.52 33.06 -20.71
N HIS A 44 -11.79 34.13 -20.50
CA HIS A 44 -12.37 35.23 -19.77
C HIS A 44 -13.43 36.01 -20.53
N GLU A 45 -13.25 36.28 -21.80
CA GLU A 45 -14.33 36.99 -22.45
C GLU A 45 -15.60 36.13 -22.53
N ILE A 46 -15.43 34.84 -22.84
CA ILE A 46 -16.53 33.87 -22.74
C ILE A 46 -17.33 34.10 -21.42
N MET A 47 -16.63 34.09 -20.28
CA MET A 47 -17.22 34.39 -18.99
C MET A 47 -17.98 35.74 -18.95
N GLN A 48 -17.25 36.85 -19.18
CA GLN A 48 -17.84 38.20 -19.32
C GLN A 48 -19.05 38.17 -20.26
N THR A 49 -18.90 37.53 -21.41
CA THR A 49 -19.97 37.45 -22.42
C THR A 49 -21.19 36.77 -21.87
N PHE A 50 -20.99 35.92 -20.90
CA PHE A 50 -22.09 35.11 -20.41
C PHE A 50 -22.79 35.80 -19.27
N VAL A 51 -22.18 36.85 -18.76
CA VAL A 51 -22.81 37.65 -17.73
C VAL A 51 -23.53 38.78 -18.38
N LYS A 52 -22.80 39.58 -19.17
CA LYS A 52 -23.35 40.77 -19.85
C LYS A 52 -24.56 40.22 -20.54
N GLN A 53 -24.46 38.95 -20.92
CA GLN A 53 -25.47 38.29 -21.71
C GLN A 53 -26.67 37.81 -20.79
N GLY A 54 -26.37 36.96 -19.81
CA GLY A 54 -27.39 36.43 -18.87
C GLY A 54 -28.26 37.50 -18.21
N ASN A 55 -27.83 38.77 -18.37
CA ASN A 55 -28.35 39.97 -17.67
C ASN A 55 -28.06 40.06 -16.14
N LEU A 56 -26.78 40.18 -15.77
CA LEU A 56 -26.35 39.83 -14.41
C LEU A 56 -25.46 40.85 -13.76
N ASP A 57 -25.84 41.37 -12.61
CA ASP A 57 -25.02 42.36 -11.96
C ASP A 57 -23.87 41.73 -11.23
N VAL A 58 -22.95 41.24 -12.03
CA VAL A 58 -21.74 40.60 -11.59
C VAL A 58 -20.51 41.36 -12.08
N GLU A 59 -19.54 41.60 -11.21
CA GLU A 59 -18.25 42.15 -11.59
C GLU A 59 -17.19 41.06 -11.44
N LEU A 60 -16.44 40.73 -12.50
CA LEU A 60 -15.35 39.73 -12.33
C LEU A 60 -14.00 40.32 -12.13
N GLU A 61 -13.16 39.62 -11.38
CA GLU A 61 -11.76 39.94 -11.42
C GLU A 61 -10.95 38.70 -11.78
N PHE A 62 -10.08 38.87 -12.79
CA PHE A 62 -9.40 37.71 -13.30
C PHE A 62 -7.98 37.74 -12.89
N PHE A 63 -7.49 36.53 -12.55
CA PHE A 63 -6.18 36.39 -11.94
C PHE A 63 -5.46 35.09 -12.23
N GLN A 64 -4.38 35.17 -12.98
CA GLN A 64 -3.55 34.02 -13.16
C GLN A 64 -2.17 34.16 -12.61
N THR A 65 -1.59 33.06 -12.11
CA THR A 65 -0.21 33.02 -11.61
C THR A 65 0.30 31.60 -11.61
N ASN A 66 1.62 31.54 -11.54
CA ASN A 66 2.39 30.35 -11.44
C ASN A 66 2.85 30.11 -10.03
N PHE A 67 2.69 31.07 -9.15
CA PHE A 67 3.24 31.04 -7.81
C PHE A 67 2.22 30.65 -6.81
N GLU A 68 2.50 29.58 -6.09
CA GLU A 68 1.54 29.07 -5.10
C GLU A 68 1.28 30.15 -4.01
N GLY A 69 2.36 30.85 -3.63
CA GLY A 69 2.23 31.92 -2.67
C GLY A 69 1.27 32.96 -3.20
N GLU A 70 1.44 33.33 -4.47
CA GLU A 70 0.64 34.37 -5.08
C GLU A 70 -0.81 33.93 -5.08
N ILE A 71 -1.13 32.65 -5.29
CA ILE A 71 -2.50 32.25 -5.05
C ILE A 71 -2.93 32.35 -3.59
N ILE A 72 -2.09 31.96 -2.66
CA ILE A 72 -2.49 32.10 -1.26
C ILE A 72 -2.71 33.58 -0.83
N ASP A 73 -1.81 34.47 -1.26
CA ASP A 73 -1.95 35.87 -1.14
C ASP A 73 -3.26 36.37 -1.62
N LYS A 74 -3.65 35.98 -2.82
CA LYS A 74 -4.83 36.57 -3.39
C LYS A 74 -6.08 36.15 -2.63
N ILE A 75 -6.06 34.97 -2.05
CA ILE A 75 -7.26 34.54 -1.34
C ILE A 75 -7.32 35.31 -0.06
N GLN A 76 -6.17 35.46 0.55
CA GLN A 76 -6.13 36.12 1.78
C GLN A 76 -6.66 37.53 1.54
N GLU A 77 -6.21 38.19 0.46
CA GLU A 77 -6.73 39.50 0.12
C GLU A 77 -8.26 39.52 0.14
N SER A 78 -8.92 38.80 -0.76
CA SER A 78 -10.38 38.65 -0.79
C SER A 78 -11.17 38.78 0.56
N VAL A 79 -10.51 38.33 1.62
CA VAL A 79 -11.06 38.27 2.98
C VAL A 79 -11.36 39.66 3.55
N GLY A 80 -10.70 40.70 3.01
CA GLY A 80 -11.15 42.13 3.04
C GLY A 80 -12.40 42.24 2.16
N SER A 81 -13.53 41.99 2.82
CA SER A 81 -14.79 41.55 2.16
C SER A 81 -15.17 42.38 0.90
N ASP A 82 -14.68 41.96 -0.25
CA ASP A 82 -15.02 42.70 -1.43
C ASP A 82 -15.96 41.88 -2.26
N TYR A 83 -15.38 40.78 -2.70
CA TYR A 83 -16.09 39.83 -3.47
C TYR A 83 -16.44 38.74 -2.47
N GLU A 84 -17.44 37.97 -2.85
CA GLU A 84 -18.26 37.32 -1.90
C GLU A 84 -18.09 35.92 -2.25
N GLY A 85 -17.33 35.67 -3.33
CA GLY A 85 -17.00 34.30 -3.75
C GLY A 85 -15.83 34.09 -4.72
N ILE A 86 -15.24 32.90 -4.71
CA ILE A 86 -14.07 32.63 -5.57
C ILE A 86 -14.23 31.41 -6.52
N ILE A 87 -13.80 31.61 -7.77
CA ILE A 87 -13.77 30.49 -8.71
C ILE A 87 -12.28 30.25 -8.93
N ILE A 88 -11.86 29.01 -8.67
CA ILE A 88 -10.46 28.67 -8.78
C ILE A 88 -10.17 27.36 -9.52
N ASN A 89 -9.10 27.47 -10.33
CA ASN A 89 -8.50 26.33 -10.98
C ASN A 89 -7.06 26.33 -10.59
N PRO A 90 -6.77 25.68 -9.46
CA PRO A 90 -5.43 25.59 -8.90
C PRO A 90 -4.42 24.90 -9.81
N GLY A 91 -4.78 24.50 -11.04
CA GLY A 91 -3.83 23.70 -11.87
C GLY A 91 -3.15 22.56 -11.06
N ALA A 92 -1.90 22.23 -11.39
CA ALA A 92 -1.27 21.09 -10.75
C ALA A 92 -1.17 21.27 -9.22
N PHE A 93 -1.12 22.52 -8.72
CA PHE A 93 -1.19 22.69 -7.28
C PHE A 93 -2.43 22.03 -6.66
N SER A 94 -3.53 21.81 -7.39
CA SER A 94 -4.64 21.04 -6.85
C SER A 94 -4.17 19.82 -6.10
N HIS A 95 -3.38 19.01 -6.80
CA HIS A 95 -2.97 17.69 -6.31
C HIS A 95 -1.98 17.67 -5.16
N THR A 96 -1.17 18.71 -5.01
CA THR A 96 -0.08 18.74 -4.08
C THR A 96 -0.35 19.64 -2.86
N SER A 97 -0.79 20.87 -3.16
CA SER A 97 -0.79 21.99 -2.19
C SER A 97 -1.88 22.06 -1.10
N ILE A 98 -1.60 21.35 -0.02
CA ILE A 98 -2.25 21.56 1.27
C ILE A 98 -2.31 23.03 1.61
N ALA A 99 -1.25 23.81 1.30
CA ALA A 99 -1.19 25.21 1.75
C ALA A 99 -2.33 26.08 1.22
N ILE A 100 -2.75 25.82 -0.02
CA ILE A 100 -3.91 26.49 -0.64
C ILE A 100 -5.22 25.87 -0.19
N ALA A 101 -5.28 24.57 -0.07
CA ALA A 101 -6.44 23.99 0.53
C ALA A 101 -6.72 24.76 1.86
N ASP A 102 -5.68 25.09 2.60
CA ASP A 102 -5.90 25.75 3.85
C ASP A 102 -6.33 27.18 3.65
N ALA A 103 -5.59 27.95 2.84
CA ALA A 103 -6.08 29.22 2.42
C ALA A 103 -7.62 29.17 2.16
N ILE A 104 -8.07 28.31 1.24
CA ILE A 104 -9.50 28.09 0.93
C ILE A 104 -10.40 27.83 2.14
N MET A 105 -10.07 26.84 2.97
CA MET A 105 -10.86 26.59 4.16
C MET A 105 -11.01 27.81 5.12
N LEU A 106 -10.18 28.81 4.99
CA LEU A 106 -10.38 30.03 5.81
C LEU A 106 -10.41 31.22 4.89
N ALA A 107 -11.23 31.01 3.86
CA ALA A 107 -11.49 31.92 2.76
C ALA A 107 -12.65 32.77 3.17
N GLY A 108 -13.54 32.24 4.02
CA GLY A 108 -14.71 32.97 4.45
C GLY A 108 -15.93 32.98 3.55
N LYS A 109 -15.79 32.56 2.30
CA LYS A 109 -16.91 32.60 1.35
C LYS A 109 -16.94 31.38 0.43
N PRO A 110 -18.03 31.19 -0.32
CA PRO A 110 -18.07 30.24 -1.37
C PRO A 110 -16.79 30.13 -2.19
N VAL A 111 -16.22 28.93 -2.27
CA VAL A 111 -15.22 28.67 -3.31
C VAL A 111 -15.65 27.49 -4.28
N ILE A 112 -15.38 27.66 -5.58
CA ILE A 112 -15.62 26.56 -6.53
C ILE A 112 -14.36 26.28 -7.32
N GLU A 113 -14.05 24.97 -7.37
CA GLU A 113 -12.91 24.52 -8.12
C GLU A 113 -13.32 24.07 -9.49
N VAL A 114 -12.62 24.62 -10.48
CA VAL A 114 -12.89 24.27 -11.89
C VAL A 114 -11.66 23.61 -12.53
N HIS A 115 -11.85 22.60 -13.37
CA HIS A 115 -10.72 21.97 -14.06
C HIS A 115 -11.11 21.72 -15.47
N LEU A 116 -10.31 22.19 -16.41
CA LEU A 116 -10.63 21.91 -17.75
C LEU A 116 -10.73 20.43 -17.99
N THR A 117 -9.68 19.67 -17.66
CA THR A 117 -9.69 18.22 -17.95
C THR A 117 -10.54 17.39 -16.93
N ASN A 118 -10.74 16.11 -17.17
CA ASN A 118 -11.35 15.30 -16.14
C ASN A 118 -10.29 14.57 -15.37
N ILE A 119 -9.89 15.13 -14.21
CA ILE A 119 -8.73 14.61 -13.49
C ILE A 119 -8.90 13.16 -12.99
N GLN A 120 -10.15 12.72 -12.85
CA GLN A 120 -10.47 11.31 -12.52
C GLN A 120 -9.80 10.37 -13.56
N ALA A 121 -9.88 10.84 -14.82
CA ALA A 121 -9.52 10.11 -16.03
C ALA A 121 -8.07 10.31 -16.53
N ARG A 122 -7.17 10.72 -15.65
CA ARG A 122 -5.77 10.92 -16.03
C ARG A 122 -4.83 10.14 -15.11
N GLU A 123 -3.55 10.57 -15.08
CA GLU A 123 -2.50 9.88 -14.34
C GLU A 123 -3.04 9.73 -12.92
N GLU A 124 -2.68 8.61 -12.28
CA GLU A 124 -2.93 8.38 -10.87
C GLU A 124 -2.62 9.63 -10.01
N PHE A 125 -1.49 10.26 -10.22
CA PHE A 125 -1.24 11.40 -9.40
C PHE A 125 -2.22 12.59 -9.50
N ARG A 126 -3.12 12.61 -10.47
CA ARG A 126 -3.88 13.85 -10.60
C ARG A 126 -5.25 13.67 -10.01
N LYS A 127 -5.48 12.43 -9.61
CA LYS A 127 -6.78 11.99 -9.09
C LYS A 127 -7.23 12.74 -7.85
N ASN A 128 -6.37 13.00 -6.88
CA ASN A 128 -6.87 13.76 -5.75
C ASN A 128 -6.51 15.19 -5.99
N SER A 129 -7.41 16.06 -5.55
CA SER A 129 -7.18 17.48 -5.41
C SER A 129 -7.59 17.79 -3.97
N TYR A 130 -6.63 18.38 -3.22
CA TYR A 130 -6.84 18.69 -1.79
C TYR A 130 -7.61 19.96 -1.76
N THR A 131 -7.27 20.82 -2.72
CA THR A 131 -8.00 22.08 -2.88
C THR A 131 -9.51 21.79 -3.13
N GLY A 132 -9.81 20.82 -3.98
CA GLY A 132 -11.21 20.67 -4.33
C GLY A 132 -11.95 20.08 -3.16
N ALA A 133 -11.20 19.39 -2.32
CA ALA A 133 -11.80 18.78 -1.14
C ALA A 133 -12.26 19.88 -0.21
N ALA A 134 -11.63 21.04 -0.35
CA ALA A 134 -11.91 22.22 0.49
C ALA A 134 -12.90 23.21 -0.12
N CYS A 135 -12.84 23.49 -1.43
CA CYS A 135 -14.03 24.04 -2.09
C CYS A 135 -15.29 23.23 -1.83
N GLY A 136 -16.44 23.85 -1.77
CA GLY A 136 -17.61 22.99 -1.58
C GLY A 136 -18.01 22.10 -2.77
N GLY A 137 -17.59 22.54 -3.97
CA GLY A 137 -18.03 22.01 -5.25
C GLY A 137 -16.89 22.00 -6.25
N VAL A 138 -16.99 21.08 -7.17
CA VAL A 138 -15.94 20.89 -8.13
C VAL A 138 -16.51 20.59 -9.47
N ILE A 139 -15.97 21.28 -10.44
CA ILE A 139 -16.28 21.04 -11.81
C ILE A 139 -14.99 20.64 -12.50
N MET A 140 -15.10 19.59 -13.27
CA MET A 140 -14.03 19.16 -14.04
C MET A 140 -14.56 18.39 -15.26
N GLY A 141 -13.83 18.52 -16.34
CA GLY A 141 -14.05 17.69 -17.49
C GLY A 141 -14.67 18.42 -18.65
N PHE A 142 -14.99 19.70 -18.45
CA PHE A 142 -15.87 20.39 -19.33
C PHE A 142 -15.21 21.28 -20.32
N GLY A 143 -13.89 21.38 -20.27
CA GLY A 143 -13.20 22.32 -21.15
C GLY A 143 -13.55 23.68 -20.59
N PRO A 144 -13.30 24.74 -21.36
CA PRO A 144 -13.57 26.09 -20.95
C PRO A 144 -15.02 26.26 -20.48
N LEU A 145 -15.96 25.60 -21.18
CA LEU A 145 -17.36 25.59 -20.73
C LEU A 145 -17.56 25.42 -19.20
N GLY A 146 -16.65 24.68 -18.58
CA GLY A 146 -16.60 24.57 -17.12
C GLY A 146 -16.70 25.89 -16.36
N TYR A 147 -15.98 26.92 -16.80
CA TYR A 147 -15.97 28.12 -16.02
C TYR A 147 -17.36 28.71 -15.91
N ASN A 148 -18.12 28.57 -16.97
CA ASN A 148 -19.39 29.25 -17.00
C ASN A 148 -20.32 28.52 -16.10
N MET A 149 -20.09 27.22 -15.97
CA MET A 149 -20.89 26.43 -15.06
C MET A 149 -20.61 26.93 -13.65
N ALA A 150 -19.35 27.19 -13.36
CA ALA A 150 -18.98 27.74 -12.04
C ALA A 150 -19.55 29.13 -11.82
N LEU A 151 -19.76 29.84 -12.91
CA LEU A 151 -20.31 31.15 -12.83
C LEU A 151 -21.80 31.08 -12.56
N MET A 152 -22.50 30.28 -13.36
CA MET A 152 -23.90 30.06 -13.18
C MET A 152 -24.16 29.59 -11.78
N ALA A 153 -23.29 28.77 -11.24
CA ALA A 153 -23.51 28.29 -9.88
C ALA A 153 -23.26 29.36 -8.83
N MET A 154 -22.07 29.97 -8.88
CA MET A 154 -21.73 31.08 -8.00
C MET A 154 -22.87 32.13 -7.77
N VAL A 155 -23.46 32.55 -8.89
CA VAL A 155 -24.57 33.45 -8.88
C VAL A 155 -25.67 32.94 -7.92
N ASN A 156 -26.01 31.66 -8.05
CA ASN A 156 -27.15 31.08 -7.38
C ASN A 156 -26.92 30.89 -5.91
N ILE A 157 -25.68 30.65 -5.59
CA ILE A 157 -25.28 30.38 -4.23
C ILE A 157 -25.43 31.67 -3.44
N LEU A 158 -24.82 32.73 -3.97
CA LEU A 158 -24.73 34.02 -3.33
C LEU A 158 -26.10 34.54 -3.20
N ALA A 159 -26.79 34.56 -4.32
CA ALA A 159 -28.19 34.94 -4.34
C ALA A 159 -28.87 34.40 -3.12
N GLU A 160 -28.74 33.10 -2.91
CA GLU A 160 -29.58 32.38 -1.99
C GLU A 160 -29.19 32.71 -0.58
N MET A 161 -27.89 32.87 -0.39
CA MET A 161 -27.30 33.41 0.84
C MET A 161 -27.87 34.82 1.20
N LYS A 162 -27.93 35.75 0.22
CA LYS A 162 -28.46 37.14 0.44
C LYS A 162 -29.89 37.03 0.94
N ALA A 163 -30.70 36.31 0.17
CA ALA A 163 -32.04 35.88 0.55
C ALA A 163 -32.18 35.20 1.96
N PHE A 164 -31.08 34.66 2.47
CA PHE A 164 -31.04 33.95 3.75
C PHE A 164 -30.57 34.83 4.93
N GLN A 165 -29.62 35.72 4.64
CA GLN A 165 -29.06 36.67 5.61
C GLN A 165 -30.10 37.71 5.92
N GLU A 166 -30.94 37.96 4.91
CA GLU A 166 -32.19 38.68 5.08
C GLU A 166 -33.32 37.79 5.70
N ALA A 167 -33.11 36.45 5.70
CA ALA A 167 -34.01 35.46 6.34
C ALA A 167 -34.00 35.47 7.87
N GLN A 168 -32.88 35.03 8.46
CA GLN A 168 -32.74 35.05 9.92
C GLN A 168 -32.73 36.47 10.57
N LYS A 169 -32.09 37.45 9.91
CA LYS A 169 -31.97 38.86 10.41
C LYS A 169 -33.27 39.73 10.37
N ASN A 170 -34.37 39.16 10.88
CA ASN A 170 -35.64 39.86 11.15
C ASN A 170 -36.34 39.41 12.42
N ASN A 171 -35.95 38.23 12.88
CA ASN A 171 -36.58 37.58 14.02
C ASN A 171 -35.62 36.67 14.81
N MET B 14 23.86 30.14 -31.26
CA MET B 14 22.98 29.10 -30.60
C MET B 14 22.86 29.13 -29.02
N LYS B 15 21.80 29.73 -28.46
CA LYS B 15 21.70 30.02 -27.00
C LYS B 15 20.89 29.01 -26.13
N ILE B 16 21.52 28.53 -25.03
CA ILE B 16 20.97 27.49 -24.10
C ILE B 16 20.74 27.97 -22.64
N LEU B 17 19.58 27.65 -22.09
CA LEU B 17 19.27 28.06 -20.75
C LEU B 17 19.54 26.97 -19.71
N VAL B 18 20.29 27.35 -18.67
CA VAL B 18 20.61 26.44 -17.56
C VAL B 18 19.85 26.91 -16.34
N ILE B 19 18.98 26.02 -15.84
CA ILE B 19 18.10 26.36 -14.71
C ILE B 19 18.46 25.49 -13.52
N GLN B 20 18.99 26.15 -12.47
CA GLN B 20 19.34 25.54 -11.16
C GLN B 20 18.29 25.76 -10.08
N GLY B 21 17.90 24.66 -9.43
CA GLY B 21 16.81 24.68 -8.48
C GLY B 21 17.14 25.06 -7.05
N PRO B 22 16.17 24.87 -6.16
CA PRO B 22 16.41 25.28 -4.79
C PRO B 22 17.67 24.63 -4.14
N ASN B 23 18.19 25.38 -3.17
CA ASN B 23 19.39 25.13 -2.45
C ASN B 23 20.65 24.95 -3.26
N LEU B 24 20.51 24.71 -4.56
CA LEU B 24 21.70 24.50 -5.39
C LEU B 24 22.77 25.58 -5.34
N ASN B 25 22.36 26.80 -5.00
CA ASN B 25 23.25 27.93 -4.83
C ASN B 25 24.08 27.76 -3.58
N MET B 26 23.65 26.88 -2.68
CA MET B 26 24.38 26.71 -1.43
C MET B 26 25.64 25.85 -1.47
N LEU B 27 26.10 25.45 -2.66
CA LEU B 27 27.19 24.49 -2.76
C LEU B 27 28.46 25.13 -2.28
N GLY B 28 29.17 24.49 -1.34
CA GLY B 28 30.33 25.14 -0.65
C GLY B 28 30.11 25.29 0.85
N HIS B 29 28.85 25.45 1.27
CA HIS B 29 28.43 25.06 2.63
C HIS B 29 27.75 23.59 2.69
N ARG B 30 26.85 23.24 1.71
CA ARG B 30 26.10 21.89 1.61
C ARG B 30 26.96 20.56 1.62
N GLY B 36 31.19 17.23 -2.44
CA GLY B 36 32.44 17.94 -2.09
C GLY B 36 32.52 19.50 -2.16
N MET B 37 33.72 20.04 -1.87
CA MET B 37 33.89 21.46 -1.60
C MET B 37 33.82 22.39 -2.84
N VAL B 38 32.71 22.41 -3.59
CA VAL B 38 32.60 23.16 -4.89
C VAL B 38 31.35 24.11 -5.00
N THR B 39 31.50 25.35 -5.54
CA THR B 39 30.35 26.30 -5.68
C THR B 39 29.56 26.16 -6.97
N LEU B 40 28.37 26.73 -6.98
CA LEU B 40 27.58 26.74 -8.21
C LEU B 40 28.22 27.58 -9.31
N ASP B 41 28.80 28.71 -8.93
CA ASP B 41 29.63 29.52 -9.87
C ASP B 41 30.71 28.71 -10.61
N GLN B 42 31.39 27.88 -9.84
CA GLN B 42 32.42 27.04 -10.40
C GLN B 42 31.82 26.04 -11.37
N ILE B 43 30.61 25.59 -11.08
CA ILE B 43 30.00 24.62 -11.97
C ILE B 43 29.78 25.30 -13.30
N HIS B 44 29.26 26.52 -13.22
CA HIS B 44 28.91 27.23 -14.42
C HIS B 44 30.13 27.57 -15.24
N GLU B 45 31.19 28.05 -14.60
CA GLU B 45 32.40 28.33 -15.35
C GLU B 45 32.97 27.05 -15.93
N ILE B 46 32.78 25.94 -15.26
CA ILE B 46 33.24 24.72 -15.84
C ILE B 46 32.59 24.53 -17.18
N MET B 47 31.27 24.60 -17.21
CA MET B 47 30.53 24.52 -18.45
C MET B 47 31.20 25.41 -19.48
N GLN B 48 31.36 26.70 -19.15
CA GLN B 48 32.01 27.62 -20.07
C GLN B 48 33.25 26.93 -20.60
N THR B 49 34.17 26.57 -19.72
CA THR B 49 35.41 25.92 -20.10
C THR B 49 35.19 24.79 -21.09
N PHE B 50 34.19 23.95 -20.85
CA PHE B 50 33.82 22.90 -21.78
C PHE B 50 33.40 23.38 -23.17
N VAL B 51 32.54 24.43 -23.22
CA VAL B 51 32.18 25.17 -24.46
C VAL B 51 33.34 26.00 -25.05
N LYS B 52 33.88 26.90 -24.22
CA LYS B 52 34.97 27.79 -24.54
C LYS B 52 36.11 27.00 -25.11
N GLN B 53 36.17 25.74 -24.70
CA GLN B 53 37.13 24.81 -25.19
C GLN B 53 36.53 23.99 -26.37
N GLY B 54 35.37 23.34 -26.18
CA GLY B 54 34.76 22.47 -27.23
C GLY B 54 34.52 23.18 -28.55
N ASN B 55 34.88 24.47 -28.59
CA ASN B 55 34.70 25.35 -29.73
C ASN B 55 33.28 25.39 -30.28
N LEU B 56 32.32 25.10 -29.42
CA LEU B 56 30.90 24.96 -29.81
C LEU B 56 30.22 26.35 -29.77
N ASP B 57 29.49 26.76 -30.82
CA ASP B 57 28.77 28.08 -30.85
C ASP B 57 27.57 27.96 -29.90
N VAL B 58 27.79 28.33 -28.63
CA VAL B 58 26.79 28.20 -27.60
C VAL B 58 26.82 29.36 -26.60
N GLU B 59 25.81 30.24 -26.67
CA GLU B 59 25.55 31.22 -25.63
C GLU B 59 24.90 30.42 -24.45
N LEU B 60 25.46 30.47 -23.24
CA LEU B 60 24.75 29.90 -22.08
C LEU B 60 24.26 30.99 -21.18
N GLU B 61 23.12 30.75 -20.53
CA GLU B 61 22.67 31.62 -19.47
C GLU B 61 22.39 30.83 -18.24
N PHE B 62 22.79 31.36 -17.10
CA PHE B 62 22.46 30.64 -15.84
C PHE B 62 21.40 31.32 -15.01
N PHE B 63 20.47 30.52 -14.52
CA PHE B 63 19.47 31.05 -13.64
C PHE B 63 19.31 30.03 -12.52
N GLN B 64 19.37 30.51 -11.27
CA GLN B 64 19.18 29.65 -10.10
C GLN B 64 18.04 30.24 -9.27
N THR B 65 17.20 29.44 -8.65
CA THR B 65 16.10 30.03 -7.85
C THR B 65 15.65 29.05 -6.85
N ASN B 66 15.15 29.53 -5.72
CA ASN B 66 14.52 28.65 -4.73
C ASN B 66 13.01 28.68 -4.90
N PHE B 67 12.52 29.22 -6.01
CA PHE B 67 11.07 29.35 -6.23
C PHE B 67 10.50 28.44 -7.34
N GLU B 68 9.60 27.52 -6.95
CA GLU B 68 8.88 26.72 -7.93
C GLU B 68 8.31 27.66 -9.07
N GLY B 69 7.66 28.73 -8.68
CA GLY B 69 7.06 29.60 -9.68
C GLY B 69 8.05 30.16 -10.64
N GLU B 70 9.25 30.43 -10.17
CA GLU B 70 10.21 31.10 -11.01
C GLU B 70 10.83 30.24 -12.07
N ILE B 71 10.94 28.96 -11.74
CA ILE B 71 11.27 27.96 -12.75
C ILE B 71 10.15 27.95 -13.84
N ILE B 72 8.90 27.90 -13.39
CA ILE B 72 7.78 27.80 -14.28
C ILE B 72 7.82 28.99 -15.16
N ASP B 73 7.94 30.17 -14.56
CA ASP B 73 7.99 31.43 -15.33
C ASP B 73 9.16 31.39 -16.30
N LYS B 74 10.31 30.89 -15.86
CA LYS B 74 11.49 30.93 -16.71
C LYS B 74 11.32 30.03 -17.90
N ILE B 75 10.77 28.84 -17.67
CA ILE B 75 10.49 27.92 -18.79
C ILE B 75 9.47 28.48 -19.80
N GLN B 76 8.40 29.07 -19.30
CA GLN B 76 7.41 29.68 -20.11
C GLN B 76 8.04 30.81 -20.91
N GLU B 77 9.04 31.47 -20.33
CA GLU B 77 9.68 32.59 -21.01
C GLU B 77 10.58 32.15 -22.14
N SER B 78 11.08 30.92 -22.05
CA SER B 78 11.95 30.35 -23.06
C SER B 78 11.27 30.28 -24.40
N VAL B 79 10.00 29.86 -24.37
CA VAL B 79 9.14 29.73 -25.59
C VAL B 79 9.29 30.84 -26.65
N GLY B 80 9.97 31.94 -26.31
CA GLY B 80 10.40 33.00 -27.24
C GLY B 80 11.82 32.76 -27.75
N SER B 81 11.93 32.92 -29.06
CA SER B 81 13.10 32.53 -29.88
C SER B 81 14.29 32.02 -29.12
N ASP B 82 15.31 32.89 -29.17
CA ASP B 82 16.72 32.72 -28.77
C ASP B 82 17.18 31.58 -27.83
N TYR B 83 16.29 30.92 -27.10
CA TYR B 83 16.75 29.73 -26.39
C TYR B 83 16.40 28.54 -27.19
N GLU B 84 17.35 27.70 -27.54
CA GLU B 84 16.95 26.50 -28.25
C GLU B 84 16.78 25.30 -27.36
N GLY B 85 17.40 25.30 -26.17
CA GLY B 85 17.29 24.18 -25.20
C GLY B 85 17.51 24.57 -23.77
N ILE B 86 17.00 23.71 -22.89
CA ILE B 86 17.10 23.89 -21.44
C ILE B 86 17.73 22.67 -20.72
N ILE B 87 18.74 22.94 -19.90
CA ILE B 87 19.30 21.96 -19.01
C ILE B 87 18.83 22.43 -17.65
N ILE B 88 18.43 21.50 -16.81
CA ILE B 88 17.69 21.91 -15.62
C ILE B 88 17.81 20.96 -14.50
N ASN B 89 18.20 21.46 -13.35
CA ASN B 89 18.30 20.66 -12.18
C ASN B 89 17.24 21.13 -11.20
N PRO B 90 16.00 20.63 -11.35
CA PRO B 90 14.89 21.09 -10.49
C PRO B 90 15.13 20.83 -9.04
N GLY B 91 16.21 20.15 -8.71
CA GLY B 91 16.49 19.83 -7.29
C GLY B 91 15.31 19.18 -6.58
N ALA B 92 15.18 19.46 -5.29
CA ALA B 92 14.01 18.94 -4.56
C ALA B 92 12.62 18.98 -5.30
N PHE B 93 12.44 19.91 -6.21
CA PHE B 93 11.18 20.09 -6.86
C PHE B 93 10.96 18.95 -7.83
N SER B 94 12.08 18.32 -8.23
CA SER B 94 12.08 17.11 -9.07
C SER B 94 11.01 16.09 -8.63
N HIS B 95 11.00 15.83 -7.33
CA HIS B 95 10.17 14.78 -6.81
C HIS B 95 8.70 15.16 -6.57
N THR B 96 8.39 16.44 -6.59
CA THR B 96 7.07 16.82 -6.13
C THR B 96 6.37 17.69 -7.13
N SER B 97 7.10 18.41 -7.95
CA SER B 97 6.50 19.48 -8.79
C SER B 97 5.77 18.99 -10.06
N ILE B 98 4.52 18.61 -9.96
CA ILE B 98 3.80 18.33 -11.19
C ILE B 98 3.81 19.57 -12.15
N ALA B 99 3.66 20.75 -11.56
CA ALA B 99 3.64 22.00 -12.28
C ALA B 99 4.87 22.14 -13.13
N ILE B 100 6.07 22.08 -12.57
CA ILE B 100 7.26 22.20 -13.42
C ILE B 100 7.30 21.11 -14.48
N ALA B 101 6.71 19.95 -14.24
CA ALA B 101 6.81 18.91 -15.25
C ALA B 101 5.83 19.22 -16.39
N ASP B 102 4.63 19.62 -16.02
CA ASP B 102 3.72 20.18 -16.98
C ASP B 102 4.33 21.33 -17.80
N ALA B 103 5.20 22.15 -17.17
CA ALA B 103 5.83 23.31 -17.84
C ALA B 103 6.83 22.82 -18.84
N ILE B 104 7.66 21.90 -18.39
CA ILE B 104 8.67 21.30 -19.24
C ILE B 104 8.03 20.68 -20.46
N MET B 105 6.81 20.24 -20.33
CA MET B 105 6.22 19.58 -21.44
C MET B 105 5.68 20.48 -22.49
N LEU B 106 5.43 21.74 -22.18
CA LEU B 106 5.04 22.67 -23.24
C LEU B 106 6.21 23.48 -23.72
N ALA B 107 7.41 23.24 -23.19
CA ALA B 107 8.56 23.99 -23.66
C ALA B 107 8.75 23.83 -25.16
N GLY B 108 8.31 22.68 -25.71
CA GLY B 108 8.44 22.30 -27.13
C GLY B 108 9.85 22.50 -27.66
N LYS B 109 10.83 21.87 -27.05
CA LYS B 109 12.22 22.16 -27.33
C LYS B 109 12.95 21.39 -26.22
N PRO B 110 14.14 20.88 -26.52
CA PRO B 110 14.80 19.91 -25.66
C PRO B 110 14.96 20.41 -24.24
N VAL B 111 14.49 19.63 -23.28
CA VAL B 111 14.82 19.83 -21.85
C VAL B 111 15.60 18.59 -21.27
N ILE B 112 16.74 18.84 -20.66
CA ILE B 112 17.49 17.73 -20.11
C ILE B 112 17.62 17.99 -18.64
N GLU B 113 17.19 17.01 -17.86
CA GLU B 113 17.38 17.06 -16.39
C GLU B 113 18.80 16.57 -15.97
N VAL B 114 19.45 17.32 -15.07
CA VAL B 114 20.71 16.91 -14.46
C VAL B 114 20.58 16.79 -12.95
N HIS B 115 21.22 15.78 -12.36
CA HIS B 115 21.33 15.67 -10.93
C HIS B 115 22.76 15.42 -10.56
N LEU B 116 23.18 16.12 -9.53
CA LEU B 116 24.50 15.92 -9.02
C LEU B 116 24.59 14.47 -8.51
N THR B 117 23.70 14.13 -7.60
CA THR B 117 23.64 12.79 -7.05
C THR B 117 22.75 11.83 -7.88
N ASN B 118 22.72 10.57 -7.46
CA ASN B 118 21.99 9.49 -8.09
C ASN B 118 20.77 9.34 -7.24
N ILE B 119 19.66 9.96 -7.61
CA ILE B 119 18.47 10.03 -6.72
C ILE B 119 17.80 8.67 -6.48
N GLN B 120 18.17 7.68 -7.32
CA GLN B 120 17.83 6.28 -7.11
C GLN B 120 18.39 5.86 -5.76
N ALA B 121 19.53 6.47 -5.41
CA ALA B 121 20.47 6.00 -4.31
C ALA B 121 20.36 6.68 -2.94
N ARG B 122 19.28 7.46 -2.75
CA ARG B 122 19.01 8.08 -1.46
C ARG B 122 17.69 7.57 -0.88
N GLU B 123 16.93 8.47 -0.23
CA GLU B 123 15.68 8.08 0.46
C GLU B 123 14.61 7.75 -0.58
N GLU B 124 13.59 6.98 -0.13
CA GLU B 124 12.39 6.74 -0.91
C GLU B 124 11.88 7.95 -1.63
N PHE B 125 11.53 9.00 -0.88
CA PHE B 125 10.95 10.20 -1.49
C PHE B 125 11.80 10.83 -2.60
N ARG B 126 13.08 10.52 -2.76
CA ARG B 126 13.72 11.13 -3.90
C ARG B 126 13.69 10.27 -5.16
N LYS B 127 13.24 9.02 -5.07
CA LYS B 127 13.43 8.05 -6.16
C LYS B 127 12.79 8.49 -7.48
N ASN B 128 11.46 8.51 -7.56
CA ASN B 128 10.84 9.15 -8.71
C ASN B 128 11.23 10.67 -8.94
N SER B 129 11.31 11.08 -10.20
CA SER B 129 11.26 12.50 -10.60
C SER B 129 10.12 12.76 -11.57
N TYR B 130 9.14 13.60 -11.19
CA TYR B 130 8.11 14.05 -12.13
C TYR B 130 8.69 14.82 -13.27
N THR B 131 9.55 15.80 -12.92
CA THR B 131 10.23 16.63 -13.93
C THR B 131 11.12 15.80 -14.84
N GLY B 132 11.72 14.76 -14.35
CA GLY B 132 12.57 13.99 -15.24
C GLY B 132 11.77 13.24 -16.30
N ALA B 133 10.61 12.69 -15.93
CA ALA B 133 9.80 12.02 -16.89
C ALA B 133 9.42 13.00 -18.03
N ALA B 134 9.23 14.27 -17.68
CA ALA B 134 8.80 15.25 -18.65
C ALA B 134 9.93 15.54 -19.59
N CYS B 135 11.12 15.75 -19.08
CA CYS B 135 12.35 15.83 -19.91
C CYS B 135 12.60 14.59 -20.72
N GLY B 136 13.17 14.81 -21.88
CA GLY B 136 13.59 13.70 -22.74
C GLY B 136 14.58 12.75 -22.09
N GLY B 137 15.45 13.24 -21.22
CA GLY B 137 16.44 12.34 -20.70
C GLY B 137 17.07 12.99 -19.51
N VAL B 138 17.65 12.13 -18.68
CA VAL B 138 18.10 12.50 -17.38
C VAL B 138 19.51 11.94 -17.21
N ILE B 139 20.39 12.81 -16.73
CA ILE B 139 21.76 12.48 -16.32
C ILE B 139 21.76 12.58 -14.79
N MET B 140 22.28 11.58 -14.10
CA MET B 140 22.30 11.66 -12.63
C MET B 140 23.47 10.94 -12.03
N GLY B 141 24.03 11.53 -10.98
CA GLY B 141 24.96 10.84 -10.10
C GLY B 141 26.37 11.08 -10.57
N PHE B 142 26.55 12.12 -11.37
CA PHE B 142 27.86 12.27 -11.96
C PHE B 142 28.68 13.38 -11.31
N GLY B 143 28.14 13.91 -10.22
CA GLY B 143 28.49 15.26 -9.78
C GLY B 143 28.40 16.24 -10.93
N PRO B 144 29.32 17.24 -10.97
CA PRO B 144 29.21 18.34 -11.90
C PRO B 144 29.45 17.88 -13.31
N LEU B 145 30.35 16.90 -13.50
CA LEU B 145 30.51 16.34 -14.83
C LEU B 145 29.23 16.24 -15.63
N GLY B 146 28.12 15.88 -14.97
CA GLY B 146 26.80 15.70 -15.62
C GLY B 146 26.30 16.93 -16.36
N TYR B 147 26.63 18.08 -15.83
CA TYR B 147 26.35 19.29 -16.55
C TYR B 147 27.07 19.37 -17.92
N ASN B 148 28.41 19.16 -17.96
CA ASN B 148 29.11 19.09 -19.23
C ASN B 148 28.51 18.01 -20.08
N MET B 149 28.31 16.83 -19.51
CA MET B 149 27.53 15.77 -20.14
C MET B 149 26.23 16.27 -20.77
N ALA B 150 25.56 17.14 -20.08
CA ALA B 150 24.34 17.71 -20.65
C ALA B 150 24.52 18.63 -21.89
N LEU B 151 25.47 19.55 -21.79
CA LEU B 151 25.91 20.33 -22.94
C LEU B 151 26.19 19.37 -24.10
N MET B 152 27.00 18.34 -23.80
CA MET B 152 27.40 17.36 -24.80
C MET B 152 26.17 16.87 -25.54
N ALA B 153 25.15 16.50 -24.78
CA ALA B 153 23.97 15.98 -25.39
C ALA B 153 23.20 17.05 -26.15
N MET B 154 22.92 18.20 -25.52
CA MET B 154 22.11 19.25 -26.16
C MET B 154 22.64 19.63 -27.55
N VAL B 155 23.96 19.88 -27.60
CA VAL B 155 24.71 20.12 -28.84
C VAL B 155 24.32 19.09 -29.88
N ASN B 156 24.39 17.81 -29.55
CA ASN B 156 24.04 16.79 -30.49
C ASN B 156 22.62 16.82 -30.99
N ILE B 157 21.65 17.01 -30.08
CA ILE B 157 20.24 16.94 -30.45
C ILE B 157 19.84 18.12 -31.34
N LEU B 158 20.30 19.28 -30.92
CA LEU B 158 20.09 20.50 -31.67
C LEU B 158 20.70 20.41 -33.06
N ALA B 159 21.89 19.84 -33.13
CA ALA B 159 22.56 19.61 -34.37
C ALA B 159 21.70 18.73 -35.25
N GLU B 160 21.08 17.71 -34.66
CA GLU B 160 20.40 16.68 -35.43
C GLU B 160 19.08 17.12 -35.93
N MET B 161 18.32 17.71 -35.01
CA MET B 161 17.07 18.41 -35.30
C MET B 161 17.24 19.36 -36.49
N LYS B 162 18.25 20.24 -36.39
CA LYS B 162 18.57 21.26 -37.40
C LYS B 162 18.88 20.67 -38.78
N ALA B 163 19.49 19.49 -38.80
CA ALA B 163 19.81 18.76 -40.03
C ALA B 163 18.55 18.28 -40.70
N PHE B 164 17.64 17.82 -39.84
CA PHE B 164 16.38 17.20 -40.21
C PHE B 164 15.30 18.16 -40.80
N GLN B 165 15.09 19.32 -40.15
CA GLN B 165 14.17 20.35 -40.64
C GLN B 165 14.59 20.95 -42.00
N GLU B 166 15.85 20.68 -42.38
CA GLU B 166 16.43 21.05 -43.65
C GLU B 166 16.43 19.88 -44.61
N ALA B 167 16.50 18.68 -44.06
CA ALA B 167 16.32 17.46 -44.84
C ALA B 167 14.91 17.47 -45.46
N GLN B 168 13.89 17.71 -44.63
CA GLN B 168 12.47 17.78 -45.06
C GLN B 168 11.99 19.06 -45.77
N LYS B 169 12.08 20.21 -45.10
CA LYS B 169 11.65 21.52 -45.69
C LYS B 169 12.39 21.83 -47.01
N ASN B 170 13.20 20.84 -47.46
CA ASN B 170 13.73 20.75 -48.83
C ASN B 170 12.94 19.82 -49.77
N ASN B 171 12.28 18.79 -49.22
CA ASN B 171 11.35 17.98 -50.02
C ASN B 171 9.94 17.80 -49.41
N MET C 14 22.57 38.82 21.24
CA MET C 14 22.20 37.44 20.71
C MET C 14 20.86 37.33 19.88
N LYS C 15 20.94 37.42 18.55
CA LYS C 15 19.75 37.59 17.68
C LYS C 15 19.12 36.34 17.01
N ILE C 16 17.80 36.15 17.19
CA ILE C 16 17.06 34.93 16.77
C ILE C 16 15.94 35.14 15.74
N LEU C 17 15.88 34.29 14.73
CA LEU C 17 14.89 34.45 13.67
C LEU C 17 13.68 33.54 13.89
N VAL C 18 12.51 34.17 13.80
CA VAL C 18 11.25 33.45 13.85
C VAL C 18 10.61 33.50 12.47
N ILE C 19 10.46 32.34 11.86
CA ILE C 19 9.85 32.18 10.55
C ILE C 19 8.48 31.49 10.59
N GLN C 20 7.43 32.26 10.26
CA GLN C 20 6.02 31.82 10.23
C GLN C 20 5.61 31.54 8.81
N GLY C 21 5.05 30.36 8.55
CA GLY C 21 4.68 29.97 7.20
C GLY C 21 3.29 30.38 6.70
N PRO C 22 2.82 29.72 5.64
CA PRO C 22 1.61 30.13 4.99
C PRO C 22 0.42 30.05 5.89
N ASN C 23 -0.53 30.91 5.60
CA ASN C 23 -1.75 31.10 6.35
C ASN C 23 -1.60 31.61 7.79
N LEU C 24 -0.44 31.37 8.39
CA LEU C 24 -0.27 31.78 9.77
C LEU C 24 -0.67 33.21 10.08
N ASN C 25 -0.52 34.09 9.10
CA ASN C 25 -0.88 35.47 9.32
C ASN C 25 -2.35 35.60 9.49
N MET C 26 -3.11 34.61 9.07
CA MET C 26 -4.56 34.72 9.15
C MET C 26 -5.21 34.43 10.48
N LEU C 27 -4.45 34.30 11.57
CA LEU C 27 -5.05 33.93 12.85
C LEU C 27 -5.93 35.04 13.43
N GLY C 28 -7.16 34.70 13.83
CA GLY C 28 -8.17 35.75 14.15
C GLY C 28 -9.37 35.82 13.15
N HIS C 29 -9.13 35.39 11.90
CA HIS C 29 -10.18 34.83 11.03
C HIS C 29 -10.25 33.26 11.09
N ARG C 30 -9.08 32.55 11.06
CA ARG C 30 -8.92 31.00 11.07
C ARG C 30 -9.50 30.20 12.29
N GLY C 36 -8.27 29.29 18.82
CA GLY C 36 -8.93 30.48 19.40
C GLY C 36 -8.70 31.88 18.79
N MET C 37 -9.42 32.87 19.32
CA MET C 37 -9.48 34.25 18.76
C MET C 37 -8.20 35.12 18.92
N VAL C 38 -7.03 34.65 18.46
CA VAL C 38 -5.72 35.34 18.71
C VAL C 38 -4.96 35.65 17.41
N THR C 39 -4.31 36.82 17.27
CA THR C 39 -3.50 37.12 16.03
C THR C 39 -2.04 36.74 16.07
N LEU C 40 -1.43 36.69 14.90
CA LEU C 40 -0.01 36.41 14.82
C LEU C 40 0.81 37.50 15.53
N ASP C 41 0.38 38.75 15.37
CA ASP C 41 1.02 39.88 16.08
C ASP C 41 1.10 39.64 17.59
N GLN C 42 -0.02 39.18 18.14
CA GLN C 42 -0.13 38.88 19.55
C GLN C 42 0.80 37.74 19.94
N ILE C 43 1.02 36.82 19.03
CA ILE C 43 1.91 35.74 19.37
C ILE C 43 3.29 36.28 19.54
N HIS C 44 3.68 37.13 18.58
CA HIS C 44 5.01 37.75 18.56
C HIS C 44 5.23 38.57 19.80
N GLU C 45 4.27 39.43 20.14
CA GLU C 45 4.44 40.24 21.35
C GLU C 45 4.46 39.39 22.61
N ILE C 46 3.78 38.26 22.57
CA ILE C 46 3.88 37.33 23.67
C ILE C 46 5.33 36.96 23.86
N MET C 47 5.94 36.48 22.77
CA MET C 47 7.35 36.14 22.77
C MET C 47 8.17 37.30 23.40
N GLN C 48 8.04 38.51 22.87
CA GLN C 48 8.68 39.66 23.51
C GLN C 48 8.52 39.60 25.00
N THR C 49 7.26 39.58 25.45
CA THR C 49 6.93 39.56 26.89
C THR C 49 7.69 38.47 27.64
N PHE C 50 7.82 37.30 27.04
CA PHE C 50 8.61 36.26 27.63
C PHE C 50 10.13 36.59 27.77
N VAL C 51 10.71 37.24 26.74
CA VAL C 51 12.14 37.70 26.72
C VAL C 51 12.33 38.97 27.56
N LYS C 52 11.53 39.98 27.20
CA LYS C 52 11.50 41.26 27.87
C LYS C 52 11.37 40.98 29.34
N GLN C 53 10.72 39.87 29.68
CA GLN C 53 10.54 39.48 31.05
C GLN C 53 11.68 38.54 31.49
N GLY C 54 11.87 37.41 30.80
CA GLY C 54 12.91 36.43 31.18
C GLY C 54 14.31 37.02 31.26
N ASN C 55 14.41 38.33 30.99
CA ASN C 55 15.64 39.08 31.03
C ASN C 55 16.78 38.52 30.18
N LEU C 56 16.43 37.81 29.12
CA LEU C 56 17.39 37.12 28.28
C LEU C 56 17.89 38.10 27.23
N ASP C 57 19.20 38.23 27.01
CA ASP C 57 19.77 39.03 25.90
C ASP C 57 19.40 38.37 24.55
N VAL C 58 18.29 38.80 23.94
CA VAL C 58 17.74 38.19 22.69
C VAL C 58 17.03 39.21 21.77
N GLU C 59 17.66 39.50 20.62
CA GLU C 59 17.04 40.23 19.52
C GLU C 59 16.19 39.21 18.73
N LEU C 60 14.89 39.45 18.63
CA LEU C 60 14.06 38.57 17.81
C LEU C 60 13.70 39.31 16.57
N GLU C 61 13.52 38.55 15.50
CA GLU C 61 12.95 39.08 14.27
C GLU C 61 11.82 38.20 13.76
N PHE C 62 10.74 38.85 13.33
CA PHE C 62 9.64 38.06 12.82
C PHE C 62 9.51 38.22 11.30
N PHE C 63 9.30 37.09 10.63
CA PHE C 63 9.07 37.09 9.18
C PHE C 63 8.01 36.03 8.92
N GLN C 64 6.95 36.45 8.26
CA GLN C 64 5.86 35.54 7.90
C GLN C 64 5.81 35.51 6.38
N THR C 65 5.51 34.36 5.78
CA THR C 65 5.30 34.33 4.34
C THR C 65 4.36 33.21 3.94
N ASN C 66 3.74 33.38 2.79
CA ASN C 66 2.99 32.31 2.19
C ASN C 66 3.82 31.65 1.12
N PHE C 67 5.10 31.98 0.99
CA PHE C 67 5.93 31.48 -0.13
C PHE C 67 7.01 30.45 0.29
N GLU C 68 6.94 29.24 -0.27
CA GLU C 68 7.97 28.24 0.01
C GLU C 68 9.36 28.87 -0.28
N GLY C 69 9.53 29.44 -1.45
CA GLY C 69 10.81 30.06 -1.80
C GLY C 69 11.32 31.15 -0.86
N GLU C 70 10.40 31.90 -0.25
CA GLU C 70 10.78 32.89 0.72
C GLU C 70 11.29 32.35 2.04
N ILE C 71 10.79 31.21 2.45
CA ILE C 71 11.34 30.57 3.62
C ILE C 71 12.74 30.12 3.27
N ILE C 72 12.89 29.42 2.15
CA ILE C 72 14.18 28.98 1.70
C ILE C 72 15.16 30.16 1.60
N ASP C 73 14.73 31.25 0.97
CA ASP C 73 15.60 32.41 0.87
C ASP C 73 16.03 32.91 2.26
N LYS C 74 15.09 32.96 3.19
CA LYS C 74 15.36 33.55 4.47
C LYS C 74 16.33 32.70 5.23
N ILE C 75 16.17 31.39 5.16
CA ILE C 75 17.09 30.50 5.86
C ILE C 75 18.47 30.57 5.30
N GLN C 76 18.57 30.61 3.98
CA GLN C 76 19.83 30.79 3.28
C GLN C 76 20.47 32.12 3.65
N GLU C 77 19.66 33.14 3.91
CA GLU C 77 20.15 34.44 4.36
C GLU C 77 20.64 34.42 5.81
N SER C 78 20.16 33.50 6.63
CA SER C 78 20.58 33.40 8.04
C SER C 78 22.06 33.11 8.14
N VAL C 79 22.53 32.23 7.26
CA VAL C 79 23.92 31.78 7.22
C VAL C 79 24.96 32.92 7.39
N GLY C 80 24.53 34.17 7.36
CA GLY C 80 25.39 35.34 7.67
C GLY C 80 25.21 35.75 9.11
N SER C 81 26.35 35.98 9.77
CA SER C 81 26.49 36.15 11.24
C SER C 81 25.20 36.22 12.05
N ASP C 82 24.99 37.45 12.54
CA ASP C 82 23.98 37.91 13.51
C ASP C 82 22.74 37.04 13.91
N TYR C 83 22.35 36.04 13.13
CA TYR C 83 21.34 35.12 13.64
C TYR C 83 22.03 33.90 14.20
N GLU C 84 21.74 33.57 15.45
CA GLU C 84 22.32 32.31 15.96
C GLU C 84 21.39 31.13 15.92
N GLY C 85 20.10 31.39 15.79
CA GLY C 85 19.10 30.32 15.71
C GLY C 85 17.77 30.69 15.06
N ILE C 86 17.07 29.69 14.56
CA ILE C 86 15.79 29.91 13.91
C ILE C 86 14.72 29.06 14.56
N ILE C 87 13.60 29.71 14.87
CA ILE C 87 12.38 29.03 15.25
C ILE C 87 11.41 29.13 14.08
N ILE C 88 10.74 28.06 13.72
CA ILE C 88 10.01 28.07 12.45
C ILE C 88 8.75 27.19 12.53
N ASN C 89 7.65 27.74 12.03
CA ASN C 89 6.47 27.01 11.84
C ASN C 89 6.22 26.97 10.34
N PRO C 90 6.78 26.00 9.63
CA PRO C 90 6.58 25.90 8.19
C PRO C 90 5.11 25.78 7.77
N GLY C 91 4.22 25.59 8.73
CA GLY C 91 2.79 25.46 8.47
C GLY C 91 2.62 24.31 7.54
N ALA C 92 1.72 24.49 6.56
CA ALA C 92 1.38 23.43 5.62
C ALA C 92 2.56 22.86 4.85
N PHE C 93 3.61 23.65 4.68
CA PHE C 93 4.80 23.23 3.96
C PHE C 93 5.55 22.11 4.71
N SER C 94 5.25 22.01 5.99
CA SER C 94 5.83 21.01 6.88
C SER C 94 5.73 19.64 6.24
N HIS C 95 4.56 19.39 5.69
CA HIS C 95 4.25 18.04 5.27
C HIS C 95 4.86 17.70 3.94
N THR C 96 5.18 18.71 3.15
CA THR C 96 5.42 18.54 1.74
C THR C 96 6.75 19.09 1.31
N SER C 97 7.27 20.13 1.92
CA SER C 97 8.44 20.82 1.39
C SER C 97 9.77 20.15 1.73
N ILE C 98 10.23 19.25 0.85
CA ILE C 98 11.58 18.66 0.91
C ILE C 98 12.65 19.74 0.78
N ALA C 99 12.36 20.80 0.01
CA ALA C 99 13.31 21.92 -0.18
C ALA C 99 13.58 22.62 1.11
N ILE C 100 12.53 23.08 1.81
CA ILE C 100 12.73 23.73 3.12
C ILE C 100 13.49 22.84 4.10
N ALA C 101 13.23 21.54 4.08
CA ALA C 101 13.95 20.62 4.94
C ALA C 101 15.43 20.64 4.54
N ASP C 102 15.68 20.43 3.25
CA ASP C 102 17.01 20.54 2.71
C ASP C 102 17.69 21.80 3.16
N ALA C 103 16.93 22.89 3.17
CA ALA C 103 17.50 24.19 3.56
C ALA C 103 17.83 24.17 5.03
N ILE C 104 16.86 23.85 5.88
CA ILE C 104 17.08 23.73 7.31
C ILE C 104 18.29 22.90 7.63
N MET C 105 18.60 21.92 6.81
CA MET C 105 19.83 21.17 7.07
C MET C 105 21.17 21.85 6.80
N LEU C 106 21.21 22.90 6.01
CA LEU C 106 22.46 23.53 5.79
C LEU C 106 22.49 24.77 6.64
N ALA C 107 21.42 25.03 7.38
CA ALA C 107 21.43 26.19 8.26
C ALA C 107 22.66 26.18 9.19
N GLY C 108 23.15 24.98 9.54
CA GLY C 108 24.31 24.81 10.41
C GLY C 108 24.23 25.66 11.66
N LYS C 109 23.13 25.51 12.38
CA LYS C 109 22.82 26.35 13.50
C LYS C 109 21.42 25.92 13.88
N PRO C 110 21.07 26.04 15.17
CA PRO C 110 19.82 25.47 15.66
C PRO C 110 18.53 25.89 14.91
N VAL C 111 17.80 24.95 14.38
CA VAL C 111 16.45 25.26 13.95
C VAL C 111 15.44 24.42 14.73
N ILE C 112 14.46 25.11 15.29
CA ILE C 112 13.39 24.48 16.07
C ILE C 112 12.05 24.62 15.33
N GLU C 113 11.39 23.50 15.06
CA GLU C 113 10.03 23.59 14.50
C GLU C 113 8.95 23.69 15.58
N VAL C 114 8.00 24.62 15.36
CA VAL C 114 6.84 24.80 16.24
C VAL C 114 5.48 24.56 15.52
N HIS C 115 4.54 23.89 16.17
CA HIS C 115 3.18 23.80 15.63
C HIS C 115 2.18 24.20 16.67
N LEU C 116 1.18 24.96 16.23
CA LEU C 116 0.17 25.40 17.16
C LEU C 116 -0.56 24.16 17.58
N THR C 117 -0.96 23.38 16.57
CA THR C 117 -1.74 22.17 16.78
C THR C 117 -0.84 20.93 16.86
N ASN C 118 -1.45 19.77 17.20
CA ASN C 118 -0.77 18.48 17.28
C ASN C 118 -0.99 17.78 15.97
N ILE C 119 -0.04 17.87 15.04
CA ILE C 119 -0.23 17.36 13.66
C ILE C 119 -0.41 15.84 13.58
N GLN C 120 0.01 15.16 14.64
CA GLN C 120 -0.32 13.75 14.86
C GLN C 120 -1.88 13.55 14.83
N ALA C 121 -2.60 14.58 15.28
CA ALA C 121 -4.01 14.47 15.70
C ALA C 121 -5.03 14.96 14.67
N ARG C 122 -4.58 15.18 13.44
CA ARG C 122 -5.45 15.66 12.38
C ARG C 122 -5.38 14.67 11.27
N GLU C 123 -5.64 15.08 10.04
CA GLU C 123 -5.71 14.14 8.91
C GLU C 123 -4.37 13.43 8.65
N GLU C 124 -4.44 12.26 8.00
CA GLU C 124 -3.23 11.56 7.54
C GLU C 124 -2.16 12.47 6.94
N PHE C 125 -2.53 13.25 5.93
CA PHE C 125 -1.54 14.05 5.26
C PHE C 125 -0.77 14.99 6.19
N ARG C 126 -1.26 15.26 7.41
CA ARG C 126 -0.45 16.20 8.20
C ARG C 126 0.51 15.48 9.11
N LYS C 127 0.47 14.13 9.20
CA LYS C 127 1.16 13.38 10.29
C LYS C 127 2.64 13.54 10.21
N ASN C 128 3.28 12.99 9.21
CA ASN C 128 4.68 13.35 8.93
C ASN C 128 4.99 14.87 8.72
N SER C 129 6.16 15.30 9.21
CA SER C 129 6.80 16.58 8.81
C SER C 129 8.22 16.36 8.27
N TYR C 130 8.45 16.69 7.01
CA TYR C 130 9.80 16.69 6.48
C TYR C 130 10.67 17.70 7.19
N THR C 131 10.16 18.92 7.27
CA THR C 131 10.89 20.01 7.92
C THR C 131 11.17 19.66 9.38
N GLY C 132 10.27 18.94 10.02
CA GLY C 132 10.48 18.60 11.40
C GLY C 132 11.66 17.65 11.59
N ALA C 133 11.78 16.68 10.70
CA ALA C 133 12.90 15.78 10.78
C ALA C 133 14.27 16.49 10.59
N ALA C 134 14.28 17.61 9.89
CA ALA C 134 15.54 18.26 9.58
C ALA C 134 15.89 19.10 10.73
N CYS C 135 14.91 19.76 11.37
CA CYS C 135 15.14 20.40 12.68
C CYS C 135 15.55 19.43 13.79
N GLY C 136 16.30 19.94 14.73
CA GLY C 136 16.68 19.12 15.89
C GLY C 136 15.51 18.61 16.70
N GLY C 137 14.41 19.33 16.68
CA GLY C 137 13.40 19.00 17.61
C GLY C 137 12.21 19.84 17.32
N VAL C 138 11.08 19.29 17.73
CA VAL C 138 9.78 19.80 17.36
C VAL C 138 8.93 19.96 18.61
N ILE C 139 8.25 21.12 18.70
CA ILE C 139 7.27 21.39 19.74
C ILE C 139 5.95 21.42 18.98
N MET C 140 4.92 20.72 19.46
CA MET C 140 3.61 20.75 18.75
C MET C 140 2.42 20.53 19.69
N GLY C 141 1.37 21.29 19.42
CA GLY C 141 0.08 21.02 20.02
C GLY C 141 -0.11 21.84 21.24
N PHE C 142 0.63 22.93 21.36
CA PHE C 142 0.66 23.69 22.62
C PHE C 142 -0.02 25.02 22.48
N GLY C 143 -0.56 25.22 21.29
CA GLY C 143 -0.96 26.56 20.87
C GLY C 143 0.27 27.43 21.05
N PRO C 144 0.05 28.74 21.30
CA PRO C 144 1.12 29.71 21.16
C PRO C 144 2.19 29.44 22.19
N LEU C 145 1.80 28.98 23.38
CA LEU C 145 2.77 28.64 24.41
C LEU C 145 4.03 27.97 23.84
N GLY C 146 3.85 27.17 22.77
CA GLY C 146 4.94 26.42 22.12
C GLY C 146 6.03 27.36 21.61
N TYR C 147 5.62 28.53 21.21
CA TYR C 147 6.59 29.47 20.77
C TYR C 147 7.52 29.86 21.92
N ASN C 148 6.96 30.30 23.06
CA ASN C 148 7.76 30.58 24.25
C ASN C 148 8.62 29.38 24.61
N MET C 149 8.00 28.20 24.64
CA MET C 149 8.70 26.93 24.77
C MET C 149 9.93 26.90 23.90
N ALA C 150 9.80 27.41 22.67
CA ALA C 150 10.89 27.34 21.70
C ALA C 150 12.06 28.27 22.05
N LEU C 151 11.73 29.53 22.34
CA LEU C 151 12.68 30.50 22.94
C LEU C 151 13.42 29.84 24.11
N MET C 152 12.64 29.27 25.03
CA MET C 152 13.18 28.57 26.19
C MET C 152 14.27 27.60 25.76
N ALA C 153 14.00 26.85 24.69
CA ALA C 153 14.99 25.85 24.31
C ALA C 153 16.16 26.51 23.62
N MET C 154 15.86 27.39 22.66
CA MET C 154 16.93 28.04 21.93
C MET C 154 17.97 28.64 22.88
N VAL C 155 17.50 29.49 23.78
CA VAL C 155 18.31 30.06 24.83
C VAL C 155 19.23 29.02 25.44
N ASN C 156 18.67 27.87 25.81
CA ASN C 156 19.48 26.82 26.40
C ASN C 156 20.56 26.24 25.52
N ILE C 157 20.24 25.95 24.27
CA ILE C 157 21.21 25.27 23.38
C ILE C 157 22.35 26.19 23.01
N LEU C 158 21.98 27.43 22.76
CA LEU C 158 22.91 28.47 22.44
C LEU C 158 23.85 28.73 23.59
N ALA C 159 23.28 28.72 24.79
CA ALA C 159 24.08 28.86 26.00
C ALA C 159 25.10 27.73 26.09
N GLU C 160 24.66 26.52 25.76
CA GLU C 160 25.46 25.31 25.96
C GLU C 160 26.56 25.19 24.96
N MET C 161 26.18 25.32 23.68
CA MET C 161 27.09 25.41 22.54
C MET C 161 28.23 26.36 22.84
N LYS C 162 27.85 27.58 23.26
CA LYS C 162 28.75 28.69 23.62
C LYS C 162 29.73 28.35 24.74
N ALA C 163 29.23 27.60 25.73
CA ALA C 163 30.04 27.10 26.84
C ALA C 163 31.13 26.16 26.32
N PHE C 164 30.75 25.32 25.36
CA PHE C 164 31.54 24.22 24.79
C PHE C 164 32.70 24.63 23.83
N GLN C 165 32.39 25.52 22.88
CA GLN C 165 33.41 26.08 21.99
C GLN C 165 34.49 26.88 22.69
N GLU C 166 34.26 27.21 23.97
CA GLU C 166 35.22 27.86 24.90
C GLU C 166 35.90 26.87 25.85
N ALA C 167 35.19 25.75 26.09
CA ALA C 167 35.74 24.60 26.81
C ALA C 167 36.92 24.01 26.00
N GLN C 168 36.65 23.69 24.73
CA GLN C 168 37.66 23.19 23.78
C GLN C 168 38.71 24.18 23.23
N LYS C 169 38.26 25.20 22.46
CA LYS C 169 39.18 26.25 21.90
C LYS C 169 40.06 26.92 23.00
N ASN C 170 39.93 26.39 24.23
CA ASN C 170 40.88 26.59 25.32
C ASN C 170 41.90 25.44 25.52
N ASN C 171 41.53 24.21 25.14
CA ASN C 171 42.51 23.11 25.11
C ASN C 171 42.60 22.31 23.81
N GLY D 1 6.97 -14.78 35.98
CA GLY D 1 7.17 -15.92 35.07
C GLY D 1 8.02 -17.00 35.71
N SER D 2 8.45 -17.94 34.86
CA SER D 2 9.08 -19.14 35.35
C SER D 2 10.51 -19.30 34.94
N SER D 3 11.26 -20.05 35.72
CA SER D 3 12.69 -19.89 35.76
C SER D 3 13.37 -21.16 36.24
N HIS D 4 14.13 -21.84 35.38
CA HIS D 4 14.90 -23.03 35.89
C HIS D 4 16.35 -22.82 35.65
N HIS D 5 17.15 -23.65 36.33
CA HIS D 5 18.58 -23.36 36.42
C HIS D 5 19.14 -24.56 37.11
N HIS D 6 20.42 -24.87 36.86
CA HIS D 6 20.92 -26.12 37.33
C HIS D 6 21.99 -26.14 38.40
N HIS D 7 22.95 -25.23 38.38
CA HIS D 7 23.98 -25.18 39.46
C HIS D 7 25.41 -24.95 38.98
N HIS D 8 26.11 -25.96 38.51
CA HIS D 8 27.50 -25.74 38.07
C HIS D 8 28.52 -25.71 39.24
N HIS D 9 29.68 -26.29 39.05
CA HIS D 9 30.51 -26.52 40.19
C HIS D 9 31.53 -25.46 40.65
N SER D 10 32.28 -24.85 39.73
CA SER D 10 33.50 -24.13 40.15
C SER D 10 34.81 -24.99 40.14
N SER D 11 35.54 -24.98 39.01
CA SER D 11 36.87 -25.64 38.90
C SER D 11 37.65 -25.83 40.24
N SER D 12 36.92 -21.31 29.36
CA SER D 12 36.33 -20.69 30.55
C SER D 12 34.79 -20.87 30.66
N HIS D 13 34.27 -20.39 31.79
CA HIS D 13 32.89 -20.58 32.20
C HIS D 13 31.99 -19.59 31.49
N MET D 14 31.03 -20.06 30.72
CA MET D 14 30.12 -19.13 30.10
C MET D 14 28.76 -19.27 30.68
N LYS D 15 28.31 -18.28 31.44
CA LYS D 15 26.88 -18.20 31.75
C LYS D 15 26.04 -17.72 30.48
N ILE D 16 24.98 -18.47 30.10
CA ILE D 16 24.03 -18.09 29.01
C ILE D 16 22.57 -17.96 29.58
N LEU D 17 21.81 -16.95 29.14
CA LEU D 17 20.39 -16.76 29.49
C LEU D 17 19.42 -17.06 28.34
N VAL D 18 18.57 -18.07 28.55
CA VAL D 18 17.49 -18.40 27.59
C VAL D 18 16.15 -17.75 27.97
N ILE D 19 15.59 -16.93 27.09
CA ILE D 19 14.27 -16.36 27.37
C ILE D 19 13.24 -16.83 26.37
N GLN D 20 12.27 -17.55 26.92
CA GLN D 20 11.09 -18.04 26.22
C GLN D 20 9.86 -17.12 26.36
N GLY D 21 9.39 -16.67 25.18
CA GLY D 21 8.22 -15.75 25.07
C GLY D 21 6.87 -16.28 25.50
N PRO D 22 5.77 -15.57 25.18
CA PRO D 22 4.45 -15.88 25.74
C PRO D 22 3.87 -17.05 25.08
N ASN D 23 3.16 -17.86 25.82
CA ASN D 23 2.55 -19.07 25.30
C ASN D 23 3.44 -20.28 25.09
N LEU D 24 4.75 -20.08 25.05
CA LEU D 24 5.70 -21.18 24.92
C LEU D 24 5.64 -22.18 26.07
N ASN D 25 5.21 -21.66 27.22
CA ASN D 25 4.93 -22.51 28.35
C ASN D 25 3.93 -23.61 28.01
N MET D 26 3.29 -23.56 26.86
CA MET D 26 2.12 -24.43 26.62
C MET D 26 2.32 -25.69 25.69
N LEU D 27 3.45 -25.80 24.96
CA LEU D 27 3.69 -27.02 24.15
C LEU D 27 3.45 -28.33 24.96
N GLY D 28 2.50 -29.16 24.49
CA GLY D 28 1.99 -30.38 25.24
C GLY D 28 0.49 -30.69 25.27
N GLY D 36 4.93 -30.45 17.51
CA GLY D 36 5.38 -31.76 17.98
C GLY D 36 4.40 -32.28 19.04
N MET D 37 4.84 -33.21 19.91
CA MET D 37 4.10 -33.58 21.19
C MET D 37 5.02 -33.40 22.49
N VAL D 38 6.09 -32.60 22.31
CA VAL D 38 7.15 -32.22 23.26
C VAL D 38 6.79 -30.96 24.08
N THR D 39 7.30 -30.91 25.31
CA THR D 39 7.06 -29.77 26.22
C THR D 39 8.31 -28.90 26.45
N LEU D 40 8.15 -27.70 27.01
CA LEU D 40 9.25 -26.74 27.15
C LEU D 40 10.29 -27.25 28.12
N ASP D 41 9.85 -27.88 29.21
CA ASP D 41 10.83 -28.36 30.17
C ASP D 41 11.70 -29.31 29.49
N GLN D 42 11.08 -30.13 28.63
CA GLN D 42 11.79 -31.08 27.78
C GLN D 42 12.76 -30.40 26.83
N ILE D 43 12.37 -29.24 26.30
CA ILE D 43 13.23 -28.51 25.38
C ILE D 43 14.42 -28.04 26.18
N HIS D 44 14.21 -27.78 27.45
CA HIS D 44 15.33 -27.40 28.26
C HIS D 44 16.28 -28.55 28.60
N GLU D 45 15.77 -29.73 28.92
CA GLU D 45 16.74 -30.79 29.17
C GLU D 45 17.52 -31.14 27.91
N ILE D 46 16.85 -31.17 26.77
CA ILE D 46 17.49 -31.31 25.46
C ILE D 46 18.72 -30.36 25.38
N MET D 47 18.51 -29.08 25.71
CA MET D 47 19.60 -28.10 25.81
C MET D 47 20.69 -28.52 26.78
N GLN D 48 20.36 -28.62 28.07
CA GLN D 48 21.29 -29.13 29.09
C GLN D 48 21.99 -30.41 28.63
N THR D 49 21.22 -31.37 28.10
CA THR D 49 21.77 -32.65 27.64
C THR D 49 22.81 -32.43 26.58
N PHE D 50 22.68 -31.34 25.83
CA PHE D 50 23.54 -31.12 24.68
C PHE D 50 24.83 -30.40 25.09
N VAL D 51 24.81 -29.87 26.31
CA VAL D 51 25.99 -29.23 26.86
C VAL D 51 26.75 -30.24 27.65
N LYS D 52 26.09 -30.83 28.65
CA LYS D 52 26.72 -31.82 29.56
C LYS D 52 27.38 -32.79 28.62
N GLN D 53 26.77 -32.90 27.43
CA GLN D 53 27.15 -33.90 26.45
C GLN D 53 28.33 -33.36 25.58
N GLY D 54 28.12 -32.21 24.92
CA GLY D 54 29.18 -31.58 24.07
C GLY D 54 30.55 -31.42 24.75
N ASN D 55 30.54 -31.59 26.10
CA ASN D 55 31.65 -31.30 27.04
C ASN D 55 31.97 -29.78 27.23
N LEU D 56 31.02 -29.04 27.83
CA LEU D 56 30.98 -27.59 27.67
C LEU D 56 30.76 -26.85 28.97
N ASP D 57 31.68 -25.97 29.34
CA ASP D 57 31.50 -25.21 30.55
C ASP D 57 30.54 -24.04 30.39
N VAL D 58 29.29 -24.43 30.20
CA VAL D 58 28.18 -23.52 30.03
C VAL D 58 27.18 -23.67 31.17
N GLU D 59 26.75 -22.57 31.77
CA GLU D 59 25.67 -22.57 32.72
C GLU D 59 24.43 -21.94 32.10
N LEU D 60 23.30 -22.65 32.07
CA LEU D 60 22.06 -22.01 31.52
C LEU D 60 21.12 -21.43 32.54
N GLU D 61 20.47 -20.35 32.18
CA GLU D 61 19.29 -19.94 32.92
C GLU D 61 18.02 -19.87 32.06
N PHE D 62 17.00 -20.57 32.53
CA PHE D 62 15.82 -20.69 31.69
C PHE D 62 14.76 -19.81 32.21
N PHE D 63 14.09 -19.16 31.25
CA PHE D 63 13.09 -18.17 31.61
C PHE D 63 11.93 -18.08 30.66
N GLN D 64 10.74 -18.39 31.15
CA GLN D 64 9.56 -18.12 30.38
C GLN D 64 8.57 -17.17 31.05
N THR D 65 7.93 -16.31 30.23
CA THR D 65 6.86 -15.40 30.68
C THR D 65 5.92 -15.05 29.52
N ASN D 66 4.75 -14.58 29.91
CA ASN D 66 3.74 -14.07 29.03
C ASN D 66 3.76 -12.54 29.00
N PHE D 67 4.58 -11.92 29.82
CA PHE D 67 4.59 -10.50 30.06
C PHE D 67 5.75 -9.82 29.34
N GLU D 68 5.42 -8.87 28.49
CA GLU D 68 6.44 -8.22 27.65
C GLU D 68 7.38 -7.47 28.62
N GLY D 69 6.77 -6.86 29.62
CA GLY D 69 7.56 -6.13 30.57
C GLY D 69 8.53 -7.05 31.29
N GLU D 70 8.08 -8.26 31.67
CA GLU D 70 8.96 -9.25 32.28
C GLU D 70 10.05 -9.65 31.35
N ILE D 71 9.79 -9.75 30.06
CA ILE D 71 10.91 -9.93 29.15
C ILE D 71 11.85 -8.72 29.06
N ILE D 72 11.31 -7.52 29.08
CA ILE D 72 12.24 -6.39 29.09
C ILE D 72 13.10 -6.32 30.39
N ASP D 73 12.46 -6.53 31.54
CA ASP D 73 13.13 -6.60 32.84
C ASP D 73 14.28 -7.56 32.84
N LYS D 74 14.09 -8.72 32.20
CA LYS D 74 15.03 -9.79 32.38
C LYS D 74 16.27 -9.42 31.64
N ILE D 75 16.09 -8.80 30.48
CA ILE D 75 17.22 -8.44 29.67
C ILE D 75 17.93 -7.37 30.47
N GLN D 76 17.15 -6.43 30.95
CA GLN D 76 17.77 -5.35 31.60
C GLN D 76 18.66 -5.92 32.71
N GLU D 77 18.14 -6.88 33.50
CA GLU D 77 18.95 -7.46 34.58
C GLU D 77 20.29 -7.96 34.02
N SER D 78 20.28 -8.94 33.14
CA SER D 78 21.50 -9.46 32.48
C SER D 78 22.70 -8.47 32.31
N VAL D 79 22.38 -7.23 31.98
CA VAL D 79 23.32 -6.10 31.82
C VAL D 79 24.14 -5.83 33.08
N GLY D 80 23.73 -6.39 34.22
CA GLY D 80 24.63 -6.61 35.41
C GLY D 80 25.46 -7.83 35.04
N SER D 81 26.57 -7.57 34.33
CA SER D 81 27.33 -8.54 33.51
C SER D 81 27.48 -9.94 34.15
N ASP D 82 26.54 -10.83 33.85
CA ASP D 82 26.62 -12.14 34.49
C ASP D 82 26.89 -13.14 33.41
N TYR D 83 25.83 -13.24 32.62
CA TYR D 83 25.86 -14.01 31.42
C TYR D 83 26.23 -13.03 30.32
N GLU D 84 26.75 -13.62 29.26
CA GLU D 84 27.52 -12.90 28.36
C GLU D 84 26.78 -12.97 27.10
N GLY D 85 25.68 -13.72 27.13
CA GLY D 85 24.79 -13.80 25.96
C GLY D 85 23.35 -14.28 26.17
N ILE D 86 22.46 -13.94 25.23
CA ILE D 86 21.05 -14.29 25.36
C ILE D 86 20.46 -15.10 24.18
N ILE D 87 19.67 -16.11 24.52
CA ILE D 87 18.97 -16.86 23.51
C ILE D 87 17.52 -16.52 23.78
N ILE D 88 16.84 -15.90 22.80
CA ILE D 88 15.46 -15.53 23.01
C ILE D 88 14.52 -15.99 21.86
N ASN D 89 13.32 -16.46 22.26
CA ASN D 89 12.20 -16.67 21.39
C ASN D 89 11.06 -15.85 21.92
N PRO D 90 10.98 -14.60 21.51
CA PRO D 90 9.98 -13.64 21.92
C PRO D 90 8.52 -14.00 21.67
N GLY D 91 8.24 -15.19 21.15
CA GLY D 91 6.87 -15.54 20.70
C GLY D 91 6.22 -14.47 19.80
N ALA D 92 4.88 -14.42 19.82
CA ALA D 92 4.19 -13.38 19.10
C ALA D 92 4.71 -11.94 19.38
N PHE D 93 5.25 -11.64 20.55
CA PHE D 93 5.90 -10.33 20.69
C PHE D 93 6.99 -10.04 19.57
N SER D 94 7.68 -11.05 19.03
CA SER D 94 8.58 -10.81 17.91
C SER D 94 8.03 -9.80 16.88
N HIS D 95 6.79 -10.09 16.47
CA HIS D 95 6.11 -9.33 15.42
C HIS D 95 5.65 -7.94 15.78
N THR D 96 5.30 -7.69 17.02
CA THR D 96 4.72 -6.43 17.43
C THR D 96 5.71 -5.55 18.19
N SER D 97 6.48 -6.13 19.11
CA SER D 97 7.11 -5.37 20.20
C SER D 97 8.41 -4.70 19.91
N ILE D 98 8.31 -3.45 19.50
CA ILE D 98 9.43 -2.55 19.40
C ILE D 98 10.11 -2.44 20.73
N ALA D 99 9.35 -2.41 21.84
CA ALA D 99 9.94 -2.18 23.18
C ALA D 99 11.04 -3.18 23.55
N ILE D 100 10.88 -4.44 23.13
CA ILE D 100 11.87 -5.49 23.33
C ILE D 100 12.99 -5.39 22.31
N ALA D 101 12.65 -5.11 21.08
CA ALA D 101 13.65 -4.86 20.08
C ALA D 101 14.63 -3.85 20.65
N ASP D 102 14.10 -2.86 21.38
CA ASP D 102 14.93 -1.86 21.99
C ASP D 102 15.71 -2.40 23.15
N ALA D 103 15.02 -3.07 24.08
CA ALA D 103 15.72 -3.81 25.12
C ALA D 103 16.95 -4.54 24.55
N ILE D 104 16.74 -5.43 23.59
CA ILE D 104 17.84 -6.12 22.91
C ILE D 104 18.95 -5.24 22.31
N MET D 105 18.62 -4.19 21.58
CA MET D 105 19.69 -3.34 21.03
C MET D 105 20.55 -2.67 22.09
N LEU D 106 20.09 -2.62 23.33
CA LEU D 106 20.94 -2.11 24.42
C LEU D 106 20.99 -3.17 25.50
N ALA D 107 21.31 -4.35 24.98
CA ALA D 107 21.46 -5.57 25.72
C ALA D 107 22.90 -5.66 26.17
N GLY D 108 23.83 -5.09 25.40
CA GLY D 108 25.26 -5.20 25.69
C GLY D 108 26.03 -6.43 25.21
N LYS D 109 25.35 -7.50 24.84
CA LYS D 109 26.01 -8.77 24.51
C LYS D 109 25.29 -9.47 23.36
N PRO D 110 25.90 -10.48 22.73
CA PRO D 110 25.22 -11.36 21.79
C PRO D 110 23.77 -11.71 22.14
N VAL D 111 22.85 -11.50 21.21
CA VAL D 111 21.51 -12.11 21.36
C VAL D 111 21.14 -12.92 20.10
N ILE D 112 20.52 -14.08 20.31
CA ILE D 112 20.04 -14.85 19.16
C ILE D 112 18.58 -15.16 19.31
N GLU D 113 17.85 -14.90 18.23
CA GLU D 113 16.43 -15.21 18.22
C GLU D 113 16.16 -16.57 17.66
N VAL D 114 15.24 -17.29 18.28
CA VAL D 114 14.94 -18.65 17.84
C VAL D 114 13.43 -18.83 17.70
N HIS D 115 12.98 -19.50 16.66
CA HIS D 115 11.54 -19.67 16.52
C HIS D 115 11.32 -21.10 16.16
N LEU D 116 10.42 -21.75 16.84
CA LEU D 116 10.12 -23.06 16.44
C LEU D 116 9.62 -23.13 14.98
N THR D 117 8.62 -22.33 14.63
CA THR D 117 7.99 -22.44 13.30
C THR D 117 8.78 -21.67 12.28
N ASN D 118 8.48 -21.79 11.00
CA ASN D 118 9.16 -20.92 10.06
C ASN D 118 8.26 -19.74 9.77
N ILE D 119 8.50 -18.61 10.47
CA ILE D 119 7.57 -17.49 10.41
C ILE D 119 7.44 -16.86 9.05
N GLN D 120 8.44 -17.09 8.17
CA GLN D 120 8.39 -16.69 6.73
C GLN D 120 7.14 -17.30 6.07
N ALA D 121 6.92 -18.57 6.44
CA ALA D 121 5.92 -19.48 5.85
C ALA D 121 4.54 -19.52 6.53
N ARG D 122 4.20 -18.50 7.31
CA ARG D 122 2.89 -18.42 7.98
C ARG D 122 2.16 -17.15 7.59
N GLU D 123 1.23 -16.73 8.46
CA GLU D 123 0.33 -15.57 8.21
C GLU D 123 1.27 -14.39 7.88
N GLU D 124 0.83 -13.55 6.92
CA GLU D 124 1.45 -12.27 6.62
C GLU D 124 1.89 -11.54 7.88
N PHE D 125 1.03 -11.44 8.89
CA PHE D 125 1.48 -10.74 10.03
C PHE D 125 2.67 -11.33 10.77
N ARG D 126 3.08 -12.55 10.50
CA ARG D 126 4.11 -13.09 11.40
C ARG D 126 5.46 -12.92 10.80
N LYS D 127 5.43 -12.46 9.56
CA LYS D 127 6.61 -12.42 8.72
C LYS D 127 7.72 -11.51 9.26
N ASN D 128 7.42 -10.32 9.80
CA ASN D 128 8.48 -9.51 10.31
C ASN D 128 8.61 -9.82 11.80
N SER D 129 9.86 -9.88 12.24
CA SER D 129 10.18 -9.79 13.64
C SER D 129 11.12 -8.58 13.79
N TYR D 130 10.75 -7.70 14.76
CA TYR D 130 11.49 -6.43 15.05
C TYR D 130 12.61 -6.86 15.94
N THR D 131 12.22 -7.70 16.89
CA THR D 131 13.20 -8.30 17.76
C THR D 131 14.29 -8.99 16.95
N GLY D 132 13.95 -9.84 15.99
CA GLY D 132 14.99 -10.56 15.29
C GLY D 132 15.87 -9.63 14.47
N ALA D 133 15.30 -8.55 13.97
CA ALA D 133 16.07 -7.56 13.29
C ALA D 133 17.13 -6.99 14.19
N ALA D 134 16.95 -7.12 15.49
CA ALA D 134 17.90 -6.57 16.45
C ALA D 134 18.87 -7.60 17.04
N CYS D 135 18.47 -8.85 17.24
CA CYS D 135 19.45 -9.88 17.48
C CYS D 135 20.31 -9.93 16.22
N GLY D 136 21.58 -10.29 16.33
CA GLY D 136 22.36 -10.37 15.13
C GLY D 136 21.96 -11.52 14.24
N GLY D 137 21.36 -12.56 14.82
CA GLY D 137 21.15 -13.85 14.16
C GLY D 137 19.81 -14.42 14.49
N VAL D 138 19.26 -15.21 13.60
CA VAL D 138 17.91 -15.69 13.80
C VAL D 138 17.79 -17.09 13.30
N ILE D 139 17.15 -17.92 14.10
CA ILE D 139 16.89 -19.28 13.72
C ILE D 139 15.40 -19.48 13.74
N MET D 140 14.88 -19.98 12.64
CA MET D 140 13.48 -20.33 12.68
C MET D 140 13.28 -21.55 11.85
N GLY D 141 12.28 -22.32 12.19
CA GLY D 141 11.82 -23.35 11.30
C GLY D 141 12.18 -24.74 11.73
N PHE D 142 12.97 -24.85 12.80
CA PHE D 142 13.64 -26.10 13.10
C PHE D 142 12.99 -26.94 14.16
N GLY D 143 11.95 -26.43 14.80
CA GLY D 143 11.37 -27.15 15.90
C GLY D 143 12.34 -26.97 17.05
N PRO D 144 12.17 -27.75 18.13
CA PRO D 144 13.02 -27.64 19.30
C PRO D 144 14.50 -27.65 18.91
N LEU D 145 14.86 -28.54 18.00
CA LEU D 145 16.23 -28.59 17.47
C LEU D 145 16.91 -27.21 17.26
N GLY D 146 16.12 -26.23 16.83
CA GLY D 146 16.57 -24.85 16.76
C GLY D 146 17.29 -24.28 17.99
N TYR D 147 16.82 -24.59 19.19
CA TYR D 147 17.47 -24.06 20.38
C TYR D 147 18.89 -24.50 20.45
N ASN D 148 19.14 -25.75 20.11
CA ASN D 148 20.50 -26.26 20.26
C ASN D 148 21.40 -25.59 19.26
N MET D 149 20.86 -25.30 18.08
CA MET D 149 21.60 -24.58 17.07
C MET D 149 22.01 -23.26 17.67
N ALA D 150 21.10 -22.61 18.40
CA ALA D 150 21.37 -21.30 19.03
C ALA D 150 22.40 -21.43 20.09
N LEU D 151 22.48 -22.63 20.65
CA LEU D 151 23.40 -22.91 21.73
C LEU D 151 24.80 -23.16 21.16
N MET D 152 24.89 -24.04 20.16
CA MET D 152 26.10 -24.26 19.45
C MET D 152 26.64 -22.97 18.94
N ALA D 153 25.78 -22.08 18.52
CA ALA D 153 26.26 -20.85 17.97
C ALA D 153 26.80 -19.93 19.04
N MET D 154 25.97 -19.69 20.05
CA MET D 154 26.34 -18.87 21.22
C MET D 154 27.76 -19.16 21.77
N VAL D 155 28.04 -20.45 21.90
CA VAL D 155 29.30 -20.94 22.37
C VAL D 155 30.43 -20.30 21.54
N ASN D 156 30.30 -20.40 20.22
CA ASN D 156 31.36 -20.05 19.28
C ASN D 156 31.58 -18.58 19.21
N ILE D 157 30.50 -17.85 19.41
CA ILE D 157 30.52 -16.42 19.35
C ILE D 157 31.37 -15.93 20.49
N LEU D 158 31.02 -16.41 21.69
CA LEU D 158 31.60 -15.96 22.95
C LEU D 158 33.04 -16.33 22.93
N ALA D 159 33.27 -17.61 22.76
CA ALA D 159 34.59 -18.10 22.59
C ALA D 159 35.45 -17.11 21.82
N GLU D 160 34.94 -16.72 20.66
CA GLU D 160 35.76 -16.03 19.69
C GLU D 160 36.03 -14.65 20.21
N MET D 161 35.03 -14.10 20.90
CA MET D 161 35.12 -12.79 21.55
C MET D 161 36.17 -12.81 22.65
N LYS D 162 36.21 -13.89 23.46
CA LYS D 162 37.20 -14.05 24.55
C LYS D 162 38.58 -14.03 23.95
N ALA D 163 38.79 -14.91 22.98
CA ALA D 163 40.02 -14.91 22.15
C ALA D 163 40.38 -13.56 21.48
N PHE D 164 39.42 -12.63 21.39
CA PHE D 164 39.60 -11.34 20.73
C PHE D 164 39.90 -10.20 21.73
N GLN D 165 39.24 -10.27 22.89
CA GLN D 165 39.41 -9.30 23.97
C GLN D 165 40.78 -9.49 24.56
N GLU D 166 41.24 -10.74 24.52
CA GLU D 166 42.65 -11.10 24.75
C GLU D 166 43.57 -10.76 23.52
N ALA D 167 42.94 -10.49 22.36
CA ALA D 167 43.64 -10.09 21.11
C ALA D 167 44.19 -8.66 21.15
N GLN D 168 43.28 -7.69 21.14
CA GLN D 168 43.67 -6.27 21.22
C GLN D 168 44.35 -5.86 22.55
N LYS D 169 43.86 -6.41 23.69
CA LYS D 169 44.39 -6.09 25.07
C LYS D 169 45.80 -6.66 25.43
N ASN D 170 46.75 -6.47 24.49
CA ASN D 170 48.20 -6.74 24.69
C ASN D 170 49.12 -5.71 24.03
N ASN D 171 48.55 -4.97 23.07
CA ASN D 171 49.31 -4.04 22.27
C ASN D 171 48.47 -2.85 21.78
N MET E 14 -22.08 -25.50 36.28
CA MET E 14 -21.40 -25.05 34.99
C MET E 14 -20.74 -23.62 34.97
N LYS E 15 -19.41 -23.51 35.14
CA LYS E 15 -18.72 -22.21 35.40
C LYS E 15 -18.03 -21.54 34.19
N ILE E 16 -18.36 -20.26 33.96
CA ILE E 16 -17.88 -19.42 32.84
C ILE E 16 -17.01 -18.21 33.23
N LEU E 17 -15.91 -18.02 32.52
CA LEU E 17 -15.04 -16.91 32.83
C LEU E 17 -15.27 -15.70 31.94
N VAL E 18 -15.45 -14.54 32.57
CA VAL E 18 -15.58 -13.28 31.85
C VAL E 18 -14.32 -12.46 32.02
N ILE E 19 -13.68 -12.17 30.86
CA ILE E 19 -12.41 -11.43 30.80
C ILE E 19 -12.61 -10.06 30.17
N GLN E 20 -12.51 -9.01 31.00
CA GLN E 20 -12.53 -7.59 30.59
C GLN E 20 -11.14 -6.97 30.45
N GLY E 21 -10.92 -6.32 29.31
CA GLY E 21 -9.60 -5.85 28.92
C GLY E 21 -9.28 -4.45 29.41
N PRO E 22 -8.17 -3.88 28.88
CA PRO E 22 -7.76 -2.54 29.35
C PRO E 22 -8.84 -1.47 29.20
N ASN E 23 -8.73 -0.53 30.14
CA ASN E 23 -9.58 0.61 30.31
C ASN E 23 -11.01 0.29 30.57
N LEU E 24 -11.45 -0.94 30.33
CA LEU E 24 -12.86 -1.29 30.54
C LEU E 24 -13.42 -1.03 31.95
N ASN E 25 -12.55 -1.02 32.96
CA ASN E 25 -12.90 -0.71 34.32
C ASN E 25 -13.23 0.75 34.45
N MET E 26 -12.84 1.56 33.48
CA MET E 26 -13.06 2.99 33.60
C MET E 26 -14.43 3.49 33.21
N LEU E 27 -15.38 2.58 32.96
CA LEU E 27 -16.70 2.99 32.50
C LEU E 27 -17.48 3.79 33.55
N GLY E 28 -17.94 4.97 33.21
CA GLY E 28 -18.52 5.86 34.24
C GLY E 28 -17.73 7.15 34.32
N HIS E 29 -16.43 7.09 34.01
CA HIS E 29 -15.69 8.30 33.54
C HIS E 29 -15.56 8.40 31.95
N ARG E 30 -15.22 7.26 31.25
CA ARG E 30 -15.05 7.11 29.72
C ARG E 30 -16.23 7.62 28.78
N GLY E 36 -22.58 5.60 27.20
CA GLY E 36 -23.33 6.23 28.29
C GLY E 36 -22.90 5.99 29.74
N MET E 37 -23.64 6.59 30.67
CA MET E 37 -23.18 6.71 32.06
C MET E 37 -23.24 5.40 32.91
N VAL E 38 -22.55 4.30 32.51
CA VAL E 38 -22.66 2.94 33.16
C VAL E 38 -21.27 2.29 33.58
N THR E 39 -21.18 1.69 34.79
CA THR E 39 -19.92 1.04 35.29
C THR E 39 -19.74 -0.41 34.84
N LEU E 40 -18.51 -0.88 34.93
CA LEU E 40 -18.24 -2.27 34.66
C LEU E 40 -18.94 -3.22 35.67
N ASP E 41 -19.01 -2.80 36.94
CA ASP E 41 -19.73 -3.56 37.98
C ASP E 41 -21.20 -3.82 37.62
N GLN E 42 -21.81 -2.76 37.10
CA GLN E 42 -23.18 -2.83 36.70
C GLN E 42 -23.30 -3.80 35.53
N ILE E 43 -22.31 -3.81 34.64
CA ILE E 43 -22.39 -4.72 33.51
C ILE E 43 -22.43 -6.13 34.00
N HIS E 44 -21.51 -6.44 34.92
CA HIS E 44 -21.48 -7.75 35.56
C HIS E 44 -22.77 -8.11 36.34
N GLU E 45 -23.26 -7.22 37.18
CA GLU E 45 -24.49 -7.59 37.83
C GLU E 45 -25.64 -7.76 36.82
N ILE E 46 -25.56 -7.09 35.68
CA ILE E 46 -26.61 -7.27 34.71
C ILE E 46 -26.58 -8.72 34.31
N MET E 47 -25.40 -9.21 33.97
CA MET E 47 -25.21 -10.60 33.57
C MET E 47 -25.83 -11.49 34.61
N GLN E 48 -25.43 -11.31 35.87
CA GLN E 48 -26.07 -12.06 36.94
C GLN E 48 -27.58 -12.05 36.73
N THR E 49 -28.19 -10.87 36.76
CA THR E 49 -29.64 -10.74 36.60
C THR E 49 -30.17 -11.57 35.44
N PHE E 50 -29.45 -11.60 34.32
CA PHE E 50 -29.82 -12.43 33.19
C PHE E 50 -29.76 -13.93 33.46
N VAL E 51 -28.73 -14.37 34.19
CA VAL E 51 -28.56 -15.77 34.65
C VAL E 51 -29.49 -16.09 35.82
N LYS E 52 -29.38 -15.25 36.86
CA LYS E 52 -30.18 -15.32 38.09
C LYS E 52 -31.62 -15.36 37.72
N GLN E 53 -31.93 -14.77 36.58
CA GLN E 53 -33.25 -14.77 36.04
C GLN E 53 -33.44 -15.94 35.05
N GLY E 54 -32.58 -16.04 34.04
CA GLY E 54 -32.70 -17.11 33.01
C GLY E 54 -32.73 -18.52 33.58
N ASN E 55 -32.65 -18.62 34.92
CA ASN E 55 -32.60 -19.88 35.67
C ASN E 55 -31.56 -20.88 35.18
N LEU E 56 -30.48 -20.37 34.58
CA LEU E 56 -29.44 -21.18 33.94
C LEU E 56 -28.39 -21.54 35.01
N ASP E 57 -27.97 -22.82 35.10
CA ASP E 57 -26.90 -23.26 36.05
C ASP E 57 -25.55 -22.71 35.53
N VAL E 58 -25.18 -21.51 35.99
CA VAL E 58 -23.95 -20.86 35.55
C VAL E 58 -23.24 -20.07 36.66
N GLU E 59 -22.12 -20.61 37.15
CA GLU E 59 -21.20 -19.84 37.98
C GLU E 59 -20.48 -18.86 37.02
N LEU E 60 -20.50 -17.55 37.26
CA LEU E 60 -19.69 -16.60 36.48
C LEU E 60 -18.56 -16.07 37.32
N GLU E 61 -17.43 -15.78 36.69
CA GLU E 61 -16.36 -15.08 37.38
C GLU E 61 -15.93 -13.95 36.55
N PHE E 62 -15.70 -12.81 37.20
CA PHE E 62 -15.23 -11.63 36.45
C PHE E 62 -13.77 -11.32 36.68
N PHE E 63 -13.04 -11.02 35.62
CA PHE E 63 -11.66 -10.59 35.78
C PHE E 63 -11.43 -9.50 34.76
N GLN E 64 -10.91 -8.37 35.24
CA GLN E 64 -10.60 -7.21 34.41
C GLN E 64 -9.12 -6.90 34.60
N THR E 65 -8.41 -6.53 33.52
CA THR E 65 -6.99 -6.19 33.68
C THR E 65 -6.58 -5.23 32.64
N ASN E 66 -5.55 -4.43 32.92
CA ASN E 66 -4.96 -3.60 31.89
C ASN E 66 -3.68 -4.23 31.37
N PHE E 67 -3.46 -5.51 31.66
CA PHE E 67 -2.22 -6.20 31.26
C PHE E 67 -2.43 -7.29 30.20
N GLU E 68 -1.86 -7.09 29.01
CA GLU E 68 -1.82 -8.16 28.01
C GLU E 68 -1.44 -9.53 28.66
N GLY E 69 -0.35 -9.57 29.39
CA GLY E 69 0.09 -10.81 30.00
C GLY E 69 -0.94 -11.43 30.92
N GLU E 70 -1.68 -10.61 31.62
CA GLU E 70 -2.63 -11.17 32.55
C GLU E 70 -3.87 -11.82 31.95
N ILE E 71 -4.29 -11.32 30.80
CA ILE E 71 -5.23 -12.02 29.96
C ILE E 71 -4.62 -13.38 29.56
N ILE E 72 -3.37 -13.34 29.07
CA ILE E 72 -2.72 -14.55 28.59
C ILE E 72 -2.71 -15.55 29.71
N ASP E 73 -2.22 -15.13 30.87
CA ASP E 73 -2.11 -16.01 32.03
C ASP E 73 -3.50 -16.53 32.36
N LYS E 74 -4.50 -15.66 32.32
CA LYS E 74 -5.80 -16.09 32.77
C LYS E 74 -6.37 -17.16 31.86
N ILE E 75 -6.18 -16.98 30.55
CA ILE E 75 -6.63 -17.97 29.55
C ILE E 75 -5.93 -19.34 29.70
N GLN E 76 -4.63 -19.28 29.86
CA GLN E 76 -3.84 -20.42 30.11
C GLN E 76 -4.30 -21.10 31.40
N GLU E 77 -4.74 -20.34 32.39
CA GLU E 77 -5.20 -20.94 33.65
C GLU E 77 -6.53 -21.61 33.54
N SER E 78 -7.33 -21.20 32.55
CA SER E 78 -8.65 -21.79 32.31
C SER E 78 -8.59 -23.29 31.98
N VAL E 79 -7.57 -23.63 31.19
CA VAL E 79 -7.30 -25.01 30.73
C VAL E 79 -7.46 -26.12 31.81
N GLY E 80 -7.59 -25.72 33.08
CA GLY E 80 -7.90 -26.61 34.23
C GLY E 80 -9.39 -26.55 34.53
N SER E 81 -9.94 -27.77 34.70
CA SER E 81 -11.39 -28.09 34.71
C SER E 81 -12.33 -26.88 34.66
N ASP E 82 -12.87 -26.64 35.85
CA ASP E 82 -14.06 -25.88 36.19
C ASP E 82 -14.55 -24.75 35.28
N TYR E 83 -13.72 -24.20 34.39
CA TYR E 83 -14.26 -23.24 33.41
C TYR E 83 -14.62 -23.97 32.16
N GLU E 84 -15.86 -23.89 31.72
CA GLU E 84 -16.15 -24.48 30.42
C GLU E 84 -16.08 -23.52 29.27
N GLY E 85 -16.16 -22.20 29.55
CA GLY E 85 -16.10 -21.19 28.49
C GLY E 85 -15.63 -19.83 28.90
N ILE E 86 -15.19 -19.05 27.93
CA ILE E 86 -14.73 -17.69 28.16
C ILE E 86 -15.43 -16.67 27.24
N ILE E 87 -15.89 -15.61 27.85
CA ILE E 87 -16.38 -14.44 27.13
C ILE E 87 -15.36 -13.38 27.44
N ILE E 88 -14.99 -12.64 26.42
CA ILE E 88 -13.81 -11.80 26.54
C ILE E 88 -13.89 -10.56 25.72
N ASN E 89 -13.65 -9.43 26.35
CA ASN E 89 -13.57 -8.17 25.66
C ASN E 89 -12.11 -7.72 25.72
N PRO E 90 -11.26 -8.18 24.77
CA PRO E 90 -9.85 -7.80 24.87
C PRO E 90 -9.61 -6.32 24.81
N GLY E 91 -10.66 -5.55 24.57
CA GLY E 91 -10.54 -4.12 24.29
C GLY E 91 -9.45 -3.79 23.29
N ALA E 92 -8.77 -2.68 23.53
CA ALA E 92 -7.67 -2.25 22.65
C ALA E 92 -6.69 -3.38 22.15
N PHE E 93 -6.53 -4.42 22.95
CA PHE E 93 -5.58 -5.47 22.64
C PHE E 93 -6.14 -6.31 21.50
N SER E 94 -7.48 -6.26 21.36
CA SER E 94 -8.18 -6.83 20.19
C SER E 94 -7.45 -6.64 18.86
N HIS E 95 -7.04 -5.40 18.60
CA HIS E 95 -6.48 -5.05 17.31
C HIS E 95 -5.00 -5.39 17.11
N THR E 96 -4.28 -5.66 18.20
CA THR E 96 -2.87 -5.73 18.09
C THR E 96 -2.31 -7.00 18.67
N SER E 97 -2.96 -7.63 19.64
CA SER E 97 -2.35 -8.74 20.42
C SER E 97 -2.39 -10.10 19.72
N ILE E 98 -1.37 -10.40 18.92
CA ILE E 98 -1.25 -11.74 18.36
C ILE E 98 -1.17 -12.78 19.47
N ALA E 99 -0.47 -12.42 20.56
CA ALA E 99 -0.32 -13.30 21.71
C ALA E 99 -1.65 -13.69 22.27
N ILE E 100 -2.50 -12.73 22.59
CA ILE E 100 -3.80 -13.16 23.12
C ILE E 100 -4.58 -14.04 22.15
N ALA E 101 -4.37 -13.84 20.85
CA ALA E 101 -5.15 -14.58 19.89
C ALA E 101 -4.61 -16.02 19.86
N ASP E 102 -3.29 -16.10 19.80
CA ASP E 102 -2.65 -17.38 20.01
C ASP E 102 -3.13 -18.10 21.29
N ALA E 103 -3.39 -17.36 22.37
CA ALA E 103 -3.76 -17.96 23.63
C ALA E 103 -5.13 -18.50 23.46
N ILE E 104 -6.01 -17.67 22.95
CA ILE E 104 -7.40 -18.06 22.78
C ILE E 104 -7.46 -19.32 21.97
N MET E 105 -6.49 -19.52 21.09
CA MET E 105 -6.58 -20.68 20.25
C MET E 105 -6.18 -21.96 20.90
N LEU E 106 -5.45 -21.93 22.00
CA LEU E 106 -5.20 -23.20 22.66
C LEU E 106 -6.15 -23.38 23.82
N ALA E 107 -7.09 -22.45 24.02
CA ALA E 107 -8.00 -22.58 25.17
C ALA E 107 -8.78 -23.87 25.08
N GLY E 108 -8.94 -24.38 23.86
CA GLY E 108 -9.68 -25.63 23.55
C GLY E 108 -11.03 -25.71 24.28
N LYS E 109 -11.88 -24.74 24.04
CA LYS E 109 -13.12 -24.59 24.76
C LYS E 109 -13.61 -23.24 24.30
N PRO E 110 -14.93 -23.04 24.22
CA PRO E 110 -15.50 -21.89 23.58
C PRO E 110 -14.94 -20.51 24.08
N VAL E 111 -14.40 -19.71 23.17
CA VAL E 111 -14.18 -18.28 23.50
C VAL E 111 -15.06 -17.31 22.64
N ILE E 112 -15.76 -16.41 23.31
CA ILE E 112 -16.60 -15.48 22.59
C ILE E 112 -16.09 -14.09 22.85
N GLU E 113 -15.79 -13.39 21.79
CA GLU E 113 -15.40 -12.00 21.94
C GLU E 113 -16.62 -11.06 21.99
N VAL E 114 -16.61 -10.10 22.93
CA VAL E 114 -17.65 -9.05 23.00
C VAL E 114 -17.11 -7.63 22.86
N HIS E 115 -17.80 -6.76 22.12
CA HIS E 115 -17.43 -5.37 22.05
C HIS E 115 -18.58 -4.49 22.32
N LEU E 116 -18.35 -3.47 23.15
CA LEU E 116 -19.41 -2.57 23.48
C LEU E 116 -19.79 -1.87 22.20
N THR E 117 -18.79 -1.23 21.59
CA THR E 117 -18.95 -0.59 20.29
C THR E 117 -18.79 -1.52 19.01
N ASN E 118 -19.08 -0.98 17.84
CA ASN E 118 -19.00 -1.64 16.57
C ASN E 118 -17.67 -1.19 16.00
N ILE E 119 -16.60 -1.98 16.20
CA ILE E 119 -15.22 -1.58 15.84
C ILE E 119 -15.01 -1.46 14.31
N GLN E 120 -16.00 -1.92 13.56
CA GLN E 120 -16.07 -1.64 12.10
C GLN E 120 -16.21 -0.12 11.90
N ALA E 121 -16.91 0.52 12.84
CA ALA E 121 -17.46 1.91 12.76
C ALA E 121 -16.60 3.04 13.38
N ARG E 122 -15.36 2.71 13.77
CA ARG E 122 -14.48 3.76 14.26
C ARG E 122 -13.28 3.99 13.33
N GLU E 123 -12.10 4.16 13.92
CA GLU E 123 -10.87 4.40 13.16
C GLU E 123 -10.38 3.13 12.45
N GLU E 124 -9.62 3.34 11.37
CA GLU E 124 -8.93 2.23 10.70
C GLU E 124 -8.32 1.24 11.63
N PHE E 125 -7.42 1.70 12.50
CA PHE E 125 -6.75 0.79 13.40
C PHE E 125 -7.64 -0.05 14.26
N ARG E 126 -8.92 0.26 14.44
CA ARG E 126 -9.69 -0.68 15.22
C ARG E 126 -10.38 -1.72 14.38
N LYS E 127 -10.34 -1.62 13.06
CA LYS E 127 -11.20 -2.46 12.21
C LYS E 127 -10.98 -3.95 12.41
N ASN E 128 -9.86 -4.47 11.92
CA ASN E 128 -9.51 -5.83 12.28
C ASN E 128 -9.46 -6.14 13.84
N SER E 129 -9.78 -7.39 14.21
CA SER E 129 -9.48 -7.93 15.51
C SER E 129 -8.78 -9.25 15.36
N TYR E 130 -7.49 -9.33 15.74
CA TYR E 130 -6.80 -10.63 15.82
C TYR E 130 -7.48 -11.60 16.74
N THR E 131 -7.79 -11.14 17.96
CA THR E 131 -8.43 -11.98 18.98
C THR E 131 -9.80 -12.43 18.49
N GLY E 132 -10.46 -11.64 17.69
CA GLY E 132 -11.78 -12.07 17.31
C GLY E 132 -11.72 -13.24 16.34
N ALA E 133 -10.80 -13.17 15.38
CA ALA E 133 -10.61 -14.26 14.42
C ALA E 133 -10.36 -15.56 15.18
N ALA E 134 -9.72 -15.47 16.36
CA ALA E 134 -9.35 -16.63 17.13
C ALA E 134 -10.60 -17.17 17.76
N CYS E 135 -11.36 -16.34 18.47
CA CYS E 135 -12.68 -16.76 18.96
C CYS E 135 -13.57 -17.25 17.86
N GLY E 136 -14.43 -18.20 18.21
CA GLY E 136 -15.47 -18.67 17.31
C GLY E 136 -16.43 -17.59 16.81
N GLY E 137 -16.66 -16.53 17.56
CA GLY E 137 -17.70 -15.65 17.12
C GLY E 137 -17.63 -14.44 17.99
N VAL E 138 -18.11 -13.35 17.39
CA VAL E 138 -17.88 -12.02 17.88
C VAL E 138 -19.20 -11.31 17.87
N ILE E 139 -19.50 -10.65 18.99
CA ILE E 139 -20.68 -9.84 19.15
C ILE E 139 -20.14 -8.44 19.30
N MET E 140 -20.66 -7.46 18.56
CA MET E 140 -20.13 -6.09 18.69
C MET E 140 -21.17 -5.04 18.44
N GLY E 141 -21.16 -3.98 19.25
CA GLY E 141 -21.85 -2.75 18.92
C GLY E 141 -23.18 -2.75 19.60
N PHE E 142 -23.30 -3.56 20.63
CA PHE E 142 -24.59 -3.72 21.24
C PHE E 142 -24.72 -3.01 22.57
N GLY E 143 -23.69 -2.23 22.88
CA GLY E 143 -23.43 -1.87 24.25
C GLY E 143 -23.44 -3.12 25.13
N PRO E 144 -23.89 -2.98 26.39
CA PRO E 144 -23.79 -4.04 27.38
C PRO E 144 -24.66 -5.24 27.04
N LEU E 145 -25.85 -5.02 26.48
CA LEU E 145 -26.64 -6.12 25.94
C LEU E 145 -25.80 -7.25 25.33
N GLY E 146 -24.71 -6.92 24.63
CA GLY E 146 -23.86 -7.91 23.98
C GLY E 146 -23.28 -8.95 24.91
N TYR E 147 -23.08 -8.54 26.16
CA TYR E 147 -22.62 -9.48 27.17
C TYR E 147 -23.70 -10.53 27.46
N ASN E 148 -24.95 -10.09 27.71
CA ASN E 148 -26.01 -11.05 27.90
C ASN E 148 -26.15 -11.88 26.66
N MET E 149 -26.11 -11.25 25.51
CA MET E 149 -26.07 -11.97 24.26
C MET E 149 -25.00 -13.05 24.27
N ALA E 150 -23.86 -12.74 24.83
CA ALA E 150 -22.80 -13.72 24.91
C ALA E 150 -23.12 -14.95 25.81
N LEU E 151 -23.59 -14.69 27.04
CA LEU E 151 -24.15 -15.74 27.91
C LEU E 151 -25.13 -16.56 27.12
N MET E 152 -26.02 -15.89 26.40
CA MET E 152 -27.03 -16.59 25.66
C MET E 152 -26.39 -17.60 24.77
N ALA E 153 -25.30 -17.22 24.13
CA ALA E 153 -24.74 -18.11 23.18
C ALA E 153 -23.96 -19.21 23.87
N MET E 154 -23.19 -18.88 24.91
CA MET E 154 -22.32 -19.86 25.57
C MET E 154 -23.14 -21.04 26.08
N VAL E 155 -24.20 -20.69 26.80
CA VAL E 155 -25.25 -21.61 27.25
C VAL E 155 -25.63 -22.56 26.13
N ASN E 156 -25.95 -22.05 24.96
CA ASN E 156 -26.31 -22.90 23.86
C ASN E 156 -25.25 -23.83 23.36
N ILE E 157 -24.03 -23.36 23.21
CA ILE E 157 -22.99 -24.20 22.62
C ILE E 157 -22.60 -25.32 23.59
N LEU E 158 -22.46 -24.94 24.85
CA LEU E 158 -22.09 -25.85 25.89
C LEU E 158 -23.13 -26.94 26.04
N ALA E 159 -24.39 -26.53 25.91
CA ALA E 159 -25.51 -27.43 25.93
C ALA E 159 -25.37 -28.42 24.78
N GLU E 160 -24.99 -27.93 23.62
CA GLU E 160 -24.97 -28.74 22.40
C GLU E 160 -23.81 -29.67 22.36
N MET E 161 -22.63 -29.12 22.65
CA MET E 161 -21.41 -29.90 22.84
C MET E 161 -21.67 -31.09 23.77
N LYS E 162 -22.20 -30.79 24.96
CA LYS E 162 -22.54 -31.77 26.02
C LYS E 162 -23.48 -32.89 25.54
N ALA E 163 -24.40 -32.54 24.65
CA ALA E 163 -25.36 -33.47 24.07
C ALA E 163 -24.65 -34.48 23.19
N PHE E 164 -23.70 -33.92 22.44
CA PHE E 164 -22.93 -34.60 21.40
C PHE E 164 -21.90 -35.63 21.93
N GLN E 165 -21.12 -35.24 22.93
CA GLN E 165 -20.13 -36.13 23.57
C GLN E 165 -20.77 -37.34 24.25
N GLU E 166 -22.09 -37.25 24.45
CA GLU E 166 -22.95 -38.32 25.00
C GLU E 166 -23.66 -39.06 23.89
N ALA E 167 -23.93 -38.34 22.80
CA ALA E 167 -24.44 -38.94 21.58
C ALA E 167 -23.44 -40.00 21.08
N GLN E 168 -22.16 -39.61 20.95
CA GLN E 168 -21.06 -40.49 20.51
C GLN E 168 -20.46 -41.48 21.52
N LYS E 169 -19.89 -40.96 22.62
CA LYS E 169 -19.31 -41.83 23.69
C LYS E 169 -20.34 -42.86 24.22
N ASN E 170 -21.53 -42.87 23.59
CA ASN E 170 -22.52 -43.97 23.68
C ASN E 170 -22.46 -44.96 22.52
N ASN E 171 -22.05 -44.49 21.33
CA ASN E 171 -21.77 -45.45 20.24
C ASN E 171 -20.39 -45.31 19.58
N MET F 14 0.53 21.91 44.58
CA MET F 14 0.21 21.46 43.18
C MET F 14 1.07 20.28 42.62
N LYS F 15 0.56 19.05 42.70
CA LYS F 15 1.36 17.82 42.36
C LYS F 15 1.21 17.19 40.95
N ILE F 16 2.37 16.97 40.29
CA ILE F 16 2.48 16.44 38.90
C ILE F 16 3.17 15.08 38.75
N LEU F 17 2.57 14.21 37.93
CA LEU F 17 3.14 12.89 37.70
C LEU F 17 3.99 12.85 36.41
N VAL F 18 5.19 12.29 36.57
CA VAL F 18 6.08 11.99 35.47
C VAL F 18 6.14 10.48 35.27
N ILE F 19 5.70 10.04 34.09
CA ILE F 19 5.71 8.62 33.69
C ILE F 19 6.71 8.29 32.58
N GLN F 20 7.73 7.50 32.92
CA GLN F 20 8.81 7.10 32.00
C GLN F 20 8.58 5.69 31.54
N GLY F 21 8.67 5.46 30.23
CA GLY F 21 8.38 4.15 29.66
C GLY F 21 9.52 3.16 29.62
N PRO F 22 9.34 2.08 28.86
CA PRO F 22 10.29 1.00 28.83
C PRO F 22 11.61 1.46 28.34
N ASN F 23 12.61 0.77 28.82
CA ASN F 23 14.00 1.06 28.56
C ASN F 23 14.54 2.38 29.05
N LEU F 24 13.67 3.36 29.28
CA LEU F 24 14.15 4.67 29.73
C LEU F 24 15.09 4.64 30.94
N ASN F 25 14.91 3.64 31.80
CA ASN F 25 15.76 3.50 32.97
C ASN F 25 17.17 3.17 32.57
N MET F 26 17.37 2.75 31.33
CA MET F 26 18.67 2.28 30.95
C MET F 26 19.62 3.35 30.44
N LEU F 27 19.28 4.62 30.61
CA LEU F 27 20.14 5.69 30.09
C LEU F 27 21.48 5.79 30.81
N GLY F 28 22.60 5.82 30.07
CA GLY F 28 23.94 5.63 30.69
C GLY F 28 24.64 4.28 30.35
N HIS F 29 23.85 3.27 29.99
CA HIS F 29 24.28 2.18 29.08
C HIS F 29 23.81 2.40 27.57
N ARG F 30 22.54 2.83 27.33
CA ARG F 30 21.93 3.09 25.92
C ARG F 30 22.63 4.16 25.01
N GLY F 36 23.57 10.81 24.69
CA GLY F 36 24.75 11.02 25.55
C GLY F 36 24.79 10.31 26.93
N MET F 37 25.90 10.50 27.64
CA MET F 37 26.22 9.76 28.87
C MET F 37 25.43 10.21 30.15
N VAL F 38 24.09 10.19 30.13
CA VAL F 38 23.26 10.73 31.24
C VAL F 38 22.23 9.70 31.77
N THR F 39 22.02 9.61 33.11
CA THR F 39 20.97 8.70 33.67
C THR F 39 19.58 9.28 33.83
N LEU F 40 18.60 8.38 33.98
CA LEU F 40 17.24 8.83 34.24
C LEU F 40 17.12 9.59 35.57
N ASP F 41 17.85 9.13 36.60
CA ASP F 41 17.91 9.85 37.86
C ASP F 41 18.28 11.31 37.62
N GLN F 42 19.35 11.50 36.87
CA GLN F 42 19.83 12.84 36.57
C GLN F 42 18.78 13.67 35.84
N ILE F 43 17.98 13.02 35.03
CA ILE F 43 16.96 13.78 34.36
C ILE F 43 15.99 14.35 35.37
N HIS F 44 15.59 13.47 36.32
CA HIS F 44 14.60 13.79 37.34
C HIS F 44 15.10 14.89 38.21
N GLU F 45 16.35 14.79 38.61
CA GLU F 45 16.91 15.84 39.47
C GLU F 45 17.07 17.15 38.71
N ILE F 46 17.25 17.04 37.40
CA ILE F 46 17.29 18.24 36.58
C ILE F 46 15.97 18.95 36.71
N MET F 47 14.90 18.17 36.53
CA MET F 47 13.57 18.71 36.70
C MET F 47 13.43 19.40 38.08
N GLN F 48 13.73 18.68 39.15
CA GLN F 48 13.79 19.34 40.46
C GLN F 48 14.46 20.69 40.39
N THR F 49 15.70 20.72 39.91
CA THR F 49 16.49 21.94 39.78
C THR F 49 15.72 23.03 39.06
N PHE F 50 15.02 22.69 38.00
CA PHE F 50 14.18 23.66 37.32
C PHE F 50 13.02 24.21 38.17
N VAL F 51 12.40 23.36 39.01
CA VAL F 51 11.26 23.74 39.89
C VAL F 51 11.79 24.40 41.14
N LYS F 52 12.71 23.67 41.79
CA LYS F 52 13.40 24.12 43.00
C LYS F 52 13.96 25.50 42.77
N GLN F 53 14.29 25.77 41.51
CA GLN F 53 14.79 27.04 41.06
C GLN F 53 13.63 27.94 40.58
N GLY F 54 12.83 27.49 39.62
CA GLY F 54 11.75 28.34 39.09
C GLY F 54 10.76 28.81 40.13
N ASN F 55 10.99 28.37 41.37
CA ASN F 55 10.19 28.72 42.54
C ASN F 55 8.71 28.35 42.43
N LEU F 56 8.40 27.38 41.58
CA LEU F 56 7.04 27.02 41.27
C LEU F 56 6.54 26.03 42.33
N ASP F 57 5.34 26.24 42.89
CA ASP F 57 4.73 25.29 43.84
C ASP F 57 4.34 24.01 43.11
N VAL F 58 5.27 23.03 43.02
CA VAL F 58 5.07 21.76 42.28
C VAL F 58 5.70 20.52 42.96
N GLU F 59 4.84 19.61 43.42
CA GLU F 59 5.25 18.30 43.94
C GLU F 59 5.38 17.42 42.71
N LEU F 60 6.56 16.86 42.45
CA LEU F 60 6.71 15.93 41.33
C LEU F 60 6.84 14.54 41.86
N GLU F 61 6.32 13.59 41.11
CA GLU F 61 6.57 12.18 41.38
C GLU F 61 7.09 11.48 40.11
N PHE F 62 8.08 10.62 40.29
CA PHE F 62 8.59 9.87 39.16
C PHE F 62 8.25 8.39 39.24
N PHE F 63 7.76 7.88 38.11
CA PHE F 63 7.44 6.46 37.98
C PHE F 63 7.95 6.00 36.61
N GLN F 64 8.76 4.95 36.63
CA GLN F 64 9.31 4.38 35.41
C GLN F 64 8.86 2.92 35.36
N THR F 65 8.57 2.38 34.18
CA THR F 65 8.17 0.98 34.07
C THR F 65 8.43 0.49 32.67
N ASN F 66 8.68 -0.80 32.57
CA ASN F 66 8.76 -1.42 31.29
C ASN F 66 7.44 -2.07 30.95
N PHE F 67 6.40 -1.84 31.74
CA PHE F 67 5.10 -2.52 31.52
C PHE F 67 3.98 -1.63 30.94
N GLU F 68 3.47 -1.98 29.76
CA GLU F 68 2.32 -1.26 29.22
C GLU F 68 1.20 -1.15 30.32
N GLY F 69 0.83 -2.28 30.91
CA GLY F 69 -0.21 -2.31 31.94
C GLY F 69 0.03 -1.39 33.12
N GLU F 70 1.29 -1.23 33.51
CA GLU F 70 1.59 -0.33 34.59
C GLU F 70 1.44 1.16 34.29
N ILE F 71 1.67 1.55 33.04
CA ILE F 71 1.41 2.92 32.65
C ILE F 71 -0.12 3.11 32.70
N ILE F 72 -0.86 2.18 32.13
CA ILE F 72 -2.30 2.25 32.15
C ILE F 72 -2.80 2.27 33.59
N ASP F 73 -2.31 1.37 34.42
CA ASP F 73 -2.72 1.45 35.81
C ASP F 73 -2.44 2.87 36.39
N LYS F 74 -1.25 3.40 36.13
CA LYS F 74 -0.83 4.58 36.84
C LYS F 74 -1.64 5.77 36.39
N ILE F 75 -2.01 5.80 35.13
CA ILE F 75 -2.84 6.88 34.64
C ILE F 75 -4.22 6.78 35.24
N GLN F 76 -4.75 5.56 35.29
CA GLN F 76 -6.06 5.31 35.88
C GLN F 76 -6.08 5.69 37.34
N GLU F 77 -4.95 5.50 38.02
CA GLU F 77 -4.80 5.92 39.41
C GLU F 77 -4.73 7.43 39.59
N SER F 78 -4.28 8.17 38.59
CA SER F 78 -4.18 9.64 38.66
C SER F 78 -5.53 10.30 38.90
N VAL F 79 -6.55 9.73 38.26
CA VAL F 79 -7.95 10.21 38.30
C VAL F 79 -8.44 10.55 39.74
N GLY F 80 -7.68 10.16 40.77
CA GLY F 80 -7.92 10.59 42.18
C GLY F 80 -7.10 11.83 42.53
N SER F 81 -7.80 12.79 43.15
CA SER F 81 -7.31 14.19 43.39
C SER F 81 -5.87 14.51 42.97
N ASP F 82 -5.09 14.69 44.04
CA ASP F 82 -3.71 15.23 44.13
C ASP F 82 -2.78 15.33 42.88
N TYR F 83 -3.03 14.60 41.80
CA TYR F 83 -2.28 14.90 40.59
C TYR F 83 -3.08 15.81 39.72
N GLU F 84 -2.51 16.94 39.32
CA GLU F 84 -3.25 17.76 38.38
C GLU F 84 -2.87 17.58 36.94
N GLY F 85 -1.71 16.95 36.73
CA GLY F 85 -1.22 16.70 35.36
C GLY F 85 -0.14 15.63 35.24
N ILE F 86 0.01 15.12 34.01
CA ILE F 86 0.95 14.05 33.76
C ILE F 86 1.86 14.42 32.62
N ILE F 87 3.15 14.24 32.85
CA ILE F 87 4.12 14.30 31.77
C ILE F 87 4.55 12.87 31.49
N ILE F 88 4.69 12.49 30.21
CA ILE F 88 4.89 11.08 29.93
C ILE F 88 5.72 10.86 28.70
N ASN F 89 6.69 9.98 28.85
CA ASN F 89 7.41 9.47 27.72
C ASN F 89 7.11 7.99 27.55
N PRO F 90 6.04 7.64 26.86
CA PRO F 90 5.68 6.24 26.70
C PRO F 90 6.74 5.38 26.00
N GLY F 91 7.79 6.02 25.47
CA GLY F 91 8.91 5.33 24.83
C GLY F 91 8.35 4.54 23.72
N ALA F 92 8.89 3.34 23.53
CA ALA F 92 8.48 2.49 22.42
C ALA F 92 6.99 2.23 22.35
N PHE F 93 6.29 2.27 23.47
CA PHE F 93 4.84 2.06 23.49
C PHE F 93 4.07 3.15 22.76
N SER F 94 4.76 4.27 22.55
CA SER F 94 4.27 5.45 21.81
C SER F 94 3.72 5.04 20.44
N HIS F 95 4.44 4.16 19.79
CA HIS F 95 4.13 3.84 18.44
C HIS F 95 3.00 2.83 18.33
N THR F 96 2.74 2.09 19.40
CA THR F 96 1.95 0.84 19.29
C THR F 96 0.80 0.75 20.26
N SER F 97 0.87 1.43 21.40
CA SER F 97 -0.10 1.21 22.45
C SER F 97 -1.32 2.07 22.26
N ILE F 98 -2.31 1.54 21.54
CA ILE F 98 -3.68 2.09 21.56
C ILE F 98 -4.27 2.19 22.97
N ALA F 99 -4.01 1.17 23.81
CA ALA F 99 -4.49 1.14 25.18
C ALA F 99 -4.02 2.34 25.97
N ILE F 100 -2.72 2.62 25.98
CA ILE F 100 -2.21 3.81 26.66
C ILE F 100 -2.80 5.13 26.14
N ALA F 101 -3.07 5.19 24.87
CA ALA F 101 -3.66 6.39 24.32
C ALA F 101 -5.10 6.49 24.80
N ASP F 102 -5.83 5.37 24.69
CA ASP F 102 -7.16 5.27 25.26
C ASP F 102 -7.22 5.72 26.71
N ALA F 103 -6.18 5.38 27.47
CA ALA F 103 -6.11 5.72 28.89
C ALA F 103 -5.83 7.21 29.05
N ILE F 104 -4.81 7.71 28.36
CA ILE F 104 -4.53 9.13 28.35
C ILE F 104 -5.77 9.94 28.03
N MET F 105 -6.70 9.40 27.26
CA MET F 105 -7.87 10.20 26.97
C MET F 105 -8.91 10.31 28.04
N LEU F 106 -8.93 9.39 28.97
CA LEU F 106 -9.87 9.52 30.03
C LEU F 106 -9.19 10.19 31.19
N ALA F 107 -7.93 10.54 31.05
CA ALA F 107 -7.25 11.13 32.19
C ALA F 107 -7.99 12.42 32.64
N GLY F 108 -8.68 13.06 31.69
CA GLY F 108 -9.44 14.29 31.96
C GLY F 108 -8.65 15.30 32.75
N LYS F 109 -7.45 15.60 32.23
CA LYS F 109 -6.52 16.45 32.90
C LYS F 109 -5.32 16.42 31.99
N PRO F 110 -4.53 17.49 32.00
CA PRO F 110 -3.44 17.62 31.02
C PRO F 110 -2.43 16.45 31.00
N VAL F 111 -2.25 15.85 29.83
CA VAL F 111 -1.15 14.95 29.62
C VAL F 111 -0.29 15.51 28.48
N ILE F 112 1.00 15.60 28.74
CA ILE F 112 2.00 16.08 27.76
C ILE F 112 3.02 14.99 27.47
N GLU F 113 3.12 14.60 26.22
CA GLU F 113 4.11 13.58 25.86
C GLU F 113 5.48 14.23 25.53
N VAL F 114 6.56 13.66 26.11
CA VAL F 114 7.94 14.05 25.85
C VAL F 114 8.77 12.93 25.19
N HIS F 115 9.61 13.28 24.20
CA HIS F 115 10.60 12.36 23.60
C HIS F 115 11.99 12.94 23.62
N LEU F 116 12.95 12.08 23.93
CA LEU F 116 14.31 12.58 24.03
C LEU F 116 14.71 12.88 22.63
N THR F 117 14.46 11.91 21.73
CA THR F 117 14.77 12.04 20.28
C THR F 117 13.62 12.57 19.46
N ASN F 118 13.89 12.80 18.18
CA ASN F 118 12.92 13.33 17.21
C ASN F 118 12.40 12.18 16.45
N ILE F 119 11.27 11.59 16.85
CA ILE F 119 10.78 10.27 16.33
C ILE F 119 10.34 10.38 14.86
N GLN F 120 10.16 11.62 14.41
CA GLN F 120 10.10 11.93 12.96
C GLN F 120 11.38 11.41 12.19
N ALA F 121 12.51 11.44 12.88
CA ALA F 121 13.86 11.39 12.26
C ALA F 121 14.55 10.04 12.38
N ARG F 122 13.82 9.01 12.80
CA ARG F 122 14.37 7.67 12.85
C ARG F 122 13.64 6.76 11.92
N GLU F 123 13.40 5.51 12.28
CA GLU F 123 12.80 4.54 11.33
C GLU F 123 11.33 4.84 11.13
N GLU F 124 10.78 4.32 10.02
CA GLU F 124 9.33 4.39 9.77
C GLU F 124 8.47 4.06 10.98
N PHE F 125 8.67 2.88 11.54
CA PHE F 125 7.86 2.48 12.66
C PHE F 125 7.86 3.50 13.85
N ARG F 126 8.80 4.43 13.94
CA ARG F 126 8.66 5.30 15.08
C ARG F 126 7.88 6.56 14.77
N LYS F 127 7.51 6.78 13.49
CA LYS F 127 7.04 8.09 13.03
C LYS F 127 5.79 8.47 13.72
N ASN F 128 4.72 7.74 13.48
CA ASN F 128 3.49 7.98 14.26
C ASN F 128 3.61 7.76 15.82
N SER F 129 2.87 8.54 16.60
CA SER F 129 2.61 8.24 18.03
C SER F 129 1.12 8.19 18.34
N TYR F 130 0.60 7.04 18.75
CA TYR F 130 -0.79 6.98 19.19
C TYR F 130 -0.95 7.82 20.40
N THR F 131 -0.12 7.50 21.40
CA THR F 131 -0.14 8.19 22.67
C THR F 131 -0.02 9.69 22.48
N GLY F 132 0.76 10.11 21.47
CA GLY F 132 0.99 11.52 21.29
C GLY F 132 -0.27 12.25 20.86
N ALA F 133 -1.03 11.61 19.99
CA ALA F 133 -2.27 12.22 19.49
C ALA F 133 -3.32 12.35 20.63
N ALA F 134 -3.21 11.50 21.65
CA ALA F 134 -4.19 11.54 22.74
C ALA F 134 -3.83 12.68 23.64
N CYS F 135 -2.53 12.83 23.91
CA CYS F 135 -2.00 14.00 24.58
C CYS F 135 -2.32 15.31 23.86
N GLY F 136 -2.44 16.39 24.62
CA GLY F 136 -2.67 17.70 24.01
C GLY F 136 -1.53 18.12 23.08
N GLY F 137 -0.32 17.71 23.43
CA GLY F 137 0.81 18.23 22.73
C GLY F 137 2.02 17.46 23.11
N VAL F 138 2.99 17.54 22.22
CA VAL F 138 4.13 16.68 22.23
C VAL F 138 5.40 17.52 22.07
N ILE F 139 6.38 17.26 22.94
CA ILE F 139 7.68 17.85 22.85
C ILE F 139 8.57 16.70 22.42
N MET F 140 9.46 16.90 21.42
CA MET F 140 10.35 15.81 20.94
C MET F 140 11.67 16.30 20.36
N GLY F 141 12.72 15.52 20.56
CA GLY F 141 14.01 15.76 19.93
C GLY F 141 14.83 16.82 20.63
N PHE F 142 14.58 17.03 21.92
CA PHE F 142 15.25 18.08 22.66
C PHE F 142 16.23 17.53 23.67
N GLY F 143 16.33 16.21 23.66
CA GLY F 143 16.96 15.50 24.77
C GLY F 143 16.24 15.97 26.03
N PRO F 144 16.95 15.96 27.19
CA PRO F 144 16.33 16.08 28.49
C PRO F 144 15.68 17.41 28.65
N LEU F 145 16.32 18.46 28.14
CA LEU F 145 15.69 19.79 28.13
C LEU F 145 14.15 19.71 27.93
N GLY F 146 13.69 18.83 27.03
CA GLY F 146 12.27 18.61 26.73
C GLY F 146 11.42 18.38 27.96
N TYR F 147 11.97 17.67 28.91
CA TYR F 147 11.30 17.50 30.18
C TYR F 147 11.05 18.85 30.91
N ASN F 148 12.08 19.68 31.10
CA ASN F 148 11.88 21.02 31.67
C ASN F 148 10.86 21.80 30.83
N MET F 149 11.03 21.71 29.52
CA MET F 149 10.05 22.24 28.57
C MET F 149 8.64 21.86 29.00
N ALA F 150 8.47 20.59 29.37
CA ALA F 150 7.17 20.06 29.72
C ALA F 150 6.63 20.67 31.02
N LEU F 151 7.42 20.65 32.10
CA LEU F 151 7.11 21.40 33.33
C LEU F 151 6.66 22.80 33.00
N MET F 152 7.43 23.44 32.13
CA MET F 152 7.19 24.83 31.74
C MET F 152 5.77 24.97 31.22
N ALA F 153 5.37 24.01 30.41
CA ALA F 153 4.06 24.11 29.83
C ALA F 153 3.00 23.76 30.83
N MET F 154 3.21 22.67 31.57
CA MET F 154 2.21 22.19 32.51
C MET F 154 1.80 23.28 33.46
N VAL F 155 2.82 23.89 34.08
CA VAL F 155 2.69 25.08 34.92
C VAL F 155 1.76 26.11 34.28
N ASN F 156 2.01 26.45 33.02
CA ASN F 156 1.16 27.39 32.32
C ASN F 156 -0.30 27.01 32.14
N ILE F 157 -0.57 25.77 31.73
CA ILE F 157 -1.95 25.33 31.46
C ILE F 157 -2.78 25.25 32.73
N LEU F 158 -2.15 24.69 33.75
CA LEU F 158 -2.73 24.55 35.06
C LEU F 158 -3.04 25.90 35.65
N ALA F 159 -2.11 26.83 35.48
CA ALA F 159 -2.33 28.21 35.87
C ALA F 159 -3.58 28.81 35.20
N GLU F 160 -3.70 28.55 33.89
CA GLU F 160 -4.74 29.16 33.06
C GLU F 160 -6.11 28.57 33.33
N MET F 161 -6.18 27.22 33.30
CA MET F 161 -7.35 26.45 33.67
C MET F 161 -7.90 26.98 34.97
N LYS F 162 -7.02 27.08 35.98
CA LYS F 162 -7.31 27.56 37.35
C LYS F 162 -7.89 28.97 37.39
N ALA F 163 -7.37 29.84 36.53
CA ALA F 163 -7.86 31.20 36.38
C ALA F 163 -9.30 31.21 35.88
N PHE F 164 -9.58 30.27 34.96
CA PHE F 164 -10.84 30.16 34.20
C PHE F 164 -12.07 29.59 34.98
N GLN F 165 -11.84 28.52 35.74
CA GLN F 165 -12.89 27.92 36.56
C GLN F 165 -13.30 28.84 37.70
N GLU F 166 -12.51 29.90 37.93
CA GLU F 166 -12.81 30.99 38.90
C GLU F 166 -13.39 32.20 38.22
N ALA F 167 -13.05 32.35 36.94
CA ALA F 167 -13.65 33.37 36.07
C ALA F 167 -15.17 33.10 35.93
N GLN F 168 -15.50 31.86 35.54
CA GLN F 168 -16.89 31.37 35.39
C GLN F 168 -17.65 31.07 36.67
N LYS F 169 -17.20 30.07 37.46
CA LYS F 169 -17.86 29.68 38.74
C LYS F 169 -18.03 30.91 39.71
N ASN F 170 -17.66 32.09 39.19
CA ASN F 170 -18.04 33.40 39.73
C ASN F 170 -19.23 34.07 39.03
N ASN F 171 -19.46 33.76 37.74
CA ASN F 171 -20.67 34.21 37.05
C ASN F 171 -21.49 33.15 36.35
N GLY G 1 -37.74 0.45 -12.08
CA GLY G 1 -37.52 1.74 -11.39
C GLY G 1 -38.54 2.77 -11.85
N SER G 2 -38.27 4.03 -11.55
CA SER G 2 -39.20 5.09 -11.81
C SER G 2 -38.73 6.07 -12.84
N SER G 3 -39.69 6.78 -13.41
CA SER G 3 -39.53 7.36 -14.73
C SER G 3 -40.52 8.48 -14.95
N HIS G 4 -40.04 9.72 -15.06
CA HIS G 4 -41.01 10.83 -15.39
C HIS G 4 -40.63 11.51 -16.67
N HIS G 5 -41.59 12.21 -17.26
CA HIS G 5 -41.41 12.71 -18.62
C HIS G 5 -42.59 13.62 -18.87
N HIS G 6 -42.40 14.61 -19.73
CA HIS G 6 -43.38 15.64 -19.79
C HIS G 6 -44.22 15.75 -21.06
N HIS G 7 -43.64 15.58 -22.22
CA HIS G 7 -44.43 15.65 -23.48
C HIS G 7 -43.78 16.39 -24.65
N HIS G 8 -43.80 17.71 -24.68
CA HIS G 8 -43.17 18.42 -25.80
C HIS G 8 -44.07 18.45 -27.09
N HIS G 9 -44.09 19.57 -27.79
CA HIS G 9 -45.10 19.74 -28.79
C HIS G 9 -44.84 19.27 -30.24
N SER G 10 -43.66 19.54 -30.81
CA SER G 10 -43.55 19.45 -32.29
C SER G 10 -43.90 20.77 -33.04
N SER G 11 -42.87 21.59 -33.33
CA SER G 11 -42.99 22.83 -34.13
C SER G 11 -44.18 22.85 -35.13
N SER G 12 -32.58 23.39 -32.72
CA SER G 12 -33.35 22.16 -32.88
C SER G 12 -33.71 21.44 -31.55
N HIS G 13 -34.47 20.36 -31.67
CA HIS G 13 -35.00 19.59 -30.55
C HIS G 13 -33.95 18.65 -29.97
N MET G 14 -33.60 18.84 -28.70
CA MET G 14 -32.70 17.93 -28.05
C MET G 14 -33.39 17.11 -27.02
N LYS G 15 -33.53 15.82 -27.27
CA LYS G 15 -33.93 14.92 -26.20
C LYS G 15 -32.71 14.62 -25.26
N ILE G 16 -32.85 14.84 -23.95
CA ILE G 16 -31.83 14.47 -22.90
C ILE G 16 -32.40 13.41 -21.90
N LEU G 17 -31.53 12.47 -21.45
CA LEU G 17 -31.90 11.43 -20.47
C LEU G 17 -31.16 11.60 -19.16
N VAL G 18 -31.92 11.90 -18.11
CA VAL G 18 -31.37 11.92 -16.76
C VAL G 18 -31.51 10.58 -15.96
N ILE G 19 -30.41 10.05 -15.46
CA ILE G 19 -30.45 8.83 -14.70
C ILE G 19 -29.91 9.03 -13.32
N GLN G 20 -30.82 8.80 -12.38
CA GLN G 20 -30.65 8.87 -10.92
C GLN G 20 -30.40 7.49 -10.29
N GLY G 21 -29.25 7.35 -9.62
CA GLY G 21 -28.81 6.08 -9.07
C GLY G 21 -29.54 5.68 -7.81
N PRO G 22 -28.97 4.76 -7.00
CA PRO G 22 -29.73 4.07 -5.96
C PRO G 22 -29.83 4.95 -4.76
N ASN G 23 -30.97 4.93 -4.10
CA ASN G 23 -31.16 5.70 -2.92
C ASN G 23 -31.49 7.18 -3.10
N LEU G 24 -31.15 7.75 -4.26
CA LEU G 24 -31.57 9.12 -4.64
C LEU G 24 -33.10 9.37 -4.58
N ASN G 25 -33.86 8.31 -4.81
CA ASN G 25 -35.26 8.34 -4.61
C ASN G 25 -35.66 8.75 -3.16
N MET G 26 -34.68 8.86 -2.28
CA MET G 26 -35.02 9.05 -0.87
C MET G 26 -34.90 10.49 -0.27
N LEU G 27 -34.28 11.46 -0.95
CA LEU G 27 -34.10 12.78 -0.35
C LEU G 27 -35.45 13.35 0.11
N GLY G 28 -35.57 13.73 1.40
CA GLY G 28 -36.92 14.05 2.08
C GLY G 28 -37.29 13.52 3.50
N GLY G 36 -30.07 18.73 2.08
CA GLY G 36 -31.14 19.73 2.14
C GLY G 36 -32.39 19.22 2.88
N MET G 37 -33.56 19.86 2.61
CA MET G 37 -34.92 19.24 2.94
C MET G 37 -35.85 19.06 1.65
N VAL G 38 -35.19 19.00 0.47
CA VAL G 38 -35.71 18.87 -0.92
C VAL G 38 -35.73 17.41 -1.40
N THR G 39 -36.77 17.09 -2.19
CA THR G 39 -36.95 15.72 -2.78
C THR G 39 -36.60 15.65 -4.28
N LEU G 40 -36.47 14.42 -4.81
CA LEU G 40 -35.98 14.20 -6.20
C LEU G 40 -36.96 14.72 -7.25
N ASP G 41 -38.26 14.53 -7.02
CA ASP G 41 -39.24 15.08 -7.96
C ASP G 41 -39.04 16.53 -8.03
N GLN G 42 -38.74 17.12 -6.88
CA GLN G 42 -38.49 18.54 -6.81
C GLN G 42 -37.25 18.90 -7.60
N ILE G 43 -36.26 18.00 -7.58
CA ILE G 43 -35.04 18.28 -8.30
C ILE G 43 -35.38 18.24 -9.76
N HIS G 44 -36.27 17.36 -10.13
CA HIS G 44 -36.69 17.38 -11.52
C HIS G 44 -37.49 18.63 -11.97
N GLU G 45 -38.52 19.07 -11.24
CA GLU G 45 -39.16 20.31 -11.67
C GLU G 45 -38.15 21.47 -11.79
N ILE G 46 -37.24 21.58 -10.82
CA ILE G 46 -36.21 22.60 -10.86
C ILE G 46 -35.55 22.54 -12.26
N MET G 47 -35.14 21.33 -12.70
CA MET G 47 -34.59 21.11 -14.05
C MET G 47 -35.56 21.61 -15.16
N GLN G 48 -36.79 21.09 -15.16
CA GLN G 48 -37.77 21.44 -16.17
C GLN G 48 -37.95 22.95 -16.11
N THR G 49 -38.03 23.49 -14.89
CA THR G 49 -38.28 24.93 -14.68
C THR G 49 -37.19 25.75 -15.32
N PHE G 50 -36.01 25.17 -15.41
CA PHE G 50 -34.84 25.89 -15.85
C PHE G 50 -34.70 25.78 -17.36
N VAL G 51 -35.44 24.86 -17.95
CA VAL G 51 -35.50 24.77 -19.39
C VAL G 51 -36.64 25.60 -19.92
N LYS G 52 -37.86 25.34 -19.43
CA LYS G 52 -39.04 26.08 -19.91
C LYS G 52 -38.67 27.53 -19.77
N GLN G 53 -37.81 27.77 -18.78
CA GLN G 53 -37.45 29.11 -18.38
C GLN G 53 -36.33 29.65 -19.32
N GLY G 54 -35.20 28.92 -19.40
CA GLY G 54 -34.05 29.31 -20.26
C GLY G 54 -34.41 29.64 -21.72
N ASN G 55 -35.64 29.21 -22.09
CA ASN G 55 -36.19 29.20 -23.48
C ASN G 55 -35.53 28.15 -24.40
N LEU G 56 -35.75 26.86 -24.11
CA LEU G 56 -34.89 25.80 -24.62
C LEU G 56 -35.64 24.59 -25.15
N ASP G 57 -35.44 24.27 -26.42
CA ASP G 57 -36.10 23.10 -26.98
C ASP G 57 -35.48 21.78 -26.53
N VAL G 58 -35.67 21.52 -25.26
CA VAL G 58 -35.13 20.34 -24.61
C VAL G 58 -36.24 19.46 -24.03
N GLU G 59 -36.20 18.17 -24.30
CA GLU G 59 -37.15 17.23 -23.73
C GLU G 59 -36.42 16.36 -22.72
N LEU G 60 -36.82 16.38 -21.45
CA LEU G 60 -36.14 15.48 -20.49
C LEU G 60 -36.83 14.16 -20.27
N GLU G 61 -36.03 13.12 -19.99
CA GLU G 61 -36.61 11.92 -19.40
C GLU G 61 -35.96 11.54 -18.08
N PHE G 62 -36.81 11.39 -17.08
CA PHE G 62 -36.26 11.19 -15.75
C PHE G 62 -36.34 9.76 -15.38
N PHE G 63 -35.28 9.29 -14.70
CA PHE G 63 -35.11 7.89 -14.40
C PHE G 63 -34.33 7.59 -13.16
N GLN G 64 -35.01 7.03 -12.18
CA GLN G 64 -34.32 6.56 -11.02
C GLN G 64 -34.48 5.06 -10.79
N THR G 65 -33.41 4.44 -10.26
CA THR G 65 -33.39 3.02 -9.90
C THR G 65 -32.42 2.71 -8.81
N ASN G 66 -32.59 1.53 -8.23
CA ASN G 66 -31.74 0.97 -7.22
C ASN G 66 -30.91 -0.14 -7.82
N PHE G 67 -31.27 -0.56 -9.02
CA PHE G 67 -30.66 -1.69 -9.67
C PHE G 67 -29.59 -1.30 -10.65
N GLU G 68 -28.38 -1.79 -10.40
CA GLU G 68 -27.25 -1.51 -11.31
C GLU G 68 -27.59 -1.97 -12.78
N GLY G 69 -28.26 -3.12 -12.87
CA GLY G 69 -28.64 -3.67 -14.14
C GLY G 69 -29.56 -2.70 -14.83
N GLU G 70 -30.51 -2.17 -14.06
CA GLU G 70 -31.49 -1.25 -14.63
C GLU G 70 -30.76 -0.01 -15.09
N ILE G 71 -29.73 0.47 -14.39
CA ILE G 71 -28.98 1.54 -15.02
C ILE G 71 -28.24 1.12 -16.28
N ILE G 72 -27.68 -0.07 -16.31
CA ILE G 72 -27.03 -0.52 -17.55
C ILE G 72 -28.00 -0.65 -18.74
N ASP G 73 -29.14 -1.29 -18.49
CA ASP G 73 -30.23 -1.39 -19.42
C ASP G 73 -30.60 -0.07 -20.02
N LYS G 74 -30.75 0.95 -19.19
CA LYS G 74 -31.34 2.18 -19.67
C LYS G 74 -30.37 2.82 -20.61
N ILE G 75 -29.08 2.76 -20.31
CA ILE G 75 -28.13 3.41 -21.16
C ILE G 75 -28.14 2.67 -22.47
N GLN G 76 -28.16 1.35 -22.37
CA GLN G 76 -28.08 0.57 -23.55
C GLN G 76 -29.26 0.97 -24.41
N GLU G 77 -30.43 1.19 -23.83
CA GLU G 77 -31.61 1.59 -24.61
C GLU G 77 -31.31 2.84 -25.38
N SER G 78 -31.07 3.96 -24.71
CA SER G 78 -30.61 5.24 -25.37
C SER G 78 -29.86 5.14 -26.74
N VAL G 79 -29.00 4.14 -26.85
CA VAL G 79 -28.19 3.86 -28.04
C VAL G 79 -29.06 3.56 -29.27
N GLY G 80 -30.35 3.33 -29.07
CA GLY G 80 -31.39 3.52 -30.13
C GLY G 80 -31.62 5.02 -30.23
N SER G 81 -30.84 5.64 -31.11
CA SER G 81 -30.56 7.09 -31.08
C SER G 81 -31.83 7.98 -30.84
N ASP G 82 -32.14 8.23 -29.58
CA ASP G 82 -33.30 9.05 -29.31
C ASP G 82 -32.86 10.39 -28.78
N TYR G 83 -32.33 10.26 -27.58
CA TYR G 83 -31.69 11.35 -26.93
C TYR G 83 -30.19 11.23 -27.25
N GLU G 84 -29.52 12.36 -27.08
CA GLU G 84 -28.30 12.59 -27.76
C GLU G 84 -27.31 12.76 -26.69
N GLY G 85 -27.79 12.70 -25.43
CA GLY G 85 -26.90 12.77 -24.27
C GLY G 85 -27.50 12.36 -22.93
N ILE G 86 -26.62 11.97 -22.00
CA ILE G 86 -27.08 11.53 -20.68
C ILE G 86 -26.51 12.30 -19.45
N ILE G 87 -27.41 12.58 -18.50
CA ILE G 87 -26.98 13.14 -17.22
C ILE G 87 -27.14 12.03 -16.19
N ILE G 88 -26.07 11.68 -15.49
CA ILE G 88 -26.18 10.61 -14.55
C ILE G 88 -25.50 10.89 -13.16
N ASN G 89 -26.24 10.48 -12.13
CA ASN G 89 -25.75 10.37 -10.78
C ASN G 89 -25.85 8.91 -10.37
N PRO G 90 -24.83 8.14 -10.68
CA PRO G 90 -24.77 6.74 -10.35
C PRO G 90 -24.90 6.39 -8.86
N GLY G 91 -25.05 7.38 -7.98
CA GLY G 91 -25.01 7.12 -6.53
C GLY G 91 -23.77 6.29 -6.14
N ALA G 92 -23.91 5.57 -5.03
CA ALA G 92 -22.86 4.65 -4.57
C ALA G 92 -22.25 3.72 -5.66
N PHE G 93 -23.02 3.34 -6.68
CA PHE G 93 -22.42 2.62 -7.79
C PHE G 93 -21.26 3.39 -8.49
N SER G 94 -21.23 4.71 -8.43
CA SER G 94 -20.03 5.44 -8.89
C SER G 94 -18.72 4.76 -8.51
N HIS G 95 -18.57 4.53 -7.21
CA HIS G 95 -17.33 4.09 -6.62
C HIS G 95 -17.00 2.67 -6.91
N THR G 96 -18.00 1.83 -7.12
CA THR G 96 -17.76 0.38 -7.30
C THR G 96 -17.86 -0.11 -8.73
N SER G 97 -18.91 0.29 -9.45
CA SER G 97 -19.36 -0.35 -10.68
C SER G 97 -18.64 -0.05 -11.97
N ILE G 98 -17.62 -0.84 -12.21
CA ILE G 98 -17.01 -0.99 -13.50
C ILE G 98 -18.03 -1.27 -14.57
N ALA G 99 -19.04 -2.08 -14.28
CA ALA G 99 -19.99 -2.49 -15.33
C ALA G 99 -20.74 -1.34 -16.00
N ILE G 100 -21.03 -0.28 -15.23
CA ILE G 100 -21.68 0.93 -15.73
C ILE G 100 -20.65 1.82 -16.35
N ALA G 101 -19.49 1.87 -15.76
CA ALA G 101 -18.41 2.59 -16.39
C ALA G 101 -18.30 2.13 -17.83
N ASP G 102 -18.43 0.81 -18.03
CA ASP G 102 -18.36 0.24 -19.35
C ASP G 102 -19.54 0.62 -20.18
N ALA G 103 -20.76 0.40 -19.67
CA ALA G 103 -21.96 0.87 -20.33
C ALA G 103 -21.76 2.30 -20.83
N ILE G 104 -21.33 3.20 -19.95
CA ILE G 104 -21.06 4.60 -20.37
C ILE G 104 -20.02 4.78 -21.47
N MET G 105 -18.89 4.10 -21.38
CA MET G 105 -17.90 4.19 -22.42
C MET G 105 -18.38 3.70 -23.79
N LEU G 106 -19.48 2.96 -23.85
CA LEU G 106 -20.01 2.59 -25.17
C LEU G 106 -21.49 2.98 -25.18
N ALA G 107 -21.62 4.24 -24.77
CA ALA G 107 -22.86 4.93 -24.64
C ALA G 107 -23.17 5.59 -25.96
N GLY G 108 -22.14 5.99 -26.71
CA GLY G 108 -22.36 6.62 -27.99
C GLY G 108 -22.47 8.14 -28.00
N LYS G 109 -22.70 8.77 -26.86
CA LYS G 109 -23.02 10.21 -26.81
C LYS G 109 -22.45 10.84 -25.55
N PRO G 110 -22.44 12.17 -25.45
CA PRO G 110 -22.17 12.85 -24.22
C PRO G 110 -22.76 12.25 -22.94
N VAL G 111 -21.90 11.95 -21.97
CA VAL G 111 -22.39 11.65 -20.62
C VAL G 111 -21.80 12.60 -19.50
N ILE G 112 -22.67 13.05 -18.59
CA ILE G 112 -22.17 13.88 -17.50
C ILE G 112 -22.59 13.32 -16.16
N GLU G 113 -21.57 13.15 -15.30
CA GLU G 113 -21.83 12.67 -13.96
C GLU G 113 -22.04 13.84 -13.03
N VAL G 114 -23.09 13.71 -12.22
CA VAL G 114 -23.42 14.73 -11.24
C VAL G 114 -23.50 14.14 -9.84
N HIS G 115 -23.00 14.84 -8.83
CA HIS G 115 -23.14 14.31 -7.45
C HIS G 115 -23.57 15.41 -6.58
N LEU G 116 -24.59 15.19 -5.78
CA LEU G 116 -24.93 16.23 -4.89
C LEU G 116 -23.74 16.55 -3.98
N THR G 117 -23.19 15.58 -3.27
CA THR G 117 -22.16 15.86 -2.29
C THR G 117 -20.80 16.09 -2.96
N ASN G 118 -19.77 16.51 -2.21
CA ASN G 118 -18.45 16.57 -2.81
C ASN G 118 -17.69 15.32 -2.42
N ILE G 119 -17.60 14.36 -3.33
CA ILE G 119 -17.10 13.03 -2.92
C ILE G 119 -15.64 13.02 -2.61
N GLN G 120 -14.94 14.09 -3.03
CA GLN G 120 -13.49 14.29 -2.70
C GLN G 120 -13.38 14.39 -1.18
N ALA G 121 -14.41 15.04 -0.63
CA ALA G 121 -14.47 15.52 0.75
C ALA G 121 -15.18 14.55 1.74
N ARG G 122 -15.34 13.30 1.35
CA ARG G 122 -15.99 12.27 2.21
C ARG G 122 -15.11 11.07 2.44
N GLU G 123 -15.73 9.95 2.85
CA GLU G 123 -14.97 8.74 3.22
C GLU G 123 -13.97 8.44 2.10
N GLU G 124 -12.81 7.91 2.48
CA GLU G 124 -11.82 7.50 1.53
C GLU G 124 -12.49 6.66 0.43
N PHE G 125 -13.41 5.76 0.77
CA PHE G 125 -13.98 4.94 -0.29
C PHE G 125 -14.77 5.67 -1.38
N ARG G 126 -15.12 6.93 -1.17
CA ARG G 126 -16.07 7.57 -2.10
C ARG G 126 -15.32 8.38 -3.11
N LYS G 127 -14.02 8.41 -2.89
CA LYS G 127 -13.14 9.34 -3.59
C LYS G 127 -13.03 9.01 -5.06
N ASN G 128 -12.96 7.74 -5.45
CA ASN G 128 -12.94 7.45 -6.85
C ASN G 128 -14.33 7.16 -7.32
N SER G 129 -14.64 7.66 -8.49
CA SER G 129 -15.78 7.20 -9.27
C SER G 129 -15.24 6.64 -10.60
N TYR G 130 -15.56 5.39 -10.92
CA TYR G 130 -15.07 4.81 -12.17
C TYR G 130 -15.98 5.34 -13.25
N THR G 131 -17.27 5.40 -12.93
CA THR G 131 -18.22 5.98 -13.83
C THR G 131 -17.83 7.41 -14.23
N GLY G 132 -17.41 8.27 -13.30
CA GLY G 132 -17.07 9.67 -13.66
C GLY G 132 -15.80 9.72 -14.50
N ALA G 133 -14.96 8.70 -14.32
CA ALA G 133 -13.79 8.64 -15.14
C ALA G 133 -14.11 8.38 -16.59
N ALA G 134 -15.28 7.84 -16.84
CA ALA G 134 -15.74 7.54 -18.18
C ALA G 134 -16.71 8.57 -18.80
N CYS G 135 -17.65 9.16 -18.05
CA CYS G 135 -18.17 10.48 -18.43
C CYS G 135 -17.05 11.46 -18.80
N GLY G 136 -17.27 12.36 -19.72
CA GLY G 136 -16.20 13.28 -20.00
C GLY G 136 -16.05 14.34 -18.91
N GLY G 137 -17.15 14.56 -18.16
CA GLY G 137 -17.26 15.67 -17.19
C GLY G 137 -17.96 15.23 -15.95
N VAL G 138 -17.67 15.90 -14.86
CA VAL G 138 -18.19 15.54 -13.56
C VAL G 138 -18.45 16.80 -12.71
N ILE G 139 -19.63 16.78 -12.14
CA ILE G 139 -20.03 17.83 -11.26
C ILE G 139 -20.29 17.22 -9.91
N MET G 140 -19.76 17.85 -8.91
CA MET G 140 -20.05 17.35 -7.61
C MET G 140 -19.96 18.50 -6.64
N GLY G 141 -20.77 18.43 -5.60
CA GLY G 141 -20.58 19.31 -4.51
C GLY G 141 -21.63 20.37 -4.38
N PHE G 142 -22.49 20.46 -5.40
CA PHE G 142 -23.32 21.63 -5.58
C PHE G 142 -24.72 21.50 -5.07
N GLY G 143 -25.05 20.31 -4.59
CA GLY G 143 -26.41 20.04 -4.15
C GLY G 143 -27.21 19.97 -5.41
N PRO G 144 -28.57 20.02 -5.28
CA PRO G 144 -29.46 19.95 -6.43
C PRO G 144 -29.02 20.87 -7.56
N LEU G 145 -28.59 22.08 -7.22
CA LEU G 145 -28.03 23.05 -8.19
C LEU G 145 -27.08 22.41 -9.22
N GLY G 146 -26.34 21.40 -8.79
CA GLY G 146 -25.55 20.60 -9.70
C GLY G 146 -26.25 20.15 -10.98
N TYR G 147 -27.47 19.68 -10.88
CA TYR G 147 -28.13 19.13 -12.05
C TYR G 147 -28.30 20.15 -13.13
N ASN G 148 -28.62 21.36 -12.73
CA ASN G 148 -28.86 22.38 -13.73
C ASN G 148 -27.58 22.72 -14.42
N MET G 149 -26.48 22.63 -13.69
CA MET G 149 -25.18 22.90 -14.27
C MET G 149 -24.94 21.89 -15.35
N ALA G 150 -25.25 20.65 -15.07
CA ALA G 150 -25.12 19.57 -16.05
C ALA G 150 -26.03 19.77 -17.23
N LEU G 151 -27.15 20.46 -17.00
CA LEU G 151 -28.12 20.72 -18.03
C LEU G 151 -27.62 21.86 -18.90
N MET G 152 -27.22 22.96 -18.27
CA MET G 152 -26.65 24.06 -19.00
C MET G 152 -25.51 23.58 -19.84
N ALA G 153 -24.73 22.65 -19.31
CA ALA G 153 -23.58 22.17 -20.06
C ALA G 153 -23.98 21.29 -21.24
N MET G 154 -24.83 20.30 -20.96
CA MET G 154 -25.36 19.39 -21.98
C MET G 154 -25.91 20.09 -23.24
N VAL G 155 -26.60 21.19 -22.99
CA VAL G 155 -27.15 22.00 -24.04
C VAL G 155 -26.04 22.44 -24.98
N ASN G 156 -24.95 22.93 -24.38
CA ASN G 156 -23.88 23.60 -25.13
C ASN G 156 -23.07 22.63 -25.90
N ILE G 157 -22.98 21.44 -25.35
CA ILE G 157 -22.17 20.38 -25.92
C ILE G 157 -22.79 19.96 -27.22
N LEU G 158 -24.08 19.62 -27.12
CA LEU G 158 -24.89 19.13 -28.21
C LEU G 158 -24.97 20.15 -29.29
N ALA G 159 -25.41 21.33 -28.90
CA ALA G 159 -25.41 22.46 -29.78
C ALA G 159 -24.17 22.46 -30.66
N GLU G 160 -23.02 22.33 -30.02
CA GLU G 160 -21.77 22.62 -30.67
C GLU G 160 -21.44 21.49 -31.60
N MET G 161 -21.78 20.29 -31.16
CA MET G 161 -21.72 19.11 -32.01
C MET G 161 -22.56 19.26 -33.33
N LYS G 162 -23.81 19.76 -33.22
CA LYS G 162 -24.76 19.93 -34.37
C LYS G 162 -24.11 20.85 -35.37
N ALA G 163 -23.75 22.02 -34.87
CA ALA G 163 -22.90 23.00 -35.57
C ALA G 163 -21.61 22.41 -36.23
N PHE G 164 -21.13 21.28 -35.70
CA PHE G 164 -19.90 20.64 -36.16
C PHE G 164 -20.17 19.54 -37.21
N GLN G 165 -21.28 18.80 -37.03
CA GLN G 165 -21.68 17.71 -37.92
C GLN G 165 -22.14 18.29 -39.20
N GLU G 166 -22.70 19.51 -39.09
CA GLU G 166 -22.94 20.40 -40.22
C GLU G 166 -21.64 21.11 -40.72
N ALA G 167 -20.56 21.06 -39.91
CA ALA G 167 -19.20 21.61 -40.27
C ALA G 167 -18.46 20.78 -41.31
N GLN G 168 -18.02 19.58 -40.92
CA GLN G 168 -17.34 18.67 -41.85
C GLN G 168 -18.22 18.16 -43.04
N LYS G 169 -19.52 17.87 -42.79
CA LYS G 169 -20.48 17.36 -43.84
C LYS G 169 -20.94 18.39 -44.91
N ASN G 170 -19.96 19.09 -45.49
CA ASN G 170 -20.15 19.94 -46.68
C ASN G 170 -18.98 19.87 -47.65
N ASN G 171 -17.85 19.43 -47.14
CA ASN G 171 -16.61 19.42 -47.90
C ASN G 171 -15.66 18.28 -47.52
N MET H 14 -46.06 -6.42 17.17
CA MET H 14 -44.69 -5.87 16.81
C MET H 14 -43.87 -6.59 15.68
N LYS H 15 -43.88 -6.07 14.44
CA LYS H 15 -43.40 -6.81 13.23
C LYS H 15 -41.96 -6.53 12.73
N ILE H 16 -41.11 -7.57 12.62
CA ILE H 16 -39.67 -7.51 12.21
C ILE H 16 -39.27 -8.14 10.86
N LEU H 17 -38.53 -7.42 10.06
CA LEU H 17 -38.07 -7.94 8.77
C LEU H 17 -36.73 -8.61 8.84
N VAL H 18 -36.68 -9.82 8.26
CA VAL H 18 -35.45 -10.58 8.13
C VAL H 18 -35.07 -10.66 6.65
N ILE H 19 -33.86 -10.15 6.35
CA ILE H 19 -33.38 -10.02 4.98
C ILE H 19 -32.12 -10.87 4.78
N GLN H 20 -32.30 -11.98 4.04
CA GLN H 20 -31.19 -12.90 3.60
C GLN H 20 -30.62 -12.61 2.20
N GLY H 21 -29.29 -12.52 2.12
CA GLY H 21 -28.61 -12.06 0.93
C GLY H 21 -28.26 -13.16 -0.04
N PRO H 22 -27.45 -12.82 -1.03
CA PRO H 22 -27.13 -13.79 -2.05
C PRO H 22 -26.53 -15.10 -1.50
N ASN H 23 -26.84 -16.13 -2.27
CA ASN H 23 -26.50 -17.49 -2.07
C ASN H 23 -27.05 -18.12 -0.84
N LEU H 24 -27.44 -17.28 0.14
CA LEU H 24 -27.97 -17.83 1.40
C LEU H 24 -29.10 -18.90 1.30
N ASN H 25 -29.88 -18.84 0.22
CA ASN H 25 -30.92 -19.80 -0.05
C ASN H 25 -30.32 -21.14 -0.40
N MET H 26 -29.03 -21.19 -0.72
CA MET H 26 -28.46 -22.45 -1.14
C MET H 26 -27.97 -23.33 -0.01
N LEU H 27 -28.34 -23.08 1.22
CA LEU H 27 -27.81 -23.85 2.32
C LEU H 27 -28.42 -25.27 2.32
N GLY H 28 -27.58 -26.32 2.40
CA GLY H 28 -28.03 -27.70 2.18
C GLY H 28 -27.35 -28.31 0.94
N HIS H 29 -26.97 -27.46 -0.02
CA HIS H 29 -25.88 -27.79 -0.99
C HIS H 29 -24.48 -27.10 -0.61
N ARG H 30 -24.48 -25.80 -0.21
CA ARG H 30 -23.25 -24.99 0.24
C ARG H 30 -22.33 -25.59 1.36
N GLY H 36 -22.50 -26.67 8.08
CA GLY H 36 -23.13 -28.00 8.00
C GLY H 36 -24.47 -28.18 7.25
N MET H 37 -25.07 -29.37 7.40
CA MET H 37 -26.17 -29.78 6.52
C MET H 37 -27.57 -29.16 6.83
N VAL H 38 -27.74 -27.84 6.79
CA VAL H 38 -29.00 -27.11 7.24
C VAL H 38 -29.57 -26.09 6.18
N THR H 39 -30.90 -26.10 5.92
CA THR H 39 -31.52 -25.12 4.97
C THR H 39 -31.88 -23.75 5.53
N LEU H 40 -32.06 -22.79 4.63
CA LEU H 40 -32.54 -21.48 5.06
C LEU H 40 -33.91 -21.53 5.70
N ASP H 41 -34.82 -22.31 5.13
CA ASP H 41 -36.15 -22.56 5.75
C ASP H 41 -36.08 -22.97 7.23
N GLN H 42 -35.20 -23.91 7.49
CA GLN H 42 -34.97 -24.39 8.84
C GLN H 42 -34.49 -23.26 9.72
N ILE H 43 -33.62 -22.42 9.18
CA ILE H 43 -33.15 -21.29 9.98
C ILE H 43 -34.37 -20.44 10.40
N HIS H 44 -35.20 -20.11 9.42
CA HIS H 44 -36.36 -19.32 9.69
C HIS H 44 -37.33 -19.96 10.71
N GLU H 45 -37.61 -21.25 10.52
CA GLU H 45 -38.48 -21.87 11.49
C GLU H 45 -37.82 -21.93 12.87
N ILE H 46 -36.49 -21.91 12.90
CA ILE H 46 -35.84 -21.93 14.19
C ILE H 46 -36.23 -20.66 14.90
N MET H 47 -36.04 -19.57 14.19
CA MET H 47 -36.42 -18.28 14.71
C MET H 47 -37.83 -18.34 15.26
N GLN H 48 -38.76 -18.76 14.42
CA GLN H 48 -40.12 -18.91 14.90
C GLN H 48 -40.08 -19.61 16.24
N THR H 49 -39.50 -20.80 16.29
CA THR H 49 -39.47 -21.60 17.53
C THR H 49 -38.99 -20.80 18.71
N PHE H 50 -37.98 -19.96 18.49
CA PHE H 50 -37.47 -19.05 19.51
C PHE H 50 -38.44 -17.96 19.99
N VAL H 51 -39.18 -17.39 19.03
CA VAL H 51 -40.30 -16.46 19.30
C VAL H 51 -41.52 -17.17 19.82
N LYS H 52 -41.97 -18.17 19.04
CA LYS H 52 -43.14 -19.03 19.33
C LYS H 52 -43.00 -19.58 20.73
N GLN H 53 -41.75 -19.76 21.13
CA GLN H 53 -41.42 -20.20 22.46
C GLN H 53 -41.19 -19.00 23.40
N GLY H 54 -40.31 -18.06 23.05
CA GLY H 54 -39.99 -16.91 23.92
C GLY H 54 -41.20 -16.09 24.35
N ASN H 55 -42.37 -16.50 23.85
CA ASN H 55 -43.64 -15.81 24.06
C ASN H 55 -43.64 -14.32 23.73
N LEU H 56 -42.79 -13.94 22.78
CA LEU H 56 -42.54 -12.52 22.41
C LEU H 56 -43.53 -12.13 21.29
N ASP H 57 -44.24 -10.99 21.43
CA ASP H 57 -45.22 -10.49 20.38
C ASP H 57 -44.38 -9.98 19.20
N VAL H 58 -44.07 -10.88 18.26
CA VAL H 58 -43.24 -10.58 17.11
C VAL H 58 -43.76 -11.26 15.83
N GLU H 59 -44.29 -10.46 14.90
CA GLU H 59 -44.55 -10.91 13.54
C GLU H 59 -43.15 -10.94 12.85
N LEU H 60 -42.73 -12.07 12.28
CA LEU H 60 -41.54 -12.06 11.46
C LEU H 60 -41.85 -12.20 9.99
N GLU H 61 -41.04 -11.61 9.11
CA GLU H 61 -41.19 -11.86 7.69
C GLU H 61 -39.85 -12.16 7.16
N PHE H 62 -39.81 -13.14 6.26
CA PHE H 62 -38.54 -13.50 5.64
C PHE H 62 -38.44 -13.07 4.18
N PHE H 63 -37.31 -12.48 3.82
CA PHE H 63 -37.06 -12.17 2.43
C PHE H 63 -35.60 -12.49 2.10
N GLN H 64 -35.39 -13.26 1.03
CA GLN H 64 -34.07 -13.65 0.61
C GLN H 64 -33.95 -13.22 -0.82
N THR H 65 -32.77 -12.76 -1.25
CA THR H 65 -32.60 -12.35 -2.65
C THR H 65 -31.20 -12.47 -3.04
N ASN H 66 -30.95 -12.62 -4.33
CA ASN H 66 -29.59 -12.56 -4.83
C ASN H 66 -29.33 -11.22 -5.49
N PHE H 67 -30.21 -10.24 -5.27
CA PHE H 67 -30.10 -8.92 -5.92
C PHE H 67 -29.77 -7.78 -4.96
N GLU H 68 -28.65 -7.12 -5.22
CA GLU H 68 -28.31 -5.93 -4.48
C GLU H 68 -29.52 -4.96 -4.48
N GLY H 69 -30.05 -4.64 -5.64
CA GLY H 69 -31.19 -3.74 -5.69
C GLY H 69 -32.39 -4.13 -4.82
N GLU H 70 -32.65 -5.42 -4.71
CA GLU H 70 -33.82 -5.84 -4.01
C GLU H 70 -33.70 -5.72 -2.54
N ILE H 71 -32.47 -5.81 -2.04
CA ILE H 71 -32.20 -5.49 -0.65
C ILE H 71 -32.49 -3.97 -0.45
N ILE H 72 -31.96 -3.16 -1.36
CA ILE H 72 -32.11 -1.73 -1.24
C ILE H 72 -33.61 -1.42 -1.23
N ASP H 73 -34.33 -1.93 -2.23
CA ASP H 73 -35.77 -1.67 -2.36
C ASP H 73 -36.45 -2.12 -1.08
N LYS H 74 -36.04 -3.27 -0.53
CA LYS H 74 -36.78 -3.81 0.59
C LYS H 74 -36.60 -2.91 1.80
N ILE H 75 -35.37 -2.50 2.05
CA ILE H 75 -35.06 -1.55 3.14
C ILE H 75 -35.82 -0.22 3.00
N GLN H 76 -35.77 0.35 1.81
CA GLN H 76 -36.52 1.52 1.53
C GLN H 76 -37.98 1.29 1.81
N GLU H 77 -38.50 0.08 1.57
CA GLU H 77 -39.94 -0.17 1.76
C GLU H 77 -40.29 -0.29 3.20
N SER H 78 -39.33 -0.63 4.04
CA SER H 78 -39.54 -0.76 5.48
C SER H 78 -40.02 0.54 6.11
N VAL H 79 -39.41 1.63 5.64
CA VAL H 79 -39.70 3.01 6.13
C VAL H 79 -41.19 3.35 6.34
N GLY H 80 -42.08 2.44 5.90
CA GLY H 80 -43.54 2.49 6.14
C GLY H 80 -43.91 1.59 7.31
N SER H 81 -44.68 2.19 8.21
CA SER H 81 -45.01 1.69 9.58
C SER H 81 -44.48 0.34 9.92
N ASP H 82 -45.47 -0.56 9.98
CA ASP H 82 -45.46 -1.93 10.49
C ASP H 82 -44.13 -2.68 10.72
N TYR H 83 -43.03 -2.33 10.05
CA TYR H 83 -41.76 -2.95 10.45
C TYR H 83 -41.06 -2.09 11.46
N GLU H 84 -40.73 -2.62 12.63
CA GLU H 84 -40.00 -1.78 13.55
C GLU H 84 -38.55 -2.03 13.51
N GLY H 85 -38.10 -3.16 12.94
CA GLY H 85 -36.64 -3.46 12.84
C GLY H 85 -36.24 -4.47 11.79
N ILE H 86 -34.96 -4.46 11.47
CA ILE H 86 -34.44 -5.32 10.41
C ILE H 86 -33.23 -6.11 10.88
N ILE H 87 -33.26 -7.42 10.64
CA ILE H 87 -32.12 -8.28 10.84
C ILE H 87 -31.72 -8.62 9.41
N ILE H 88 -30.41 -8.65 9.14
CA ILE H 88 -30.03 -8.72 7.77
C ILE H 88 -28.72 -9.39 7.60
N ASN H 89 -28.64 -10.34 6.68
CA ASN H 89 -27.39 -10.96 6.38
C ASN H 89 -27.08 -10.62 4.95
N PRO H 90 -26.42 -9.47 4.71
CA PRO H 90 -26.13 -9.05 3.31
C PRO H 90 -25.31 -10.03 2.54
N GLY H 91 -24.78 -11.02 3.23
CA GLY H 91 -23.86 -11.97 2.58
C GLY H 91 -22.70 -11.26 1.87
N ALA H 92 -22.22 -11.86 0.79
CA ALA H 92 -21.20 -11.21 -0.06
C ALA H 92 -21.28 -9.66 -0.22
N PHE H 93 -22.50 -9.13 -0.21
CA PHE H 93 -22.71 -7.74 -0.48
C PHE H 93 -22.22 -6.94 0.70
N SER H 94 -22.10 -7.66 1.84
CA SER H 94 -21.50 -7.10 3.08
C SER H 94 -20.19 -6.34 2.80
N HIS H 95 -19.32 -6.94 2.00
CA HIS H 95 -18.00 -6.44 1.84
C HIS H 95 -17.83 -5.35 0.78
N THR H 96 -18.86 -5.16 -0.05
CA THR H 96 -18.69 -4.37 -1.24
C THR H 96 -19.76 -3.35 -1.38
N SER H 97 -20.96 -3.64 -0.91
CA SER H 97 -22.14 -2.77 -1.21
C SER H 97 -22.24 -1.42 -0.42
N ILE H 98 -21.62 -0.37 -0.92
CA ILE H 98 -21.81 0.93 -0.28
C ILE H 98 -23.26 1.32 -0.33
N ALA H 99 -23.94 1.02 -1.43
CA ALA H 99 -25.36 1.27 -1.55
C ALA H 99 -26.15 0.69 -0.41
N ILE H 100 -26.09 -0.61 -0.18
CA ILE H 100 -26.87 -1.17 0.89
C ILE H 100 -26.51 -0.52 2.23
N ALA H 101 -25.28 -0.02 2.36
CA ALA H 101 -24.91 0.54 3.65
C ALA H 101 -25.55 1.88 3.78
N ASP H 102 -25.47 2.62 2.70
CA ASP H 102 -26.23 3.85 2.64
C ASP H 102 -27.73 3.66 2.92
N ALA H 103 -28.29 2.53 2.47
CA ALA H 103 -29.71 2.26 2.63
C ALA H 103 -30.01 2.02 4.08
N ILE H 104 -29.20 1.18 4.68
CA ILE H 104 -29.35 0.86 6.08
C ILE H 104 -29.31 2.12 6.90
N MET H 105 -28.56 3.10 6.45
CA MET H 105 -28.46 4.27 7.26
C MET H 105 -29.62 5.22 7.19
N LEU H 106 -30.50 5.10 6.21
CA LEU H 106 -31.69 5.91 6.26
C LEU H 106 -32.87 5.09 6.76
N ALA H 107 -32.68 3.82 7.10
CA ALA H 107 -33.80 3.03 7.58
C ALA H 107 -34.46 3.65 8.81
N GLY H 108 -33.66 4.45 9.57
CA GLY H 108 -34.04 5.15 10.80
C GLY H 108 -34.80 4.23 11.75
N LYS H 109 -34.18 3.15 12.17
CA LYS H 109 -34.85 2.10 12.92
C LYS H 109 -33.79 0.98 12.94
N PRO H 110 -33.78 0.18 14.00
CA PRO H 110 -32.69 -0.72 14.24
C PRO H 110 -32.44 -1.68 13.08
N VAL H 111 -31.21 -1.73 12.61
CA VAL H 111 -30.75 -2.79 11.71
C VAL H 111 -29.62 -3.60 12.37
N ILE H 112 -29.76 -4.92 12.41
CA ILE H 112 -28.76 -5.77 12.99
C ILE H 112 -28.21 -6.67 11.90
N GLU H 113 -26.89 -6.63 11.72
CA GLU H 113 -26.30 -7.55 10.78
C GLU H 113 -25.98 -8.92 11.43
N VAL H 114 -26.22 -10.02 10.70
CA VAL H 114 -25.85 -11.38 11.14
C VAL H 114 -24.98 -12.10 10.14
N HIS H 115 -23.95 -12.77 10.60
CA HIS H 115 -23.19 -13.62 9.76
C HIS H 115 -23.10 -15.05 10.28
N LEU H 116 -23.28 -16.01 9.39
CA LEU H 116 -23.16 -17.36 9.82
C LEU H 116 -21.74 -17.60 10.33
N THR H 117 -20.80 -17.26 9.46
CA THR H 117 -19.38 -17.39 9.75
C THR H 117 -18.80 -16.15 10.40
N ASN H 118 -17.51 -16.23 10.76
CA ASN H 118 -16.76 -15.16 11.41
C ASN H 118 -15.93 -14.56 10.31
N ILE H 119 -16.42 -13.50 9.67
CA ILE H 119 -15.79 -12.96 8.46
C ILE H 119 -14.37 -12.34 8.68
N GLN H 120 -14.05 -12.10 9.96
CA GLN H 120 -12.67 -11.82 10.40
C GLN H 120 -11.75 -12.99 9.98
N ALA H 121 -12.32 -14.20 9.98
CA ALA H 121 -11.59 -15.51 9.93
C ALA H 121 -11.44 -16.20 8.56
N ARG H 122 -11.78 -15.49 7.49
CA ARG H 122 -11.64 -16.03 6.14
C ARG H 122 -10.66 -15.17 5.34
N GLU H 123 -10.96 -14.94 4.07
CA GLU H 123 -10.00 -14.25 3.19
C GLU H 123 -10.02 -12.77 3.52
N GLU H 124 -8.90 -12.08 3.19
CA GLU H 124 -8.86 -10.59 3.24
C GLU H 124 -10.14 -9.88 2.81
N PHE H 125 -10.52 -10.07 1.54
CA PHE H 125 -11.75 -9.43 1.05
C PHE H 125 -12.99 -9.62 1.93
N ARG H 126 -13.07 -10.59 2.80
CA ARG H 126 -14.31 -10.57 3.58
C ARG H 126 -14.17 -9.79 4.85
N LYS H 127 -12.96 -9.35 5.20
CA LYS H 127 -12.72 -8.81 6.55
C LYS H 127 -13.60 -7.62 6.93
N ASN H 128 -13.39 -6.45 6.32
CA ASN H 128 -14.36 -5.38 6.48
C ASN H 128 -15.81 -5.75 5.99
N SER H 129 -16.83 -5.23 6.67
CA SER H 129 -18.20 -5.11 6.15
C SER H 129 -18.66 -3.64 6.13
N TYR H 130 -18.91 -3.08 4.96
CA TYR H 130 -19.58 -1.78 4.85
C TYR H 130 -20.96 -1.76 5.52
N THR H 131 -21.82 -2.71 5.16
CA THR H 131 -23.15 -2.80 5.74
C THR H 131 -23.06 -2.97 7.25
N GLY H 132 -22.03 -3.58 7.74
CA GLY H 132 -22.04 -3.79 9.17
C GLY H 132 -21.79 -2.51 9.95
N ALA H 133 -20.90 -1.67 9.42
CA ALA H 133 -20.61 -0.42 10.02
C ALA H 133 -21.92 0.40 10.04
N ALA H 134 -22.75 0.21 9.03
CA ALA H 134 -24.00 0.98 8.95
C ALA H 134 -24.95 0.51 10.02
N CYS H 135 -25.22 -0.78 10.13
CA CYS H 135 -25.92 -1.31 11.30
C CYS H 135 -25.28 -0.94 12.62
N GLY H 136 -26.15 -0.79 13.62
CA GLY H 136 -25.74 -0.61 15.01
C GLY H 136 -24.88 -1.74 15.59
N GLY H 137 -25.05 -2.97 15.13
CA GLY H 137 -24.27 -4.01 15.73
C GLY H 137 -24.35 -5.24 14.88
N VAL H 138 -23.29 -6.05 15.05
CA VAL H 138 -23.05 -7.19 14.21
C VAL H 138 -22.82 -8.40 15.07
N ILE H 139 -23.51 -9.48 14.69
CA ILE H 139 -23.35 -10.79 15.28
C ILE H 139 -22.64 -11.63 14.21
N MET H 140 -21.61 -12.39 14.54
CA MET H 140 -20.96 -13.16 13.51
C MET H 140 -20.29 -14.38 14.06
N GLY H 141 -20.36 -15.47 13.30
CA GLY H 141 -19.57 -16.67 13.53
C GLY H 141 -20.28 -17.60 14.45
N PHE H 142 -21.60 -17.45 14.55
CA PHE H 142 -22.31 -18.26 15.51
C PHE H 142 -23.11 -19.36 14.86
N GLY H 143 -22.90 -19.54 13.56
CA GLY H 143 -23.88 -20.24 12.72
C GLY H 143 -25.28 -19.67 12.95
N PRO H 144 -26.31 -20.53 12.87
CA PRO H 144 -27.69 -20.06 12.88
C PRO H 144 -28.07 -19.44 14.21
N LEU H 145 -27.61 -20.00 15.33
CA LEU H 145 -27.76 -19.37 16.62
C LEU H 145 -27.70 -17.82 16.58
N GLY H 146 -26.86 -17.23 15.75
CA GLY H 146 -26.77 -15.78 15.64
C GLY H 146 -28.07 -15.08 15.25
N TYR H 147 -28.88 -15.77 14.48
CA TYR H 147 -30.17 -15.23 14.15
C TYR H 147 -31.06 -15.13 15.40
N ASN H 148 -31.16 -16.19 16.22
CA ASN H 148 -31.89 -16.09 17.47
C ASN H 148 -31.25 -15.03 18.31
N MET H 149 -29.94 -15.04 18.40
CA MET H 149 -29.22 -13.95 19.02
C MET H 149 -29.70 -12.59 18.58
N ALA H 150 -29.97 -12.47 17.30
CA ALA H 150 -30.42 -11.19 16.77
C ALA H 150 -31.83 -10.74 17.22
N LEU H 151 -32.78 -11.69 17.15
CA LEU H 151 -34.11 -11.55 17.71
C LEU H 151 -33.98 -11.10 19.15
N MET H 152 -33.14 -11.81 19.90
CA MET H 152 -32.90 -11.48 21.30
C MET H 152 -32.60 -10.03 21.45
N ALA H 153 -31.67 -9.53 20.63
CA ALA H 153 -31.29 -8.15 20.75
C ALA H 153 -32.43 -7.25 20.32
N MET H 154 -33.00 -7.47 19.12
CA MET H 154 -34.02 -6.56 18.57
C MET H 154 -35.11 -6.27 19.60
N VAL H 155 -35.66 -7.36 20.15
CA VAL H 155 -36.65 -7.37 21.25
C VAL H 155 -36.24 -6.40 22.36
N ASN H 156 -34.97 -6.45 22.76
CA ASN H 156 -34.47 -5.57 23.80
C ASN H 156 -34.39 -4.12 23.43
N ILE H 157 -33.95 -3.84 22.21
CA ILE H 157 -33.76 -2.45 21.80
C ILE H 157 -35.11 -1.75 21.59
N LEU H 158 -36.00 -2.50 20.94
CA LEU H 158 -37.32 -2.04 20.67
C LEU H 158 -38.07 -1.77 21.97
N ALA H 159 -37.86 -2.66 22.94
CA ALA H 159 -38.47 -2.55 24.25
C ALA H 159 -38.02 -1.26 24.89
N GLU H 160 -36.73 -0.98 24.78
CA GLU H 160 -36.10 0.14 25.48
C GLU H 160 -36.45 1.48 24.89
N MET H 161 -36.32 1.56 23.57
CA MET H 161 -36.76 2.70 22.76
C MET H 161 -38.17 3.07 23.15
N LYS H 162 -39.07 2.06 23.11
CA LYS H 162 -40.50 2.20 23.43
C LYS H 162 -40.74 2.77 24.83
N ALA H 163 -39.88 2.41 25.76
CA ALA H 163 -39.97 2.87 27.14
C ALA H 163 -39.65 4.34 27.23
N PHE H 164 -38.64 4.71 26.43
CA PHE H 164 -38.04 6.02 26.43
C PHE H 164 -38.91 7.14 25.78
N GLN H 165 -39.52 6.84 24.63
CA GLN H 165 -40.41 7.77 23.93
C GLN H 165 -41.65 8.06 24.75
N GLU H 166 -41.88 7.24 25.77
CA GLU H 166 -42.96 7.40 26.74
C GLU H 166 -42.48 8.05 28.02
N ALA H 167 -41.19 7.84 28.31
CA ALA H 167 -40.53 8.51 29.41
C ALA H 167 -40.54 10.02 29.12
N GLN H 168 -40.10 10.40 27.92
CA GLN H 168 -40.07 11.81 27.47
C GLN H 168 -41.39 12.48 27.02
N LYS H 169 -42.03 11.94 25.96
CA LYS H 169 -43.33 12.48 25.47
C LYS H 169 -44.41 12.53 26.60
N ASN H 170 -43.97 12.19 27.83
CA ASN H 170 -44.69 12.46 29.08
C ASN H 170 -44.21 13.72 29.82
N ASN H 171 -42.94 14.07 29.67
CA ASN H 171 -42.46 15.39 30.18
C ASN H 171 -41.71 16.26 29.16
N MET I 14 -26.85 -34.25 -23.98
CA MET I 14 -25.90 -33.51 -23.04
C MET I 14 -25.92 -31.93 -23.09
N LYS I 15 -26.70 -31.29 -22.20
CA LYS I 15 -27.00 -29.82 -22.30
C LYS I 15 -26.15 -28.83 -21.46
N ILE I 16 -25.57 -27.84 -22.15
CA ILE I 16 -24.63 -26.83 -21.57
C ILE I 16 -25.12 -25.37 -21.57
N LEU I 17 -24.88 -24.68 -20.46
CA LEU I 17 -25.32 -23.30 -20.33
C LEU I 17 -24.19 -22.32 -20.58
N VAL I 18 -24.50 -21.35 -21.44
CA VAL I 18 -23.62 -20.23 -21.71
C VAL I 18 -24.22 -18.97 -21.12
N ILE I 19 -23.52 -18.39 -20.17
CA ILE I 19 -23.91 -17.16 -19.49
C ILE I 19 -23.01 -15.97 -19.84
N GLN I 20 -23.62 -15.00 -20.54
CA GLN I 20 -22.98 -13.75 -20.97
C GLN I 20 -23.32 -12.57 -20.05
N GLY I 21 -22.30 -11.83 -19.64
CA GLY I 21 -22.53 -10.79 -18.67
C GLY I 21 -22.80 -9.41 -19.23
N PRO I 22 -22.72 -8.41 -18.36
CA PRO I 22 -23.11 -7.09 -18.74
C PRO I 22 -22.33 -6.60 -19.93
N ASN I 23 -23.00 -5.70 -20.63
CA ASN I 23 -22.53 -5.08 -21.86
C ASN I 23 -22.26 -6.01 -23.03
N LEU I 24 -22.06 -7.28 -22.75
CA LEU I 24 -21.73 -8.22 -23.80
C LEU I 24 -22.67 -8.22 -25.00
N ASN I 25 -23.92 -7.88 -24.74
CA ASN I 25 -24.91 -7.82 -25.80
C ASN I 25 -24.60 -6.69 -26.74
N MET I 26 -23.73 -5.79 -26.32
CA MET I 26 -23.52 -4.59 -27.10
C MET I 26 -22.50 -4.74 -28.19
N LEU I 27 -22.02 -5.94 -28.46
CA LEU I 27 -20.95 -6.09 -29.44
C LEU I 27 -21.41 -5.76 -30.87
N GLY I 28 -20.66 -4.89 -31.57
CA GLY I 28 -21.14 -4.34 -32.87
C GLY I 28 -21.42 -2.82 -32.83
N HIS I 29 -21.72 -2.32 -31.62
CA HIS I 29 -21.49 -0.90 -31.23
C HIS I 29 -20.16 -0.70 -30.42
N ARG I 30 -19.85 -1.59 -29.43
CA ARG I 30 -18.58 -1.55 -28.55
C ARG I 30 -17.16 -1.63 -29.26
N GLY I 36 -13.38 -6.09 -32.65
CA GLY I 36 -13.91 -6.03 -34.03
C GLY I 36 -15.44 -5.99 -34.24
N MET I 37 -15.84 -5.82 -35.51
CA MET I 37 -17.26 -5.59 -35.87
C MET I 37 -18.20 -6.83 -35.81
N VAL I 38 -18.33 -7.50 -34.64
CA VAL I 38 -19.07 -8.80 -34.53
C VAL I 38 -20.15 -8.75 -33.43
N THR I 39 -21.33 -9.36 -33.64
CA THR I 39 -22.38 -9.41 -32.57
C THR I 39 -22.36 -10.63 -31.67
N LEU I 40 -23.00 -10.48 -30.51
CA LEU I 40 -23.13 -11.62 -29.59
C LEU I 40 -23.85 -12.80 -30.27
N ASP I 41 -24.88 -12.48 -31.06
CA ASP I 41 -25.64 -13.50 -31.78
C ASP I 41 -24.69 -14.35 -32.61
N GLN I 42 -23.82 -13.65 -33.34
CA GLN I 42 -22.85 -14.32 -34.20
C GLN I 42 -21.90 -15.20 -33.38
N ILE I 43 -21.57 -14.76 -32.18
CA ILE I 43 -20.67 -15.59 -31.37
C ILE I 43 -21.37 -16.88 -31.05
N HIS I 44 -22.66 -16.76 -30.68
CA HIS I 44 -23.49 -17.93 -30.37
C HIS I 44 -23.59 -18.87 -31.53
N GLU I 45 -23.90 -18.33 -32.70
CA GLU I 45 -24.06 -19.23 -33.86
C GLU I 45 -22.73 -19.85 -34.26
N ILE I 46 -21.64 -19.15 -33.92
CA ILE I 46 -20.32 -19.71 -34.16
C ILE I 46 -20.23 -20.99 -33.38
N MET I 47 -20.55 -20.88 -32.09
CA MET I 47 -20.55 -22.01 -31.20
C MET I 47 -21.35 -23.17 -31.79
N GLN I 48 -22.62 -22.92 -32.15
CA GLN I 48 -23.41 -23.90 -32.89
C GLN I 48 -22.59 -24.54 -33.99
N THR I 49 -22.05 -23.73 -34.89
CA THR I 49 -21.26 -24.21 -36.02
C THR I 49 -20.14 -25.14 -35.58
N PHE I 50 -19.49 -24.82 -34.48
CA PHE I 50 -18.48 -25.69 -33.92
C PHE I 50 -19.01 -27.05 -33.40
N VAL I 51 -20.20 -27.06 -32.79
CA VAL I 51 -20.93 -28.30 -32.31
C VAL I 51 -21.60 -29.04 -33.44
N LYS I 52 -22.45 -28.28 -34.15
CA LYS I 52 -23.18 -28.73 -35.31
C LYS I 52 -22.21 -29.39 -36.24
N GLN I 53 -20.96 -28.92 -36.20
CA GLN I 53 -19.87 -29.45 -37.00
C GLN I 53 -19.11 -30.55 -36.24
N GLY I 54 -18.57 -30.24 -35.06
CA GLY I 54 -17.80 -31.24 -34.31
C GLY I 54 -18.57 -32.52 -33.99
N ASN I 55 -19.82 -32.58 -34.44
CA ASN I 55 -20.70 -33.71 -34.26
C ASN I 55 -20.92 -34.13 -32.80
N LEU I 56 -20.74 -33.19 -31.87
CA LEU I 56 -20.79 -33.48 -30.44
C LEU I 56 -22.23 -33.40 -29.99
N ASP I 57 -22.74 -34.40 -29.26
CA ASP I 57 -24.12 -34.37 -28.66
C ASP I 57 -24.15 -33.31 -27.54
N VAL I 58 -24.50 -32.07 -27.91
CA VAL I 58 -24.54 -30.91 -26.99
C VAL I 58 -25.69 -29.92 -27.28
N GLU I 59 -26.65 -29.85 -26.34
CA GLU I 59 -27.72 -28.83 -26.33
C GLU I 59 -27.09 -27.59 -25.67
N LEU I 60 -27.05 -26.47 -26.36
CA LEU I 60 -26.53 -25.23 -25.77
C LEU I 60 -27.67 -24.32 -25.49
N GLU I 61 -27.54 -23.55 -24.43
CA GLU I 61 -28.48 -22.46 -24.18
C GLU I 61 -27.75 -21.17 -23.88
N PHE I 62 -28.25 -20.08 -24.46
CA PHE I 62 -27.62 -18.79 -24.25
C PHE I 62 -28.46 -17.89 -23.37
N PHE I 63 -27.80 -17.25 -22.42
CA PHE I 63 -28.47 -16.29 -21.56
C PHE I 63 -27.50 -15.16 -21.34
N GLN I 64 -27.97 -13.94 -21.59
CA GLN I 64 -27.14 -12.76 -21.41
C GLN I 64 -27.87 -11.90 -20.42
N THR I 65 -27.12 -11.20 -19.56
CA THR I 65 -27.79 -10.27 -18.66
C THR I 65 -26.83 -9.15 -18.23
N ASN I 66 -27.38 -7.99 -17.93
CA ASN I 66 -26.61 -6.95 -17.31
C ASN I 66 -26.80 -6.98 -15.81
N PHE I 67 -27.37 -8.04 -15.26
CA PHE I 67 -27.72 -8.10 -13.81
C PHE I 67 -26.85 -9.10 -13.01
N GLU I 68 -26.11 -8.62 -12.01
CA GLU I 68 -25.43 -9.55 -11.14
C GLU I 68 -26.39 -10.61 -10.56
N GLY I 69 -27.50 -10.18 -10.01
CA GLY I 69 -28.50 -11.10 -9.49
C GLY I 69 -28.98 -12.15 -10.49
N GLU I 70 -29.10 -11.77 -11.74
CA GLU I 70 -29.54 -12.71 -12.71
C GLU I 70 -28.55 -13.79 -13.10
N ILE I 71 -27.28 -13.53 -12.92
CA ILE I 71 -26.28 -14.53 -13.14
C ILE I 71 -26.37 -15.47 -11.95
N ILE I 72 -26.48 -14.90 -10.77
CA ILE I 72 -26.56 -15.70 -9.57
C ILE I 72 -27.80 -16.58 -9.64
N ASP I 73 -28.94 -15.99 -9.96
CA ASP I 73 -30.11 -16.81 -10.13
C ASP I 73 -29.87 -17.96 -11.14
N LYS I 74 -29.26 -17.65 -12.26
CA LYS I 74 -29.19 -18.62 -13.31
C LYS I 74 -28.30 -19.79 -12.92
N ILE I 75 -27.23 -19.51 -12.25
CA ILE I 75 -26.35 -20.57 -11.78
C ILE I 75 -27.05 -21.40 -10.75
N GLN I 76 -27.78 -20.78 -9.84
CA GLN I 76 -28.52 -21.49 -8.81
C GLN I 76 -29.58 -22.38 -9.39
N GLU I 77 -30.15 -21.96 -10.53
CA GLU I 77 -31.10 -22.76 -11.29
C GLU I 77 -30.46 -23.95 -12.03
N SER I 78 -29.18 -23.88 -12.36
CA SER I 78 -28.50 -24.96 -13.07
C SER I 78 -28.49 -26.22 -12.26
N VAL I 79 -28.35 -26.05 -10.94
CA VAL I 79 -28.25 -27.13 -9.96
C VAL I 79 -29.32 -28.20 -10.18
N GLY I 80 -30.33 -27.93 -11.03
CA GLY I 80 -31.34 -28.94 -11.45
C GLY I 80 -30.91 -29.63 -12.74
N SER I 81 -31.01 -30.96 -12.72
CA SER I 81 -30.46 -31.89 -13.76
C SER I 81 -29.83 -31.24 -14.99
N ASP I 82 -30.57 -31.44 -16.09
CA ASP I 82 -30.26 -31.16 -17.52
C ASP I 82 -29.04 -30.27 -17.93
N TYR I 83 -28.54 -29.39 -17.07
CA TYR I 83 -27.29 -28.75 -17.42
C TYR I 83 -26.11 -29.51 -16.82
N GLU I 84 -25.13 -29.89 -17.63
CA GLU I 84 -23.99 -30.54 -17.01
C GLU I 84 -22.81 -29.63 -16.79
N GLY I 85 -22.81 -28.50 -17.47
CA GLY I 85 -21.74 -27.47 -17.30
C GLY I 85 -22.08 -26.06 -17.78
N ILE I 86 -21.34 -25.10 -17.27
CA ILE I 86 -21.60 -23.72 -17.61
C ILE I 86 -20.32 -23.11 -18.15
N ILE I 87 -20.48 -22.40 -19.26
CA ILE I 87 -19.44 -21.50 -19.74
C ILE I 87 -19.92 -20.09 -19.46
N ILE I 88 -19.06 -19.21 -18.95
CA ILE I 88 -19.52 -17.91 -18.50
C ILE I 88 -18.47 -16.86 -18.72
N ASN I 89 -18.94 -15.70 -19.18
CA ASN I 89 -18.13 -14.53 -19.28
C ASN I 89 -18.77 -13.51 -18.38
N PRO I 90 -18.49 -13.53 -17.08
CA PRO I 90 -19.08 -12.54 -16.17
C PRO I 90 -18.90 -11.08 -16.57
N GLY I 91 -18.03 -10.84 -17.55
CA GLY I 91 -17.68 -9.47 -17.96
C GLY I 91 -17.17 -8.66 -16.79
N ALA I 92 -17.51 -7.38 -16.76
CA ALA I 92 -17.08 -6.50 -15.68
C ALA I 92 -17.29 -7.04 -14.25
N PHE I 93 -18.28 -7.94 -14.08
CA PHE I 93 -18.58 -8.50 -12.75
C PHE I 93 -17.44 -9.43 -12.29
N SER I 94 -16.56 -9.74 -13.25
CA SER I 94 -15.43 -10.64 -13.02
C SER I 94 -14.57 -10.09 -11.93
N HIS I 95 -14.35 -8.80 -12.01
CA HIS I 95 -13.40 -8.16 -11.14
C HIS I 95 -13.96 -7.88 -9.76
N THR I 96 -15.27 -7.84 -9.64
CA THR I 96 -15.87 -7.33 -8.44
C THR I 96 -16.83 -8.23 -7.72
N SER I 97 -17.41 -9.22 -8.40
CA SER I 97 -18.54 -9.97 -7.86
C SER I 97 -18.09 -11.20 -7.09
N ILE I 98 -17.84 -11.00 -5.80
CA ILE I 98 -17.68 -12.11 -4.83
C ILE I 98 -18.92 -13.00 -4.78
N ALA I 99 -20.10 -12.42 -4.94
CA ALA I 99 -21.34 -13.21 -4.98
C ALA I 99 -21.37 -14.23 -6.12
N ILE I 100 -21.12 -13.77 -7.34
CA ILE I 100 -21.06 -14.70 -8.47
C ILE I 100 -20.02 -15.79 -8.28
N ALA I 101 -18.91 -15.44 -7.67
CA ALA I 101 -17.87 -16.40 -7.44
C ALA I 101 -18.40 -17.42 -6.45
N ASP I 102 -18.92 -16.93 -5.34
CA ASP I 102 -19.52 -17.80 -4.36
C ASP I 102 -20.52 -18.74 -5.00
N ALA I 103 -21.26 -18.23 -5.99
CA ALA I 103 -22.31 -19.03 -6.64
C ALA I 103 -21.67 -20.08 -7.51
N ILE I 104 -20.74 -19.67 -8.37
CA ILE I 104 -19.99 -20.63 -9.15
C ILE I 104 -19.42 -21.75 -8.30
N MET I 105 -19.11 -21.49 -7.05
CA MET I 105 -18.57 -22.56 -6.24
C MET I 105 -19.55 -23.58 -5.73
N LEU I 106 -20.81 -23.24 -5.67
CA LEU I 106 -21.73 -24.26 -5.32
C LEU I 106 -22.29 -24.91 -6.55
N ALA I 107 -21.92 -24.49 -7.74
CA ALA I 107 -22.51 -25.07 -8.93
C ALA I 107 -22.32 -26.58 -8.94
N GLY I 108 -21.25 -27.03 -8.29
CA GLY I 108 -20.90 -28.47 -8.22
C GLY I 108 -20.96 -29.14 -9.57
N LYS I 109 -20.27 -28.57 -10.54
CA LYS I 109 -20.33 -29.00 -11.90
C LYS I 109 -19.47 -28.02 -12.62
N PRO I 110 -18.84 -28.43 -13.72
CA PRO I 110 -17.85 -27.59 -14.38
C PRO I 110 -18.30 -26.16 -14.75
N VAL I 111 -17.57 -25.17 -14.27
CA VAL I 111 -17.74 -23.82 -14.78
C VAL I 111 -16.42 -23.33 -15.37
N ILE I 112 -16.51 -22.80 -16.57
CA ILE I 112 -15.36 -22.30 -17.31
C ILE I 112 -15.60 -20.84 -17.62
N GLU I 113 -14.67 -20.00 -17.19
CA GLU I 113 -14.73 -18.56 -17.52
C GLU I 113 -14.00 -18.19 -18.83
N VAL I 114 -14.72 -17.45 -19.69
CA VAL I 114 -14.18 -16.94 -20.96
C VAL I 114 -14.07 -15.40 -21.00
N HIS I 115 -12.98 -14.88 -21.55
CA HIS I 115 -12.86 -13.46 -21.82
C HIS I 115 -12.46 -13.23 -23.26
N LEU I 116 -13.13 -12.28 -23.90
CA LEU I 116 -12.78 -11.90 -25.24
C LEU I 116 -11.39 -11.35 -25.20
N THR I 117 -11.17 -10.41 -24.29
CA THR I 117 -9.84 -9.79 -24.15
C THR I 117 -8.93 -10.45 -23.11
N ASN I 118 -7.68 -9.99 -23.04
CA ASN I 118 -6.69 -10.43 -22.06
C ASN I 118 -6.70 -9.48 -20.89
N ILE I 119 -7.50 -9.76 -19.85
CA ILE I 119 -7.70 -8.84 -18.72
C ILE I 119 -6.43 -8.54 -17.91
N GLN I 120 -5.43 -9.39 -18.05
CA GLN I 120 -4.04 -9.09 -17.63
C GLN I 120 -3.51 -7.74 -18.26
N ALA I 121 -3.97 -7.48 -19.49
CA ALA I 121 -3.35 -6.52 -20.44
C ALA I 121 -4.09 -5.20 -20.55
N ARG I 122 -5.08 -4.98 -19.67
CA ARG I 122 -5.74 -3.67 -19.58
C ARG I 122 -5.45 -2.99 -18.28
N GLU I 123 -6.39 -2.22 -17.72
CA GLU I 123 -6.14 -1.42 -16.50
C GLU I 123 -5.98 -2.33 -15.29
N GLU I 124 -5.31 -1.79 -14.26
CA GLU I 124 -5.23 -2.48 -12.96
C GLU I 124 -6.53 -3.14 -12.47
N PHE I 125 -7.59 -2.37 -12.40
CA PHE I 125 -8.79 -2.93 -11.86
C PHE I 125 -9.35 -4.12 -12.66
N ARG I 126 -8.84 -4.44 -13.86
CA ARG I 126 -9.40 -5.64 -14.48
C ARG I 126 -8.59 -6.88 -14.20
N LYS I 127 -7.39 -6.72 -13.59
CA LYS I 127 -6.39 -7.80 -13.59
C LYS I 127 -6.85 -9.04 -12.89
N ASN I 128 -7.10 -8.98 -11.60
CA ASN I 128 -7.77 -10.09 -10.91
C ASN I 128 -9.22 -10.41 -11.44
N SER I 129 -9.60 -11.68 -11.35
CA SER I 129 -11.00 -12.14 -11.49
C SER I 129 -11.42 -13.00 -10.32
N TYR I 130 -12.38 -12.54 -9.53
CA TYR I 130 -12.88 -13.37 -8.46
C TYR I 130 -13.59 -14.56 -9.03
N THR I 131 -14.46 -14.30 -9.99
CA THR I 131 -15.19 -15.38 -10.66
C THR I 131 -14.21 -16.36 -11.31
N GLY I 132 -13.11 -15.87 -11.85
CA GLY I 132 -12.18 -16.75 -12.51
C GLY I 132 -11.59 -17.77 -11.55
N ALA I 133 -11.14 -17.29 -10.39
CA ALA I 133 -10.60 -18.19 -9.36
C ALA I 133 -11.59 -19.33 -8.95
N ALA I 134 -12.89 -19.06 -9.03
CA ALA I 134 -13.87 -19.99 -8.55
C ALA I 134 -14.05 -21.02 -9.58
N CYS I 135 -14.16 -20.60 -10.86
CA CYS I 135 -14.11 -21.57 -11.98
C CYS I 135 -12.82 -22.43 -12.01
N GLY I 136 -12.93 -23.60 -12.57
CA GLY I 136 -11.71 -24.41 -12.70
C GLY I 136 -10.63 -23.80 -13.59
N GLY I 137 -11.04 -22.96 -14.52
CA GLY I 137 -10.09 -22.59 -15.51
C GLY I 137 -10.71 -21.52 -16.36
N VAL I 138 -9.79 -20.74 -16.93
CA VAL I 138 -10.11 -19.47 -17.56
C VAL I 138 -9.41 -19.36 -18.88
N ILE I 139 -10.18 -18.99 -19.91
CA ILE I 139 -9.69 -18.79 -21.26
C ILE I 139 -9.79 -17.32 -21.46
N MET I 140 -8.73 -16.64 -21.90
CA MET I 140 -8.81 -15.17 -22.10
C MET I 140 -7.93 -14.64 -23.25
N GLY I 141 -8.47 -13.66 -23.97
CA GLY I 141 -7.69 -12.88 -24.89
C GLY I 141 -7.66 -13.52 -26.23
N PHE I 142 -8.72 -14.28 -26.54
CA PHE I 142 -8.73 -15.06 -27.77
C PHE I 142 -9.75 -14.53 -28.73
N GLY I 143 -10.38 -13.45 -28.28
CA GLY I 143 -11.67 -13.06 -28.87
C GLY I 143 -12.61 -14.26 -28.84
N PRO I 144 -13.52 -14.35 -29.84
CA PRO I 144 -14.63 -15.28 -29.76
C PRO I 144 -14.13 -16.69 -29.79
N LEU I 145 -13.04 -16.94 -30.52
CA LEU I 145 -12.44 -18.29 -30.55
C LEU I 145 -12.48 -19.00 -29.18
N GLY I 146 -12.28 -18.20 -28.12
CA GLY I 146 -12.20 -18.67 -26.76
C GLY I 146 -13.44 -19.39 -26.36
N TYR I 147 -14.56 -18.97 -26.92
CA TYR I 147 -15.79 -19.65 -26.64
C TYR I 147 -15.73 -21.09 -27.19
N ASN I 148 -15.40 -21.26 -28.47
CA ASN I 148 -15.21 -22.60 -29.02
C ASN I 148 -14.19 -23.36 -28.17
N MET I 149 -13.07 -22.72 -27.89
CA MET I 149 -12.10 -23.29 -26.95
C MET I 149 -12.79 -23.86 -25.71
N ALA I 150 -13.82 -23.18 -25.22
CA ALA I 150 -14.47 -23.56 -23.98
C ALA I 150 -15.33 -24.81 -24.17
N LEU I 151 -16.18 -24.80 -25.19
CA LEU I 151 -16.89 -26.00 -25.62
C LEU I 151 -15.93 -27.16 -25.67
N MET I 152 -14.78 -26.93 -26.33
CA MET I 152 -13.76 -27.95 -26.55
C MET I 152 -13.39 -28.57 -25.21
N ALA I 153 -13.20 -27.70 -24.21
CA ALA I 153 -12.78 -28.19 -22.92
C ALA I 153 -13.93 -28.89 -22.19
N MET I 154 -15.09 -28.24 -22.16
CA MET I 154 -16.23 -28.79 -21.47
C MET I 154 -16.50 -30.22 -21.91
N VAL I 155 -16.65 -30.40 -23.23
CA VAL I 155 -16.80 -31.71 -23.85
C VAL I 155 -15.81 -32.67 -23.24
N ASN I 156 -14.54 -32.36 -23.26
CA ASN I 156 -13.55 -33.24 -22.64
C ASN I 156 -13.72 -33.59 -21.19
N ILE I 157 -14.04 -32.63 -20.33
CA ILE I 157 -14.12 -32.89 -18.87
C ILE I 157 -15.32 -33.75 -18.54
N LEU I 158 -16.41 -33.45 -19.23
CA LEU I 158 -17.66 -34.15 -19.07
C LEU I 158 -17.53 -35.58 -19.53
N ALA I 159 -16.80 -35.74 -20.62
CA ALA I 159 -16.45 -37.04 -21.12
C ALA I 159 -15.68 -37.84 -20.08
N GLU I 160 -14.72 -37.19 -19.43
CA GLU I 160 -13.78 -37.86 -18.53
C GLU I 160 -14.43 -38.23 -17.22
N MET I 161 -15.10 -37.23 -16.61
CA MET I 161 -15.94 -37.38 -15.41
C MET I 161 -16.83 -38.59 -15.58
N LYS I 162 -17.56 -38.58 -16.71
CA LYS I 162 -18.51 -39.66 -17.11
C LYS I 162 -17.87 -41.03 -17.17
N ALA I 163 -16.64 -41.07 -17.67
CA ALA I 163 -15.85 -42.31 -17.77
C ALA I 163 -15.55 -42.84 -16.37
N PHE I 164 -15.26 -41.90 -15.46
CA PHE I 164 -14.79 -42.16 -14.09
C PHE I 164 -15.86 -42.66 -13.08
N GLN I 165 -17.00 -41.97 -13.04
CA GLN I 165 -18.15 -42.42 -12.23
C GLN I 165 -18.71 -43.81 -12.61
N GLU I 166 -18.28 -44.33 -13.77
CA GLU I 166 -18.59 -45.69 -14.26
C GLU I 166 -17.44 -46.65 -14.03
N ALA I 167 -16.22 -46.07 -13.96
CA ALA I 167 -15.01 -46.81 -13.57
C ALA I 167 -15.19 -47.31 -12.12
N GLN I 168 -15.52 -46.38 -11.22
CA GLN I 168 -15.76 -46.68 -9.81
C GLN I 168 -17.09 -47.34 -9.44
N LYS I 169 -18.23 -46.67 -9.72
CA LYS I 169 -19.58 -47.23 -9.41
C LYS I 169 -19.80 -48.60 -10.07
N ASN I 170 -18.72 -49.11 -10.66
CA ASN I 170 -18.55 -50.54 -11.05
C ASN I 170 -17.71 -51.38 -10.05
N ASN I 171 -16.79 -50.75 -9.33
CA ASN I 171 -16.09 -51.43 -8.23
C ASN I 171 -16.09 -50.71 -6.87
N GLY J 1 28.85 -23.72 -13.20
CA GLY J 1 29.31 -23.17 -11.90
C GLY J 1 30.32 -24.11 -11.30
N SER J 2 30.67 -23.87 -10.04
CA SER J 2 31.75 -24.59 -9.39
C SER J 2 31.33 -25.55 -8.33
N SER J 3 32.17 -26.52 -8.09
CA SER J 3 31.75 -27.75 -7.46
C SER J 3 32.92 -28.44 -6.74
N HIS J 4 32.85 -28.56 -5.41
CA HIS J 4 33.94 -29.35 -4.73
C HIS J 4 33.35 -30.50 -3.96
N HIS J 5 34.23 -31.45 -3.62
CA HIS J 5 33.75 -32.74 -3.11
C HIS J 5 34.99 -33.50 -2.66
N HIS J 6 34.86 -34.38 -1.68
CA HIS J 6 36.03 -34.89 -1.06
C HIS J 6 36.36 -36.37 -1.24
N HIS J 7 35.38 -37.24 -1.17
CA HIS J 7 35.65 -38.69 -1.48
C HIS J 7 34.90 -39.66 -0.60
N HIS J 8 35.35 -39.89 0.63
CA HIS J 8 34.64 -40.84 1.51
C HIS J 8 34.95 -42.32 1.18
N HIS J 9 35.10 -43.13 2.21
CA HIS J 9 35.68 -44.44 2.00
C HIS J 9 34.81 -45.65 1.63
N SER J 10 33.65 -45.83 2.29
CA SER J 10 32.98 -47.14 2.23
C SER J 10 33.45 -48.15 3.34
N SER J 11 32.71 -48.17 4.46
CA SER J 11 32.91 -49.16 5.56
C SER J 11 33.62 -50.50 5.14
N SER J 12 24.47 -44.55 9.77
CA SER J 12 24.69 -44.76 8.35
C SER J 12 25.25 -43.51 7.61
N HIS J 13 25.56 -43.72 6.33
CA HIS J 13 26.18 -42.73 5.45
C HIS J 13 25.19 -41.69 4.95
N MET J 14 25.41 -40.42 5.26
CA MET J 14 24.52 -39.42 4.73
C MET J 14 25.23 -38.59 3.73
N LYS J 15 24.85 -38.72 2.45
CA LYS J 15 25.25 -37.69 1.46
C LYS J 15 24.40 -36.36 1.63
N ILE J 16 25.06 -35.20 1.79
CA ILE J 16 24.40 -33.86 1.84
C ILE J 16 24.91 -32.97 0.69
N LEU J 17 24.02 -32.15 0.09
CA LEU J 17 24.34 -31.18 -0.99
C LEU J 17 24.25 -29.72 -0.56
N VAL J 18 25.42 -29.05 -0.58
CA VAL J 18 25.46 -27.59 -0.30
C VAL J 18 25.39 -26.71 -1.59
N ILE J 19 24.38 -25.85 -1.66
CA ILE J 19 24.29 -24.97 -2.81
C ILE J 19 24.39 -23.54 -2.40
N GLN J 20 25.51 -22.95 -2.82
CA GLN J 20 25.82 -21.50 -2.74
C GLN J 20 25.38 -20.62 -3.97
N GLY J 21 24.56 -19.62 -3.67
CA GLY J 21 23.95 -18.72 -4.69
C GLY J 21 24.93 -17.75 -5.35
N PRO J 22 24.41 -16.68 -5.99
CA PRO J 22 25.22 -15.84 -6.86
C PRO J 22 25.98 -14.87 -6.07
N ASN J 23 27.21 -14.63 -6.49
CA ASN J 23 28.08 -13.72 -5.81
C ASN J 23 28.80 -14.20 -4.58
N LEU J 24 28.28 -15.24 -3.91
CA LEU J 24 28.98 -15.94 -2.80
C LEU J 24 30.42 -16.44 -3.09
N ASN J 25 30.65 -16.78 -4.35
CA ASN J 25 31.98 -17.03 -4.85
C ASN J 25 32.96 -15.87 -4.60
N MET J 26 32.45 -14.73 -4.14
CA MET J 26 33.31 -13.54 -4.07
C MET J 26 33.90 -13.13 -2.67
N LEU J 27 33.38 -13.68 -1.55
CA LEU J 27 33.91 -13.27 -0.23
C LEU J 27 35.45 -13.37 -0.19
N GLY J 28 36.15 -12.26 0.13
CA GLY J 28 37.67 -12.11 0.02
C GLY J 28 38.28 -10.80 -0.53
N GLY J 36 33.21 -10.43 6.74
CA GLY J 36 34.48 -10.88 7.34
C GLY J 36 35.72 -10.54 6.48
N MET J 37 36.82 -11.30 6.66
CA MET J 37 37.90 -11.39 5.60
C MET J 37 38.19 -12.90 5.06
N VAL J 38 37.19 -13.78 5.27
CA VAL J 38 37.12 -15.22 4.92
C VAL J 38 36.54 -15.44 3.52
N THR J 39 36.94 -16.55 2.90
CA THR J 39 36.51 -16.94 1.52
C THR J 39 35.64 -18.21 1.55
N LEU J 40 34.96 -18.52 0.46
CA LEU J 40 33.94 -19.57 0.41
C LEU J 40 34.59 -20.94 0.50
N ASP J 41 35.77 -21.10 -0.11
CA ASP J 41 36.45 -22.38 0.00
C ASP J 41 36.72 -22.58 1.44
N GLN J 42 37.08 -21.49 2.12
CA GLN J 42 37.36 -21.56 3.54
C GLN J 42 36.12 -21.98 4.30
N ILE J 43 34.97 -21.50 3.85
CA ILE J 43 33.70 -21.80 4.52
C ILE J 43 33.42 -23.27 4.34
N HIS J 44 33.83 -23.80 3.20
CA HIS J 44 33.71 -25.21 3.01
C HIS J 44 34.67 -26.05 3.90
N GLU J 45 35.94 -25.71 4.00
CA GLU J 45 36.75 -26.55 4.87
C GLU J 45 36.24 -26.52 6.33
N ILE J 46 35.88 -25.33 6.82
CA ILE J 46 35.21 -25.16 8.11
C ILE J 46 34.11 -26.23 8.27
N MET J 47 33.22 -26.33 7.26
CA MET J 47 32.19 -27.40 7.20
C MET J 47 32.78 -28.81 7.31
N GLN J 48 33.65 -29.16 6.36
CA GLN J 48 34.33 -30.46 6.35
C GLN J 48 35.03 -30.70 7.68
N THR J 49 35.75 -29.68 8.16
CA THR J 49 36.45 -29.74 9.46
C THR J 49 35.50 -30.05 10.59
N PHE J 50 34.26 -29.67 10.43
CA PHE J 50 33.31 -29.83 11.52
C PHE J 50 32.62 -31.17 11.44
N VAL J 51 32.84 -31.86 10.34
CA VAL J 51 32.33 -33.21 10.20
C VAL J 51 33.38 -34.19 10.60
N LYS J 52 34.52 -34.12 9.92
CA LYS J 52 35.65 -35.04 10.19
C LYS J 52 35.82 -34.98 11.69
N GLN J 53 35.48 -33.82 12.24
CA GLN J 53 35.77 -33.51 13.63
C GLN J 53 34.63 -34.10 14.51
N GLY J 54 33.37 -33.74 14.21
CA GLY J 54 32.19 -34.19 15.02
C GLY J 54 32.08 -35.72 15.16
N ASN J 55 32.88 -36.41 14.34
CA ASN J 55 32.86 -37.87 14.09
C ASN J 55 31.63 -38.40 13.31
N LEU J 56 31.51 -37.99 12.04
CA LEU J 56 30.21 -38.02 11.34
C LEU J 56 30.28 -38.61 9.94
N ASP J 57 29.59 -39.72 9.70
CA ASP J 57 29.55 -40.27 8.37
C ASP J 57 28.70 -39.45 7.39
N VAL J 58 29.23 -38.30 7.03
CA VAL J 58 28.60 -37.36 6.16
C VAL J 58 29.47 -37.07 4.94
N GLU J 59 28.93 -37.14 3.74
CA GLU J 59 29.67 -36.77 2.54
C GLU J 59 29.15 -35.45 2.00
N LEU J 60 29.98 -34.42 1.88
CA LEU J 60 29.42 -33.16 1.30
C LEU J 60 29.63 -32.97 -0.18
N GLU J 61 28.71 -32.29 -0.85
CA GLU J 61 29.02 -31.77 -2.15
C GLU J 61 28.75 -30.29 -2.21
N PHE J 62 29.77 -29.56 -2.64
CA PHE J 62 29.68 -28.12 -2.63
C PHE J 62 29.50 -27.61 -4.01
N PHE J 63 28.68 -26.56 -4.09
CA PHE J 63 28.20 -26.05 -5.34
C PHE J 63 27.83 -24.60 -5.33
N GLN J 64 28.59 -23.81 -6.06
CA GLN J 64 28.22 -22.43 -6.24
C GLN J 64 27.99 -22.05 -7.70
N THR J 65 27.04 -21.10 -7.89
CA THR J 65 26.70 -20.58 -9.23
C THR J 65 26.02 -19.23 -9.15
N ASN J 66 26.13 -18.52 -10.25
CA ASN J 66 25.52 -17.25 -10.44
C ASN J 66 24.20 -17.38 -11.18
N PHE J 67 23.92 -18.58 -11.70
CA PHE J 67 22.82 -18.85 -12.59
C PHE J 67 21.63 -19.50 -11.91
N GLU J 68 20.52 -18.80 -11.89
CA GLU J 68 19.31 -19.33 -11.24
C GLU J 68 18.93 -20.73 -11.81
N GLY J 69 19.14 -20.87 -13.13
CA GLY J 69 18.79 -22.08 -13.79
C GLY J 69 19.66 -23.18 -13.25
N GLU J 70 20.96 -22.89 -13.13
CA GLU J 70 21.94 -23.85 -12.61
C GLU J 70 21.58 -24.24 -11.21
N ILE J 71 21.13 -23.30 -10.39
CA ILE J 71 20.56 -23.73 -9.12
C ILE J 71 19.33 -24.62 -9.26
N ILE J 72 18.43 -24.31 -10.17
CA ILE J 72 17.26 -25.18 -10.32
C ILE J 72 17.64 -26.61 -10.82
N ASP J 73 18.52 -26.67 -11.82
CA ASP J 73 19.09 -27.88 -12.30
C ASP J 73 19.63 -28.72 -11.20
N LYS J 74 20.50 -28.16 -10.38
CA LYS J 74 21.16 -28.98 -9.39
C LYS J 74 20.15 -29.60 -8.46
N ILE J 75 19.13 -28.85 -8.05
CA ILE J 75 18.17 -29.43 -7.14
C ILE J 75 17.51 -30.58 -7.87
N GLN J 76 17.16 -30.33 -9.12
CA GLN J 76 16.40 -31.29 -9.83
C GLN J 76 17.23 -32.56 -9.87
N GLU J 77 18.53 -32.45 -10.16
CA GLU J 77 19.39 -33.65 -10.19
C GLU J 77 19.27 -34.39 -8.87
N SER J 78 19.60 -33.79 -7.72
CA SER J 78 19.48 -34.42 -6.40
C SER J 78 18.32 -35.44 -6.19
N VAL J 79 17.19 -35.13 -6.82
CA VAL J 79 15.97 -35.94 -6.82
C VAL J 79 16.18 -37.35 -7.41
N GLY J 80 17.28 -37.54 -8.12
CA GLY J 80 17.92 -38.89 -8.33
C GLY J 80 18.57 -39.24 -6.98
N SER J 81 17.76 -39.92 -6.15
CA SER J 81 17.96 -39.99 -4.68
C SER J 81 19.42 -40.31 -4.27
N ASP J 82 20.22 -39.26 -4.09
CA ASP J 82 21.62 -39.53 -3.77
C ASP J 82 21.91 -39.13 -2.37
N TYR J 83 21.79 -37.81 -2.25
CA TYR J 83 21.84 -37.11 -1.02
C TYR J 83 20.40 -36.87 -0.61
N GLU J 84 20.26 -36.71 0.69
CA GLU J 84 19.02 -36.96 1.31
C GLU J 84 18.57 -35.67 1.86
N GLY J 85 19.41 -34.64 1.66
CA GLY J 85 19.08 -33.23 2.00
C GLY J 85 19.91 -32.10 1.36
N ILE J 86 19.43 -30.88 1.45
CA ILE J 86 20.15 -29.78 0.86
C ILE J 86 20.34 -28.54 1.79
N ILE J 87 21.52 -27.97 1.73
CA ILE J 87 21.75 -26.75 2.48
C ILE J 87 21.91 -25.70 1.39
N ILE J 88 21.10 -24.64 1.46
CA ILE J 88 21.16 -23.65 0.40
C ILE J 88 21.16 -22.19 0.89
N ASN J 89 22.05 -21.40 0.27
CA ASN J 89 22.06 -19.98 0.39
C ASN J 89 21.85 -19.38 -0.99
N PRO J 90 20.59 -19.22 -1.36
CA PRO J 90 20.19 -18.72 -2.66
C PRO J 90 20.68 -17.30 -3.00
N GLY J 91 21.48 -16.67 -2.11
CA GLY J 91 21.90 -15.25 -2.30
C GLY J 91 20.72 -14.35 -2.67
N ALA J 92 20.98 -13.30 -3.44
CA ALA J 92 19.92 -12.39 -3.81
C ALA J 92 18.70 -13.07 -4.46
N PHE J 93 18.87 -14.22 -5.10
CA PHE J 93 17.73 -14.97 -5.62
C PHE J 93 16.69 -15.35 -4.53
N SER J 94 17.09 -15.58 -3.27
CA SER J 94 16.12 -15.66 -2.17
C SER J 94 14.90 -14.75 -2.29
N HIS J 95 15.20 -13.47 -2.50
CA HIS J 95 14.21 -12.42 -2.49
C HIS J 95 13.27 -12.38 -3.67
N THR J 96 13.75 -12.80 -4.83
CA THR J 96 13.05 -12.64 -6.09
C THR J 96 12.48 -13.97 -6.59
N SER J 97 13.27 -15.03 -6.53
CA SER J 97 13.05 -16.23 -7.36
C SER J 97 12.06 -17.25 -6.89
N ILE J 98 10.82 -17.01 -7.25
CA ILE J 98 9.77 -18.01 -7.13
C ILE J 98 10.22 -19.32 -7.79
N ALA J 99 10.97 -19.27 -8.90
CA ALA J 99 11.26 -20.51 -9.63
C ALA J 99 12.01 -21.55 -8.80
N ILE J 100 12.85 -21.08 -7.87
CA ILE J 100 13.66 -21.92 -7.04
C ILE J 100 12.85 -22.31 -5.83
N ALA J 101 12.13 -21.37 -5.30
CA ALA J 101 11.16 -21.73 -4.29
C ALA J 101 10.39 -22.99 -4.73
N ASP J 102 9.96 -22.97 -6.00
CA ASP J 102 9.28 -24.10 -6.57
C ASP J 102 10.13 -25.33 -6.68
N ALA J 103 11.34 -25.18 -7.25
CA ALA J 103 12.30 -26.25 -7.28
C ALA J 103 12.40 -26.92 -5.90
N ILE J 104 12.66 -26.11 -4.87
CA ILE J 104 12.69 -26.61 -3.48
C ILE J 104 11.39 -27.30 -3.00
N MET J 105 10.21 -26.73 -3.24
CA MET J 105 8.99 -27.40 -2.79
C MET J 105 8.77 -28.77 -3.45
N LEU J 106 9.50 -29.06 -4.50
CA LEU J 106 9.40 -30.41 -5.07
C LEU J 106 10.81 -30.92 -5.21
N ALA J 107 11.48 -30.82 -4.08
CA ALA J 107 12.84 -31.19 -3.88
C ALA J 107 12.81 -32.62 -3.42
N GLY J 108 11.75 -33.05 -2.76
CA GLY J 108 11.69 -34.41 -2.20
C GLY J 108 12.33 -34.65 -0.82
N LYS J 109 13.18 -33.75 -0.32
CA LYS J 109 13.96 -33.99 0.91
C LYS J 109 14.09 -32.72 1.73
N PRO J 110 14.53 -32.83 2.99
CA PRO J 110 14.94 -31.70 3.76
C PRO J 110 15.75 -30.62 3.00
N VAL J 111 15.25 -29.37 2.99
CA VAL J 111 16.11 -28.24 2.59
C VAL J 111 16.26 -27.20 3.71
N ILE J 112 17.49 -26.67 3.88
CA ILE J 112 17.74 -25.58 4.85
C ILE J 112 18.36 -24.36 4.23
N GLU J 113 17.73 -23.20 4.50
CA GLU J 113 18.28 -21.98 3.94
C GLU J 113 19.20 -21.34 4.93
N VAL J 114 20.34 -20.89 4.41
CA VAL J 114 21.35 -20.23 5.22
C VAL J 114 21.71 -18.85 4.66
N HIS J 115 21.86 -17.84 5.51
CA HIS J 115 22.26 -16.53 4.99
C HIS J 115 23.34 -16.00 5.89
N LEU J 116 24.41 -15.54 5.31
CA LEU J 116 25.37 -14.97 6.16
C LEU J 116 24.80 -13.78 6.97
N THR J 117 24.15 -12.84 6.28
CA THR J 117 23.76 -11.57 6.93
C THR J 117 22.44 -11.81 7.61
N ASN J 118 21.94 -10.85 8.40
CA ASN J 118 20.58 -10.99 8.91
C ASN J 118 19.66 -10.18 8.04
N ILE J 119 19.00 -10.83 7.07
CA ILE J 119 18.23 -10.12 6.06
C ILE J 119 17.05 -9.35 6.59
N GLN J 120 16.59 -9.68 7.81
CA GLN J 120 15.54 -8.92 8.55
C GLN J 120 16.01 -7.47 8.77
N ALA J 121 17.32 -7.38 9.04
CA ALA J 121 18.01 -6.15 9.41
C ALA J 121 18.63 -5.35 8.25
N ARG J 122 18.26 -5.64 6.99
CA ARG J 122 18.79 -4.91 5.83
C ARG J 122 17.70 -4.21 5.04
N GLU J 123 17.99 -3.86 3.79
CA GLU J 123 17.08 -3.06 2.95
C GLU J 123 15.74 -3.79 2.98
N GLU J 124 14.66 -3.03 2.94
CA GLU J 124 13.31 -3.54 2.77
C GLU J 124 13.25 -4.65 1.74
N PHE J 125 13.83 -4.47 0.56
CA PHE J 125 13.73 -5.55 -0.39
C PHE J 125 14.31 -6.89 -0.01
N ARG J 126 15.14 -6.95 1.02
CA ARG J 126 15.84 -8.22 1.36
C ARG J 126 15.09 -9.04 2.38
N LYS J 127 14.10 -8.37 2.96
CA LYS J 127 13.29 -8.92 4.03
C LYS J 127 12.57 -10.22 3.71
N ASN J 128 11.93 -10.37 2.55
CA ASN J 128 11.31 -11.65 2.23
C ASN J 128 12.28 -12.52 1.47
N SER J 129 12.28 -13.79 1.83
CA SER J 129 12.84 -14.84 0.97
C SER J 129 11.69 -15.84 0.67
N TYR J 130 11.43 -16.07 -0.63
CA TYR J 130 10.38 -17.00 -1.05
C TYR J 130 10.98 -18.38 -0.90
N THR J 131 12.27 -18.48 -1.21
CA THR J 131 12.96 -19.73 -1.08
C THR J 131 12.92 -20.19 0.39
N GLY J 132 13.25 -19.35 1.36
CA GLY J 132 13.25 -19.82 2.75
C GLY J 132 11.85 -20.10 3.30
N ALA J 133 10.83 -19.56 2.63
CA ALA J 133 9.49 -19.86 3.02
C ALA J 133 9.20 -21.27 2.59
N ALA J 134 10.05 -21.81 1.71
CA ALA J 134 9.85 -23.16 1.21
C ALA J 134 10.79 -24.20 1.85
N CYS J 135 12.01 -23.81 2.19
CA CYS J 135 12.79 -24.63 3.09
C CYS J 135 12.03 -24.71 4.39
N GLY J 136 12.10 -25.84 5.07
CA GLY J 136 11.48 -25.89 6.40
C GLY J 136 12.02 -24.89 7.44
N GLY J 137 13.30 -24.54 7.27
CA GLY J 137 14.06 -23.83 8.26
C GLY J 137 15.03 -22.88 7.65
N VAL J 138 15.34 -21.86 8.43
CA VAL J 138 16.16 -20.81 7.91
C VAL J 138 17.14 -20.32 8.96
N ILE J 139 18.35 -20.09 8.49
CA ILE J 139 19.34 -19.55 9.36
C ILE J 139 19.87 -18.34 8.67
N MET J 140 19.94 -17.26 9.42
CA MET J 140 20.53 -16.07 8.89
C MET J 140 21.14 -15.34 10.02
N GLY J 141 22.16 -14.57 9.73
CA GLY J 141 22.64 -13.63 10.72
C GLY J 141 24.00 -13.98 11.25
N PHE J 142 24.47 -15.20 10.96
CA PHE J 142 25.51 -15.81 11.76
C PHE J 142 26.87 -15.79 11.18
N GLY J 143 27.01 -15.21 10.02
CA GLY J 143 28.30 -15.27 9.34
C GLY J 143 28.48 -16.70 8.89
N PRO J 144 29.70 -17.07 8.48
CA PRO J 144 30.01 -18.44 8.06
C PRO J 144 29.55 -19.48 9.08
N LEU J 145 29.67 -19.16 10.37
CA LEU J 145 29.17 -20.04 11.42
C LEU J 145 27.77 -20.65 11.15
N GLY J 146 26.88 -19.85 10.57
CA GLY J 146 25.61 -20.34 10.12
C GLY J 146 25.64 -21.68 9.37
N TYR J 147 26.61 -21.92 8.50
CA TYR J 147 26.60 -23.13 7.69
C TYR J 147 26.71 -24.34 8.56
N ASN J 148 27.49 -24.21 9.61
CA ASN J 148 27.71 -25.37 10.43
C ASN J 148 26.49 -25.65 11.22
N MET J 149 25.74 -24.60 11.54
CA MET J 149 24.47 -24.77 12.24
C MET J 149 23.57 -25.57 11.35
N ALA J 150 23.59 -25.29 10.06
CA ALA J 150 22.74 -26.00 9.10
C ALA J 150 23.17 -27.41 8.91
N LEU J 151 24.43 -27.63 9.19
CA LEU J 151 25.00 -28.94 9.10
C LEU J 151 24.59 -29.73 10.33
N MET J 152 24.82 -29.17 11.50
CA MET J 152 24.43 -29.83 12.72
C MET J 152 22.96 -30.14 12.68
N ALA J 153 22.18 -29.28 12.08
CA ALA J 153 20.76 -29.54 12.03
C ALA J 153 20.42 -30.68 11.05
N MET J 154 20.90 -30.54 9.83
CA MET J 154 20.73 -31.54 8.77
C MET J 154 20.95 -32.98 9.25
N VAL J 155 22.03 -33.14 10.01
CA VAL J 155 22.41 -34.42 10.57
C VAL J 155 21.24 -35.00 11.36
N ASN J 156 20.68 -34.18 12.25
CA ASN J 156 19.66 -34.60 13.23
C ASN J 156 18.34 -34.88 12.61
N ILE J 157 18.07 -34.17 11.53
CA ILE J 157 16.87 -34.31 10.80
C ILE J 157 16.83 -35.67 10.17
N LEU J 158 17.87 -35.94 9.37
CA LEU J 158 18.00 -37.20 8.61
C LEU J 158 18.00 -38.36 9.56
N ALA J 159 18.93 -38.32 10.48
CA ALA J 159 18.97 -39.28 11.53
C ALA J 159 17.57 -39.67 11.96
N GLU J 160 16.77 -38.67 12.29
CA GLU J 160 15.52 -38.91 12.97
C GLU J 160 14.54 -39.52 12.01
N MET J 161 14.59 -39.03 10.77
CA MET J 161 13.89 -39.65 9.64
C MET J 161 14.23 -41.15 9.45
N LYS J 162 15.53 -41.54 9.46
CA LYS J 162 15.96 -42.96 9.32
C LYS J 162 15.34 -43.82 10.41
N ALA J 163 15.57 -43.39 11.65
CA ALA J 163 14.89 -43.91 12.83
C ALA J 163 13.32 -44.00 12.75
N PHE J 164 12.72 -43.23 11.85
CA PHE J 164 11.27 -43.15 11.69
C PHE J 164 10.75 -44.05 10.55
N GLN J 165 11.56 -44.13 9.48
CA GLN J 165 11.23 -44.94 8.30
C GLN J 165 11.39 -46.37 8.66
N GLU J 166 12.32 -46.61 9.59
CA GLU J 166 12.43 -47.88 10.32
C GLU J 166 11.33 -48.04 11.43
N ALA J 167 10.67 -46.94 11.80
CA ALA J 167 9.55 -46.90 12.77
C ALA J 167 8.25 -47.53 12.25
N GLN J 168 7.62 -46.84 11.28
CA GLN J 168 6.37 -47.36 10.66
C GLN J 168 6.55 -48.69 9.85
N LYS J 169 7.69 -48.84 9.14
CA LYS J 169 7.99 -50.06 8.31
C LYS J 169 8.33 -51.38 9.08
N ASN J 170 7.51 -51.68 10.09
CA ASN J 170 7.52 -52.98 10.79
C ASN J 170 6.13 -53.51 11.15
N ASN J 171 5.15 -52.62 11.12
CA ASN J 171 3.79 -52.92 11.56
C ASN J 171 2.72 -52.09 10.84
N MET K 14 44.35 1.80 -22.09
CA MET K 14 43.14 1.86 -21.14
C MET K 14 41.79 1.16 -21.56
N LYS K 15 41.52 -0.07 -21.10
CA LYS K 15 40.40 -0.92 -21.62
C LYS K 15 39.07 -0.94 -20.80
N ILE K 16 37.95 -0.64 -21.47
CA ILE K 16 36.59 -0.54 -20.90
C ILE K 16 35.61 -1.60 -21.39
N LEU K 17 34.81 -2.15 -20.46
CA LEU K 17 33.85 -3.15 -20.84
C LEU K 17 32.45 -2.61 -20.97
N VAL K 18 31.84 -2.90 -22.14
CA VAL K 18 30.42 -2.56 -22.39
C VAL K 18 29.55 -3.80 -22.30
N ILE K 19 28.63 -3.78 -21.33
CA ILE K 19 27.71 -4.90 -21.12
C ILE K 19 26.27 -4.55 -21.52
N GLN K 20 25.78 -5.16 -22.61
CA GLN K 20 24.38 -5.08 -23.09
C GLN K 20 23.46 -6.23 -22.67
N GLY K 21 22.30 -5.86 -22.14
CA GLY K 21 21.43 -6.80 -21.41
C GLY K 21 20.42 -7.47 -22.32
N PRO K 22 19.46 -8.19 -21.73
CA PRO K 22 18.50 -8.94 -22.54
C PRO K 22 17.72 -8.09 -23.52
N ASN K 23 17.40 -8.76 -24.63
CA ASN K 23 16.72 -8.26 -25.78
C ASN K 23 17.46 -7.18 -26.50
N LEU K 24 18.40 -6.51 -25.86
CA LEU K 24 19.11 -5.43 -26.54
C LEU K 24 19.68 -5.74 -27.94
N ASN K 25 19.99 -7.01 -28.19
CA ASN K 25 20.52 -7.44 -29.47
C ASN K 25 19.44 -7.37 -30.52
N MET K 26 18.19 -7.25 -30.11
CA MET K 26 17.12 -7.27 -31.09
C MET K 26 16.78 -5.93 -31.70
N LEU K 27 17.66 -4.96 -31.62
CA LEU K 27 17.34 -3.65 -32.12
C LEU K 27 17.37 -3.66 -33.67
N GLY K 28 16.33 -3.16 -34.34
CA GLY K 28 16.20 -3.39 -35.78
C GLY K 28 14.98 -4.24 -36.15
N HIS K 29 14.56 -5.11 -35.22
CA HIS K 29 13.16 -5.61 -35.17
C HIS K 29 12.26 -4.88 -34.06
N ARG K 30 12.81 -4.69 -32.80
CA ARG K 30 12.16 -3.97 -31.59
C ARG K 30 11.60 -2.54 -31.80
N GLY K 36 13.81 3.88 -32.77
CA GLY K 36 13.88 3.79 -34.25
C GLY K 36 14.73 2.67 -34.90
N MET K 37 14.85 2.73 -36.23
CA MET K 37 15.40 1.62 -37.02
C MET K 37 16.95 1.37 -36.91
N VAL K 38 17.52 1.16 -35.71
CA VAL K 38 19.03 1.04 -35.50
C VAL K 38 19.46 -0.31 -34.84
N THR K 39 20.58 -0.94 -35.24
CA THR K 39 21.09 -2.20 -34.56
C THR K 39 22.01 -2.00 -33.36
N LEU K 40 22.17 -3.05 -32.58
CA LEU K 40 23.21 -3.01 -31.58
C LEU K 40 24.63 -2.82 -32.12
N ASP K 41 24.97 -3.57 -33.17
CA ASP K 41 26.28 -3.37 -33.88
C ASP K 41 26.60 -1.91 -34.25
N GLN K 42 25.62 -1.25 -34.85
CA GLN K 42 25.70 0.16 -35.14
C GLN K 42 25.94 0.98 -33.86
N ILE K 43 25.31 0.60 -32.74
CA ILE K 43 25.52 1.37 -31.54
C ILE K 43 26.98 1.25 -31.19
N HIS K 44 27.48 0.03 -31.23
CA HIS K 44 28.87 -0.20 -30.88
C HIS K 44 29.87 0.52 -31.82
N GLU K 45 29.67 0.41 -33.11
CA GLU K 45 30.56 1.14 -33.97
C GLU K 45 30.44 2.65 -33.78
N ILE K 46 29.31 3.10 -33.25
CA ILE K 46 29.18 4.53 -33.02
C ILE K 46 30.20 4.89 -31.99
N MET K 47 30.20 4.12 -30.90
CA MET K 47 31.12 4.30 -29.78
C MET K 47 32.54 4.36 -30.32
N GLN K 48 32.91 3.36 -31.11
CA GLN K 48 34.19 3.39 -31.76
C GLN K 48 34.40 4.76 -32.36
N THR K 49 33.50 5.18 -33.24
CA THR K 49 33.66 6.44 -33.96
C THR K 49 33.90 7.60 -33.02
N PHE K 50 33.20 7.62 -31.90
CA PHE K 50 33.43 8.61 -30.87
C PHE K 50 34.83 8.56 -30.25
N VAL K 51 35.33 7.34 -29.97
CA VAL K 51 36.72 7.09 -29.48
C VAL K 51 37.74 7.27 -30.56
N LYS K 52 37.54 6.53 -31.67
CA LYS K 52 38.42 6.54 -32.86
C LYS K 52 38.58 7.96 -33.26
N GLN K 53 37.56 8.76 -32.97
CA GLN K 53 37.58 10.17 -33.26
C GLN K 53 38.13 10.97 -32.05
N GLY K 54 37.51 10.81 -30.88
CA GLY K 54 37.94 11.55 -29.67
C GLY K 54 39.43 11.43 -29.35
N ASN K 55 40.13 10.66 -30.17
CA ASN K 55 41.53 10.35 -29.96
C ASN K 55 41.90 9.81 -28.57
N LEU K 56 40.92 9.20 -27.90
CA LEU K 56 41.06 8.72 -26.51
C LEU K 56 41.68 7.30 -26.51
N ASP K 57 42.74 7.05 -25.71
CA ASP K 57 43.36 5.69 -25.57
C ASP K 57 42.35 4.79 -24.82
N VAL K 58 41.46 4.13 -25.59
CA VAL K 58 40.43 3.27 -25.03
C VAL K 58 40.19 2.02 -25.88
N GLU K 59 40.60 0.87 -25.36
CA GLU K 59 40.21 -0.44 -25.89
C GLU K 59 38.75 -0.65 -25.41
N LEU K 60 37.79 -0.89 -26.31
CA LEU K 60 36.44 -1.25 -25.84
C LEU K 60 36.16 -2.71 -26.12
N GLU K 61 35.39 -3.36 -25.26
CA GLU K 61 34.88 -4.68 -25.60
C GLU K 61 33.39 -4.70 -25.41
N PHE K 62 32.73 -5.37 -26.35
CA PHE K 62 31.26 -5.51 -26.23
C PHE K 62 30.81 -6.92 -25.87
N PHE K 63 29.88 -6.99 -24.94
CA PHE K 63 29.30 -8.25 -24.58
C PHE K 63 27.82 -8.01 -24.34
N GLN K 64 27.01 -8.83 -25.02
CA GLN K 64 25.55 -8.73 -24.92
C GLN K 64 25.06 -10.08 -24.42
N THR K 65 24.08 -10.14 -23.51
CA THR K 65 23.58 -11.47 -23.15
C THR K 65 22.14 -11.37 -22.79
N ASN K 66 21.40 -12.48 -22.90
CA ASN K 66 20.07 -12.53 -22.34
C ASN K 66 20.07 -13.25 -21.00
N PHE K 67 21.24 -13.45 -20.42
CA PHE K 67 21.35 -14.19 -19.15
C PHE K 67 21.76 -13.36 -17.92
N GLU K 68 20.87 -13.26 -16.93
CA GLU K 68 21.25 -12.65 -15.66
C GLU K 68 22.62 -13.19 -15.15
N GLY K 69 22.77 -14.50 -15.15
CA GLY K 69 24.02 -15.06 -14.71
C GLY K 69 25.24 -14.57 -15.49
N GLU K 70 25.08 -14.39 -16.78
CA GLU K 70 26.24 -14.06 -17.56
C GLU K 70 26.73 -12.65 -17.41
N ILE K 71 25.81 -11.77 -17.02
CA ILE K 71 26.16 -10.42 -16.58
C ILE K 71 26.98 -10.55 -15.26
N ILE K 72 26.45 -11.34 -14.34
CA ILE K 72 27.10 -11.49 -13.08
C ILE K 72 28.50 -12.00 -13.33
N ASP K 73 28.63 -13.05 -14.13
CA ASP K 73 29.91 -13.71 -14.34
C ASP K 73 30.83 -12.69 -14.94
N LYS K 74 30.30 -11.87 -15.86
CA LYS K 74 31.17 -11.00 -16.63
C LYS K 74 31.71 -9.91 -15.75
N ILE K 75 30.86 -9.36 -14.88
CA ILE K 75 31.30 -8.36 -13.92
C ILE K 75 32.35 -8.90 -12.93
N GLN K 76 32.09 -10.07 -12.38
CA GLN K 76 33.03 -10.75 -11.55
C GLN K 76 34.33 -10.99 -12.32
N GLU K 77 34.28 -11.23 -13.62
CA GLU K 77 35.51 -11.45 -14.39
C GLU K 77 36.28 -10.21 -14.61
N SER K 78 35.63 -9.06 -14.57
CA SER K 78 36.30 -7.77 -14.74
C SER K 78 37.37 -7.53 -13.68
N VAL K 79 37.02 -7.89 -12.44
CA VAL K 79 37.89 -7.73 -11.25
C VAL K 79 39.37 -8.07 -11.47
N GLY K 80 39.70 -8.67 -12.62
CA GLY K 80 41.10 -8.92 -13.08
C GLY K 80 41.55 -7.81 -14.04
N SER K 81 42.78 -7.37 -13.79
CA SER K 81 43.36 -6.11 -14.33
C SER K 81 42.56 -5.40 -15.40
N ASP K 82 43.11 -5.58 -16.61
CA ASP K 82 42.86 -4.87 -17.85
C ASP K 82 41.54 -4.13 -18.10
N TYR K 83 40.46 -4.37 -17.34
CA TYR K 83 39.29 -3.53 -17.49
C TYR K 83 39.31 -2.48 -16.44
N GLU K 84 39.29 -1.21 -16.80
CA GLU K 84 39.24 -0.21 -15.74
C GLU K 84 37.85 0.26 -15.40
N GLY K 85 36.87 0.05 -16.31
CA GLY K 85 35.47 0.48 -16.08
C GLY K 85 34.47 -0.25 -16.92
N ILE K 86 33.24 -0.23 -16.45
CA ILE K 86 32.11 -0.89 -17.11
C ILE K 86 30.94 0.08 -17.38
N ILE K 87 30.47 0.05 -18.62
CA ILE K 87 29.27 0.73 -19.01
C ILE K 87 28.28 -0.40 -19.29
N ILE K 88 27.04 -0.22 -18.83
CA ILE K 88 26.16 -1.37 -18.76
C ILE K 88 24.75 -0.98 -18.90
N ASN K 89 24.05 -1.68 -19.78
CA ASN K 89 22.65 -1.51 -19.94
C ASN K 89 21.98 -2.81 -19.47
N PRO K 90 21.70 -2.93 -18.17
CA PRO K 90 21.11 -4.20 -17.71
C PRO K 90 19.78 -4.49 -18.35
N GLY K 91 19.21 -3.50 -19.03
CA GLY K 91 17.86 -3.65 -19.60
C GLY K 91 16.87 -4.14 -18.57
N ALA K 92 15.92 -4.96 -19.00
CA ALA K 92 14.90 -5.47 -18.08
C ALA K 92 15.37 -5.90 -16.61
N PHE K 93 16.60 -6.35 -16.51
CA PHE K 93 17.14 -6.85 -15.30
C PHE K 93 17.39 -5.68 -14.35
N SER K 94 17.55 -4.49 -14.95
CA SER K 94 17.64 -3.22 -14.18
C SER K 94 16.62 -3.18 -13.00
N HIS K 95 15.38 -3.58 -13.26
CA HIS K 95 14.30 -3.31 -12.33
C HIS K 95 14.15 -4.40 -11.27
N THR K 96 14.76 -5.55 -11.52
CA THR K 96 14.44 -6.71 -10.71
C THR K 96 15.67 -7.38 -10.15
N SER K 97 16.83 -7.23 -10.78
CA SER K 97 18.04 -8.03 -10.43
C SER K 97 18.85 -7.49 -9.25
N ILE K 98 18.47 -7.90 -8.03
CA ILE K 98 19.30 -7.53 -6.88
C ILE K 98 20.73 -8.06 -7.06
N ALA K 99 20.82 -9.29 -7.58
CA ALA K 99 22.06 -9.95 -7.81
C ALA K 99 22.99 -9.12 -8.67
N ILE K 100 22.59 -8.70 -9.87
CA ILE K 100 23.49 -7.85 -10.65
C ILE K 100 23.86 -6.56 -9.92
N ALA K 101 22.97 -6.02 -9.10
CA ALA K 101 23.32 -4.80 -8.36
C ALA K 101 24.36 -5.13 -7.31
N ASP K 102 24.13 -6.22 -6.60
CA ASP K 102 25.12 -6.71 -5.69
C ASP K 102 26.48 -6.90 -6.39
N ALA K 103 26.46 -7.28 -7.68
CA ALA K 103 27.69 -7.62 -8.37
C ALA K 103 28.37 -6.36 -8.64
N ILE K 104 27.66 -5.45 -9.28
CA ILE K 104 28.16 -4.10 -9.58
C ILE K 104 28.78 -3.48 -8.32
N MET K 105 28.25 -3.80 -7.16
CA MET K 105 28.87 -3.21 -6.01
C MET K 105 30.24 -3.73 -5.55
N LEU K 106 30.61 -4.92 -5.98
CA LEU K 106 31.95 -5.37 -5.65
C LEU K 106 32.86 -5.16 -6.87
N ALA K 107 32.36 -4.57 -7.96
CA ALA K 107 33.25 -4.42 -9.09
C ALA K 107 34.46 -3.60 -8.70
N GLY K 108 34.30 -2.75 -7.68
CA GLY K 108 35.35 -1.84 -7.16
C GLY K 108 36.06 -1.06 -8.27
N LYS K 109 35.30 -0.35 -9.10
CA LYS K 109 35.82 0.30 -10.27
C LYS K 109 34.55 0.84 -10.96
N PRO K 110 34.65 1.97 -11.65
CA PRO K 110 33.47 2.66 -12.13
C PRO K 110 32.49 1.77 -12.91
N VAL K 111 31.24 1.74 -12.50
CA VAL K 111 30.15 1.23 -13.37
C VAL K 111 29.10 2.33 -13.69
N ILE K 112 28.84 2.51 -14.99
CA ILE K 112 27.87 3.50 -15.44
C ILE K 112 26.75 2.78 -16.12
N GLU K 113 25.53 3.01 -15.62
CA GLU K 113 24.34 2.45 -16.26
C GLU K 113 23.84 3.38 -17.36
N VAL K 114 23.49 2.80 -18.52
CA VAL K 114 22.86 3.51 -19.65
C VAL K 114 21.48 2.93 -19.97
N HIS K 115 20.53 3.78 -20.36
CA HIS K 115 19.27 3.32 -20.88
C HIS K 115 18.92 4.08 -22.08
N LEU K 116 18.45 3.36 -23.08
CA LEU K 116 18.06 4.01 -24.32
C LEU K 116 16.88 4.93 -24.00
N THR K 117 15.88 4.36 -23.36
CA THR K 117 14.70 5.14 -23.00
C THR K 117 14.88 5.78 -21.63
N ASN K 118 13.85 6.56 -21.23
CA ASN K 118 13.75 7.22 -19.95
C ASN K 118 12.81 6.37 -19.12
N ILE K 119 13.36 5.47 -18.32
CA ILE K 119 12.54 4.48 -17.61
C ILE K 119 11.62 5.08 -16.55
N GLN K 120 11.79 6.37 -16.26
CA GLN K 120 10.86 7.15 -15.42
C GLN K 120 9.54 7.21 -16.16
N ALA K 121 9.66 7.23 -17.50
CA ALA K 121 8.59 7.62 -18.45
C ALA K 121 7.77 6.46 -19.05
N ARG K 122 7.88 5.28 -18.46
CA ARG K 122 7.11 4.15 -18.94
C ARG K 122 6.18 3.59 -17.85
N GLU K 123 6.05 2.27 -17.78
CA GLU K 123 5.16 1.65 -16.78
C GLU K 123 5.79 1.77 -15.37
N GLU K 124 4.93 1.73 -14.36
CA GLU K 124 5.39 1.56 -12.97
C GLU K 124 6.58 0.64 -12.79
N PHE K 125 6.40 -0.65 -13.12
CA PHE K 125 7.51 -1.59 -12.94
C PHE K 125 8.87 -1.17 -13.59
N ARG K 126 8.94 -0.23 -14.51
CA ARG K 126 10.29 0.07 -14.92
C ARG K 126 10.94 1.20 -14.08
N LYS K 127 10.15 1.86 -13.22
CA LYS K 127 10.61 3.16 -12.66
C LYS K 127 11.89 2.99 -11.88
N ASN K 128 11.85 2.38 -10.71
CA ASN K 128 13.08 2.01 -10.05
C ASN K 128 14.10 1.18 -10.90
N SER K 129 15.40 1.42 -10.69
CA SER K 129 16.47 0.51 -11.08
C SER K 129 17.33 0.08 -9.83
N TYR K 130 17.34 -1.22 -9.49
CA TYR K 130 18.29 -1.72 -8.53
C TYR K 130 19.73 -1.56 -8.96
N THR K 131 20.04 -2.02 -10.18
CA THR K 131 21.34 -1.84 -10.77
C THR K 131 21.76 -0.36 -10.85
N GLY K 132 20.84 0.51 -11.22
CA GLY K 132 21.28 1.88 -11.27
C GLY K 132 21.79 2.42 -9.93
N ALA K 133 21.06 2.14 -8.85
CA ALA K 133 21.47 2.59 -7.51
C ALA K 133 22.90 2.13 -7.17
N ALA K 134 23.25 0.94 -7.63
CA ALA K 134 24.56 0.38 -7.38
C ALA K 134 25.61 1.08 -8.22
N CYS K 135 25.36 1.32 -9.52
CA CYS K 135 26.22 2.18 -10.28
C CYS K 135 26.29 3.58 -9.72
N GLY K 136 27.43 4.22 -9.89
CA GLY K 136 27.62 5.63 -9.53
C GLY K 136 26.65 6.58 -10.22
N GLY K 137 26.26 6.29 -11.44
CA GLY K 137 25.48 7.28 -12.15
C GLY K 137 24.87 6.65 -13.36
N VAL K 138 23.80 7.29 -13.79
CA VAL K 138 22.89 6.69 -14.73
C VAL K 138 22.54 7.71 -15.77
N ILE K 139 22.68 7.32 -17.02
CA ILE K 139 22.31 8.11 -18.18
C ILE K 139 21.05 7.46 -18.77
N MET K 140 20.00 8.22 -19.05
CA MET K 140 18.82 7.57 -19.57
C MET K 140 18.02 8.47 -20.48
N GLY K 141 17.53 7.89 -21.57
CA GLY K 141 16.47 8.51 -22.34
C GLY K 141 17.11 9.27 -23.47
N PHE K 142 18.34 8.89 -23.79
CA PHE K 142 19.04 9.67 -24.76
C PHE K 142 19.14 8.99 -26.09
N GLY K 143 18.42 7.88 -26.22
CA GLY K 143 18.78 6.89 -27.22
C GLY K 143 20.28 6.56 -27.17
N PRO K 144 20.86 6.25 -28.33
CA PRO K 144 22.21 5.75 -28.38
C PRO K 144 23.22 6.78 -27.93
N LEU K 145 23.03 8.05 -28.29
CA LEU K 145 23.86 9.11 -27.72
C LEU K 145 24.32 8.86 -26.27
N GLY K 146 23.46 8.29 -25.42
CA GLY K 146 23.81 8.02 -24.05
C GLY K 146 25.02 7.09 -23.86
N TYR K 147 25.25 6.24 -24.84
CA TYR K 147 26.41 5.42 -24.78
C TYR K 147 27.71 6.24 -24.98
N ASN K 148 27.75 7.12 -25.98
CA ASN K 148 28.86 8.04 -26.13
C ASN K 148 28.95 8.89 -24.90
N MET K 149 27.81 9.37 -24.42
CA MET K 149 27.75 10.06 -23.14
C MET K 149 28.44 9.29 -22.05
N ALA K 150 28.32 7.99 -22.09
CA ALA K 150 28.92 7.21 -21.06
C ALA K 150 30.46 7.12 -21.16
N LEU K 151 30.93 6.87 -22.37
CA LEU K 151 32.33 6.95 -22.69
C LEU K 151 32.82 8.28 -22.19
N MET K 152 32.12 9.36 -22.54
CA MET K 152 32.54 10.69 -22.14
C MET K 152 32.86 10.74 -20.65
N ALA K 153 31.97 10.17 -19.85
CA ALA K 153 32.10 10.26 -18.44
C ALA K 153 33.21 9.35 -17.95
N MET K 154 33.25 8.11 -18.46
CA MET K 154 34.22 7.13 -17.97
C MET K 154 35.65 7.68 -18.10
N VAL K 155 35.95 8.14 -19.31
CA VAL K 155 37.18 8.86 -19.64
C VAL K 155 37.52 9.89 -18.57
N ASN K 156 36.54 10.68 -18.18
CA ASN K 156 36.77 11.67 -17.13
C ASN K 156 37.05 11.15 -15.76
N ILE K 157 36.36 10.11 -15.35
CA ILE K 157 36.53 9.63 -13.97
C ILE K 157 37.86 8.89 -13.84
N LEU K 158 38.14 8.07 -14.84
CA LEU K 158 39.36 7.34 -14.89
C LEU K 158 40.55 8.29 -14.90
N ALA K 159 40.41 9.37 -15.66
CA ALA K 159 41.44 10.38 -15.73
C ALA K 159 41.69 10.98 -14.36
N GLU K 160 40.61 11.22 -13.62
CA GLU K 160 40.68 11.94 -12.36
C GLU K 160 41.20 11.09 -11.27
N MET K 161 40.63 9.88 -11.17
CA MET K 161 41.13 8.82 -10.27
C MET K 161 42.65 8.68 -10.39
N LYS K 162 43.11 8.49 -11.65
CA LYS K 162 44.52 8.27 -12.01
C LYS K 162 45.42 9.43 -11.55
N ALA K 163 44.87 10.64 -11.58
CA ALA K 163 45.57 11.85 -11.17
C ALA K 163 45.81 11.83 -9.68
N PHE K 164 44.78 11.38 -8.98
CA PHE K 164 44.68 11.37 -7.54
C PHE K 164 45.58 10.33 -6.82
N GLN K 165 45.58 9.09 -7.33
CA GLN K 165 46.41 8.02 -6.79
C GLN K 165 47.88 8.32 -6.95
N GLU K 166 48.18 9.31 -7.79
CA GLU K 166 49.52 9.84 -8.01
C GLU K 166 49.78 11.11 -7.22
N ALA K 167 48.69 11.84 -6.96
CA ALA K 167 48.74 12.99 -6.07
C ALA K 167 49.15 12.52 -4.67
N GLN K 168 48.45 11.48 -4.17
CA GLN K 168 48.72 10.87 -2.85
C GLN K 168 49.94 9.94 -2.70
N LYS K 169 49.94 8.82 -3.44
CA LYS K 169 51.07 7.85 -3.44
C LYS K 169 52.43 8.53 -3.77
N ASN K 170 52.38 9.86 -3.90
CA ASN K 170 53.54 10.76 -3.87
C ASN K 170 53.80 11.42 -2.51
N ASN K 171 52.75 11.68 -1.73
CA ASN K 171 52.94 12.12 -0.33
C ASN K 171 52.20 11.28 0.73
N MET L 14 3.77 -26.50 -41.82
CA MET L 14 3.49 -25.43 -40.80
C MET L 14 4.01 -25.70 -39.33
N LYS L 15 5.20 -25.19 -38.99
CA LYS L 15 5.89 -25.58 -37.74
C LYS L 15 5.74 -24.68 -36.47
N ILE L 16 5.39 -25.29 -35.33
CA ILE L 16 5.06 -24.56 -34.07
C ILE L 16 5.96 -24.89 -32.87
N LEU L 17 6.36 -23.87 -32.12
CA LEU L 17 7.27 -24.07 -31.01
C LEU L 17 6.55 -24.11 -29.67
N VAL L 18 6.82 -25.15 -28.91
CA VAL L 18 6.31 -25.26 -27.57
C VAL L 18 7.47 -25.06 -26.62
N ILE L 19 7.35 -24.03 -25.81
CA ILE L 19 8.32 -23.68 -24.78
C ILE L 19 7.82 -23.88 -23.33
N GLN L 20 8.40 -24.89 -22.65
CA GLN L 20 8.10 -25.25 -21.26
C GLN L 20 9.11 -24.66 -20.27
N GLY L 21 8.64 -23.98 -19.25
CA GLY L 21 9.54 -23.31 -18.29
C GLY L 21 10.07 -24.15 -17.16
N PRO L 22 10.63 -23.49 -16.16
CA PRO L 22 11.26 -24.15 -15.05
C PRO L 22 10.34 -25.07 -14.34
N ASN L 23 10.95 -26.07 -13.76
CA ASN L 23 10.30 -27.14 -13.04
C ASN L 23 9.31 -28.01 -13.78
N LEU L 24 8.78 -27.50 -14.88
CA LEU L 24 7.82 -28.27 -15.68
C LEU L 24 8.27 -29.66 -16.03
N ASN L 25 9.57 -29.84 -16.19
CA ASN L 25 10.07 -31.17 -16.49
C ASN L 25 9.84 -32.10 -15.33
N MET L 26 9.55 -31.56 -14.16
CA MET L 26 9.47 -32.42 -13.01
C MET L 26 8.14 -33.08 -12.77
N LEU L 27 7.22 -33.01 -13.73
CA LEU L 27 5.87 -33.56 -13.52
C LEU L 27 5.87 -35.09 -13.40
N GLY L 28 5.27 -35.60 -12.32
CA GLY L 28 5.42 -37.05 -11.99
C GLY L 28 6.17 -37.32 -10.67
N HIS L 29 7.03 -36.36 -10.29
CA HIS L 29 7.42 -36.13 -8.88
C HIS L 29 6.59 -34.95 -8.22
N ARG L 30 6.44 -33.77 -8.87
CA ARG L 30 5.63 -32.55 -8.39
C ARG L 30 4.12 -32.78 -8.02
N GLY L 36 -1.88 -34.09 -10.86
CA GLY L 36 -1.86 -35.56 -10.96
C GLY L 36 -0.59 -36.26 -11.52
N MET L 37 -0.62 -37.59 -11.52
CA MET L 37 0.57 -38.42 -11.81
C MET L 37 0.99 -38.49 -13.31
N VAL L 38 1.26 -37.34 -13.97
CA VAL L 38 1.52 -37.32 -15.44
C VAL L 38 2.86 -36.64 -15.78
N THR L 39 3.65 -37.16 -16.76
CA THR L 39 4.92 -36.48 -17.18
C THR L 39 4.82 -35.46 -18.30
N LEU L 40 5.86 -34.64 -18.42
CA LEU L 40 5.91 -33.66 -19.48
C LEU L 40 5.95 -34.35 -20.84
N ASP L 41 6.68 -35.47 -20.91
CA ASP L 41 6.73 -36.28 -22.15
C ASP L 41 5.32 -36.66 -22.61
N GLN L 42 4.53 -37.13 -21.66
CA GLN L 42 3.17 -37.51 -21.93
C GLN L 42 2.34 -36.31 -22.38
N ILE L 43 2.65 -35.13 -21.89
CA ILE L 43 1.88 -33.99 -22.34
C ILE L 43 2.13 -33.77 -23.80
N HIS L 44 3.43 -33.84 -24.16
CA HIS L 44 3.89 -33.61 -25.52
C HIS L 44 3.29 -34.59 -26.48
N GLU L 45 3.33 -35.87 -26.11
CA GLU L 45 2.72 -36.88 -26.97
C GLU L 45 1.20 -36.75 -27.07
N ILE L 46 0.60 -36.22 -26.01
CA ILE L 46 -0.81 -35.90 -26.06
C ILE L 46 -1.03 -34.94 -27.21
N MET L 47 -0.26 -33.86 -27.19
CA MET L 47 -0.31 -32.88 -28.25
C MET L 47 -0.21 -33.53 -29.63
N GLN L 48 0.84 -34.33 -29.85
CA GLN L 48 0.95 -35.15 -31.06
C GLN L 48 -0.37 -35.80 -31.39
N THR L 49 -0.89 -36.59 -30.45
CA THR L 49 -2.15 -37.32 -30.63
C THR L 49 -3.25 -36.40 -31.11
N PHE L 50 -3.32 -35.20 -30.58
CA PHE L 50 -4.29 -34.23 -31.03
C PHE L 50 -4.09 -33.77 -32.50
N VAL L 51 -2.84 -33.59 -32.92
CA VAL L 51 -2.46 -33.17 -34.30
C VAL L 51 -2.52 -34.36 -35.23
N LYS L 52 -1.78 -35.40 -34.83
CA LYS L 52 -1.69 -36.66 -35.56
C LYS L 52 -3.09 -37.14 -35.82
N GLN L 53 -4.00 -36.77 -34.95
CA GLN L 53 -5.41 -37.09 -35.07
C GLN L 53 -6.17 -35.97 -35.82
N GLY L 54 -6.14 -34.74 -35.31
CA GLY L 54 -6.91 -33.66 -35.95
C GLY L 54 -6.54 -33.37 -37.40
N ASN L 55 -5.59 -34.19 -37.90
CA ASN L 55 -5.12 -34.17 -39.27
C ASN L 55 -4.55 -32.83 -39.75
N LEU L 56 -4.08 -32.02 -38.81
CA LEU L 56 -3.62 -30.67 -39.08
C LEU L 56 -2.17 -30.75 -39.52
N ASP L 57 -1.78 -30.04 -40.59
CA ASP L 57 -0.37 -29.96 -41.05
C ASP L 57 0.43 -29.09 -40.08
N VAL L 58 1.01 -29.72 -39.04
CA VAL L 58 1.74 -29.03 -37.95
C VAL L 58 2.97 -29.79 -37.43
N GLU L 59 4.17 -29.26 -37.71
CA GLU L 59 5.44 -29.73 -37.13
C GLU L 59 5.52 -29.09 -35.72
N LEU L 60 5.61 -29.90 -34.67
CA LEU L 60 5.79 -29.33 -33.32
C LEU L 60 7.20 -29.57 -32.90
N GLU L 61 7.70 -28.67 -32.09
CA GLU L 61 8.96 -28.86 -31.41
C GLU L 61 8.86 -28.53 -29.94
N PHE L 62 9.41 -29.41 -29.12
CA PHE L 62 9.39 -29.15 -27.69
C PHE L 62 10.77 -28.73 -27.16
N PHE L 63 10.76 -27.70 -26.32
CA PHE L 63 11.96 -27.25 -25.63
C PHE L 63 11.53 -26.87 -24.22
N GLN L 64 12.24 -27.42 -23.24
CA GLN L 64 11.95 -27.18 -21.83
C GLN L 64 13.24 -26.63 -21.27
N THR L 65 13.16 -25.67 -20.35
CA THR L 65 14.35 -25.17 -19.70
C THR L 65 14.00 -24.62 -18.34
N ASN L 66 14.94 -24.68 -17.43
CA ASN L 66 14.84 -23.95 -16.20
C ASN L 66 15.56 -22.62 -16.34
N PHE L 67 16.00 -22.21 -17.52
CA PHE L 67 16.73 -20.93 -17.63
C PHE L 67 15.92 -19.74 -18.24
N GLU L 68 15.75 -18.65 -17.50
CA GLU L 68 15.14 -17.46 -18.07
C GLU L 68 15.82 -17.10 -19.42
N GLY L 69 17.15 -17.01 -19.45
CA GLY L 69 17.89 -16.66 -20.66
C GLY L 69 17.68 -17.62 -21.83
N GLU L 70 17.47 -18.88 -21.54
CA GLU L 70 17.19 -19.81 -22.59
C GLU L 70 15.83 -19.71 -23.25
N ILE L 71 14.84 -19.21 -22.53
CA ILE L 71 13.57 -18.91 -23.11
C ILE L 71 13.79 -17.68 -23.98
N ILE L 72 14.42 -16.67 -23.45
CA ILE L 72 14.69 -15.48 -24.23
C ILE L 72 15.45 -15.83 -25.53
N ASP L 73 16.52 -16.58 -25.40
CA ASP L 73 17.23 -17.02 -26.57
C ASP L 73 16.31 -17.73 -27.57
N LYS L 74 15.47 -18.62 -27.08
CA LYS L 74 14.72 -19.46 -27.98
C LYS L 74 13.70 -18.63 -28.75
N ILE L 75 13.11 -17.66 -28.09
CA ILE L 75 12.12 -16.81 -28.73
C ILE L 75 12.82 -15.98 -29.76
N GLN L 76 13.95 -15.40 -29.39
CA GLN L 76 14.76 -14.61 -30.33
C GLN L 76 15.14 -15.42 -31.56
N GLU L 77 15.38 -16.71 -31.38
CA GLU L 77 15.72 -17.63 -32.47
C GLU L 77 14.53 -17.95 -33.35
N SER L 78 13.31 -17.83 -32.83
CA SER L 78 12.09 -18.12 -33.60
C SER L 78 11.96 -17.19 -34.78
N VAL L 79 12.30 -15.92 -34.56
CA VAL L 79 12.22 -14.83 -35.55
C VAL L 79 12.79 -15.24 -36.95
N GLY L 80 13.51 -16.38 -37.05
CA GLY L 80 13.89 -17.00 -38.36
C GLY L 80 12.85 -17.99 -38.87
N SER L 81 12.50 -17.81 -40.14
CA SER L 81 11.32 -18.48 -40.80
C SER L 81 10.55 -19.50 -39.96
N ASP L 82 10.76 -20.75 -40.40
CA ASP L 82 10.05 -22.00 -40.08
C ASP L 82 9.10 -22.12 -38.87
N TYR L 83 9.23 -21.27 -37.84
CA TYR L 83 8.23 -21.27 -36.77
C TYR L 83 7.19 -20.21 -37.04
N GLU L 84 5.90 -20.60 -37.07
CA GLU L 84 4.91 -19.56 -37.27
C GLU L 84 4.27 -19.12 -36.01
N GLY L 85 4.38 -19.96 -34.98
CA GLY L 85 3.83 -19.63 -33.64
C GLY L 85 4.47 -20.30 -32.43
N ILE L 86 4.30 -19.69 -31.26
CA ILE L 86 4.87 -20.25 -30.05
C ILE L 86 3.79 -20.39 -29.00
N ILE L 87 3.73 -21.60 -28.43
CA ILE L 87 2.95 -21.88 -27.24
C ILE L 87 3.91 -21.95 -26.06
N ILE L 88 3.61 -21.33 -24.94
CA ILE L 88 4.64 -21.24 -23.91
C ILE L 88 4.02 -21.25 -22.55
N ASN L 89 4.63 -22.02 -21.67
CA ASN L 89 4.29 -22.00 -20.29
C ASN L 89 5.49 -21.51 -19.52
N PRO L 90 5.65 -20.20 -19.37
CA PRO L 90 6.83 -19.67 -18.68
C PRO L 90 6.95 -20.11 -17.22
N GLY L 91 5.93 -20.79 -16.72
CA GLY L 91 5.95 -21.30 -15.35
C GLY L 91 6.20 -20.17 -14.39
N ALA L 92 7.04 -20.40 -13.38
CA ALA L 92 7.30 -19.37 -12.39
C ALA L 92 7.81 -18.02 -12.95
N PHE L 93 8.40 -18.03 -14.13
CA PHE L 93 8.92 -16.82 -14.71
C PHE L 93 7.79 -15.92 -15.16
N SER L 94 6.61 -16.50 -15.28
CA SER L 94 5.39 -15.78 -15.66
C SER L 94 5.19 -14.56 -14.79
N HIS L 95 5.38 -14.76 -13.49
CA HIS L 95 5.06 -13.72 -12.55
C HIS L 95 6.09 -12.61 -12.49
N THR L 96 7.30 -12.88 -12.92
CA THR L 96 8.44 -12.04 -12.60
C THR L 96 9.26 -11.59 -13.78
N SER L 97 9.23 -12.31 -14.90
CA SER L 97 10.18 -12.05 -15.97
C SER L 97 9.67 -11.00 -16.94
N ILE L 98 9.95 -9.73 -16.65
CA ILE L 98 9.79 -8.65 -17.63
C ILE L 98 10.60 -8.90 -18.91
N ALA L 99 11.80 -9.47 -18.79
CA ALA L 99 12.57 -9.84 -19.98
C ALA L 99 11.81 -10.77 -20.95
N ILE L 100 11.27 -11.88 -20.46
CA ILE L 100 10.57 -12.80 -21.32
C ILE L 100 9.35 -12.17 -21.91
N ALA L 101 8.79 -11.19 -21.25
CA ALA L 101 7.60 -10.52 -21.79
C ALA L 101 8.04 -9.59 -22.91
N ASP L 102 9.09 -8.83 -22.62
CA ASP L 102 9.71 -8.02 -23.62
C ASP L 102 10.04 -8.81 -24.87
N ALA L 103 10.49 -10.05 -24.70
CA ALA L 103 10.91 -10.89 -25.79
C ALA L 103 9.69 -11.35 -26.56
N ILE L 104 8.72 -11.92 -25.83
CA ILE L 104 7.46 -12.26 -26.44
C ILE L 104 6.89 -11.15 -27.30
N MET L 105 7.05 -9.91 -26.93
CA MET L 105 6.53 -8.86 -27.78
C MET L 105 7.25 -8.57 -29.07
N LEU L 106 8.51 -8.95 -29.20
CA LEU L 106 9.12 -8.74 -30.46
C LEU L 106 9.02 -9.99 -31.28
N ALA L 107 8.44 -11.04 -30.76
CA ALA L 107 8.31 -12.27 -31.54
C ALA L 107 7.61 -12.00 -32.88
N GLY L 108 6.73 -10.99 -32.90
CA GLY L 108 6.00 -10.58 -34.13
C GLY L 108 5.37 -11.77 -34.84
N LYS L 109 4.59 -12.53 -34.10
CA LYS L 109 4.03 -13.80 -34.52
C LYS L 109 3.35 -14.35 -33.28
N PRO L 110 2.30 -15.14 -33.47
CA PRO L 110 1.48 -15.53 -32.33
C PRO L 110 2.23 -16.22 -31.16
N VAL L 111 2.14 -15.65 -29.97
CA VAL L 111 2.52 -16.39 -28.77
C VAL L 111 1.30 -16.56 -27.85
N ILE L 112 1.07 -17.80 -27.42
CA ILE L 112 -0.04 -18.17 -26.52
C ILE L 112 0.49 -18.75 -25.21
N GLU L 113 0.16 -18.12 -24.11
CA GLU L 113 0.60 -18.64 -22.81
C GLU L 113 -0.38 -19.68 -22.23
N VAL L 114 0.17 -20.82 -21.80
CA VAL L 114 -0.59 -21.89 -21.14
C VAL L 114 -0.22 -22.14 -19.66
N HIS L 115 -1.20 -22.39 -18.82
CA HIS L 115 -0.93 -22.79 -17.44
C HIS L 115 -1.69 -24.03 -17.08
N LEU L 116 -1.04 -24.93 -16.38
CA LEU L 116 -1.71 -26.16 -15.98
C LEU L 116 -2.74 -25.75 -14.98
N THR L 117 -2.31 -24.96 -13.99
CA THR L 117 -3.21 -24.47 -12.92
C THR L 117 -3.83 -23.11 -13.20
N ASN L 118 -4.70 -22.67 -12.29
CA ASN L 118 -5.41 -21.39 -12.39
C ASN L 118 -4.67 -20.46 -11.50
N ILE L 119 -3.78 -19.64 -12.06
CA ILE L 119 -2.84 -18.80 -11.26
C ILE L 119 -3.59 -17.70 -10.52
N GLN L 120 -4.82 -17.43 -10.98
CA GLN L 120 -5.80 -16.64 -10.18
C GLN L 120 -6.03 -17.23 -8.74
N ALA L 121 -5.91 -18.56 -8.64
CA ALA L 121 -6.46 -19.36 -7.54
C ALA L 121 -5.44 -19.83 -6.54
N ARG L 122 -4.19 -19.35 -6.65
CA ARG L 122 -3.13 -19.69 -5.70
C ARG L 122 -2.69 -18.46 -4.99
N GLU L 123 -1.41 -18.36 -4.61
CA GLU L 123 -0.93 -17.26 -3.74
C GLU L 123 -0.93 -15.95 -4.51
N GLU L 124 -0.88 -14.84 -3.76
CA GLU L 124 -0.78 -13.50 -4.35
C GLU L 124 0.25 -13.38 -5.43
N PHE L 125 1.48 -13.77 -5.13
CA PHE L 125 2.54 -13.58 -6.07
C PHE L 125 2.28 -14.33 -7.39
N ARG L 126 1.34 -15.26 -7.47
CA ARG L 126 1.18 -15.87 -8.78
C ARG L 126 0.15 -15.16 -9.61
N LYS L 127 -0.58 -14.19 -9.04
CA LYS L 127 -1.82 -13.72 -9.70
C LYS L 127 -1.54 -13.07 -11.02
N ASN L 128 -0.82 -11.96 -11.01
CA ASN L 128 -0.33 -11.37 -12.24
C ASN L 128 0.61 -12.30 -13.07
N SER L 129 0.52 -12.19 -14.41
CA SER L 129 1.55 -12.69 -15.35
C SER L 129 2.04 -11.57 -16.25
N TYR L 130 3.31 -11.20 -16.14
CA TYR L 130 3.88 -10.30 -17.13
C TYR L 130 3.87 -10.91 -18.53
N THR L 131 4.43 -12.12 -18.64
CA THR L 131 4.46 -12.85 -19.88
C THR L 131 3.05 -13.02 -20.48
N GLY L 132 2.06 -13.21 -19.64
CA GLY L 132 0.74 -13.41 -20.22
C GLY L 132 0.23 -12.16 -20.92
N ALA L 133 0.44 -11.01 -20.28
CA ALA L 133 0.00 -9.76 -20.86
C ALA L 133 0.63 -9.53 -22.26
N ALA L 134 1.80 -10.12 -22.48
CA ALA L 134 2.53 -9.84 -23.71
C ALA L 134 1.97 -10.74 -24.75
N CYS L 135 1.69 -11.99 -24.40
CA CYS L 135 0.97 -12.88 -25.30
C CYS L 135 -0.41 -12.36 -25.62
N GLY L 136 -0.88 -12.71 -26.81
CA GLY L 136 -2.26 -12.37 -27.14
C GLY L 136 -3.28 -12.91 -26.13
N GLY L 137 -3.03 -14.09 -25.60
CA GLY L 137 -4.08 -14.71 -24.87
C GLY L 137 -3.50 -15.84 -24.08
N VAL L 138 -4.24 -16.15 -23.01
CA VAL L 138 -3.77 -17.03 -21.99
C VAL L 138 -4.81 -18.07 -21.69
N ILE L 139 -4.37 -19.33 -21.60
CA ILE L 139 -5.22 -20.46 -21.26
C ILE L 139 -4.72 -20.90 -19.91
N MET L 140 -5.58 -21.12 -18.93
CA MET L 140 -5.11 -21.51 -17.58
C MET L 140 -6.10 -22.36 -16.77
N GLY L 141 -5.55 -23.31 -16.03
CA GLY L 141 -6.30 -24.04 -15.06
C GLY L 141 -7.01 -25.17 -15.66
N PHE L 142 -6.50 -25.67 -16.79
CA PHE L 142 -7.17 -26.73 -17.51
C PHE L 142 -6.44 -28.03 -17.40
N GLY L 143 -5.35 -27.98 -16.65
CA GLY L 143 -4.35 -29.04 -16.70
C GLY L 143 -3.89 -29.15 -18.16
N PRO L 144 -3.47 -30.37 -18.60
CA PRO L 144 -2.79 -30.54 -19.86
C PRO L 144 -3.73 -30.20 -20.98
N LEU L 145 -5.01 -30.49 -20.82
CA LEU L 145 -5.97 -30.16 -21.87
C LEU L 145 -5.70 -28.76 -22.49
N GLY L 146 -5.26 -27.82 -21.66
CA GLY L 146 -4.98 -26.46 -22.08
C GLY L 146 -3.98 -26.39 -23.22
N TYR L 147 -3.07 -27.35 -23.25
CA TYR L 147 -2.09 -27.40 -24.31
C TYR L 147 -2.80 -27.69 -25.63
N ASN L 148 -3.64 -28.72 -25.66
CA ASN L 148 -4.42 -28.99 -26.89
C ASN L 148 -5.25 -27.77 -27.23
N MET L 149 -5.89 -27.19 -26.22
CA MET L 149 -6.62 -25.97 -26.39
C MET L 149 -5.78 -24.95 -27.14
N ALA L 150 -4.49 -24.89 -26.82
CA ALA L 150 -3.56 -23.93 -27.43
C ALA L 150 -3.27 -24.21 -28.90
N LEU L 151 -2.93 -25.47 -29.22
CA LEU L 151 -2.89 -25.96 -30.61
C LEU L 151 -4.14 -25.53 -31.34
N MET L 152 -5.28 -25.82 -30.73
CA MET L 152 -6.56 -25.52 -31.33
C MET L 152 -6.60 -24.07 -31.76
N ALA L 153 -6.14 -23.19 -30.89
CA ALA L 153 -6.25 -21.78 -31.21
C ALA L 153 -5.21 -21.38 -32.23
N MET L 154 -3.94 -21.77 -31.99
CA MET L 154 -2.88 -21.43 -32.91
C MET L 154 -3.27 -21.74 -34.37
N VAL L 155 -3.67 -23.00 -34.59
CA VAL L 155 -4.19 -23.46 -35.86
C VAL L 155 -5.18 -22.45 -36.46
N ASN L 156 -6.14 -22.02 -35.65
CA ASN L 156 -7.11 -21.04 -36.13
C ASN L 156 -6.53 -19.69 -36.54
N ILE L 157 -5.65 -19.13 -35.72
CA ILE L 157 -5.15 -17.77 -35.97
C ILE L 157 -4.28 -17.73 -37.22
N LEU L 158 -3.45 -18.77 -37.30
CA LEU L 158 -2.52 -18.93 -38.40
C LEU L 158 -3.27 -19.13 -39.70
N ALA L 159 -4.37 -19.87 -39.60
CA ALA L 159 -5.26 -20.06 -40.71
C ALA L 159 -5.83 -18.71 -41.16
N GLU L 160 -6.22 -17.88 -40.20
CA GLU L 160 -6.93 -16.63 -40.46
C GLU L 160 -6.03 -15.57 -41.04
N MET L 161 -4.92 -15.31 -40.32
CA MET L 161 -3.79 -14.48 -40.77
C MET L 161 -3.47 -14.78 -42.25
N LYS L 162 -3.24 -16.08 -42.53
CA LYS L 162 -2.89 -16.61 -43.86
C LYS L 162 -3.92 -16.30 -44.93
N ALA L 163 -5.19 -16.34 -44.53
CA ALA L 163 -6.31 -16.00 -45.40
C ALA L 163 -6.27 -14.52 -45.77
N PHE L 164 -5.91 -13.69 -44.77
CA PHE L 164 -5.92 -12.21 -44.83
C PHE L 164 -4.81 -11.53 -45.68
N GLN L 165 -3.56 -12.00 -45.51
CA GLN L 165 -2.41 -11.53 -46.27
C GLN L 165 -2.49 -11.89 -47.74
N GLU L 166 -3.44 -12.77 -48.08
CA GLU L 166 -3.80 -13.16 -49.47
C GLU L 166 -5.06 -12.43 -49.96
N ALA L 167 -5.88 -12.03 -49.00
CA ALA L 167 -7.05 -11.18 -49.25
C ALA L 167 -6.56 -9.81 -49.75
N GLN L 168 -5.63 -9.21 -49.00
CA GLN L 168 -5.02 -7.92 -49.33
C GLN L 168 -3.94 -7.92 -50.42
N LYS L 169 -2.82 -8.62 -50.18
CA LYS L 169 -1.72 -8.72 -51.19
C LYS L 169 -2.23 -9.22 -52.58
N ASN L 170 -3.56 -9.36 -52.67
CA ASN L 170 -4.30 -9.46 -53.92
C ASN L 170 -4.98 -8.16 -54.39
N ASN L 171 -5.31 -7.25 -53.45
CA ASN L 171 -5.76 -5.92 -53.86
C ASN L 171 -5.03 -4.74 -53.20
C2 FA1 M . -5.82 19.80 -14.42
C3 FA1 M . -4.49 19.59 -13.72
O3 FA1 M . -4.30 18.20 -13.48
C4 FA1 M . -3.35 20.15 -14.60
O4 FA1 M . -2.29 20.24 -13.66
C5 FA1 M . -3.66 21.48 -15.28
C6 FA1 M . -4.88 22.00 -15.25
C FA1 M . -7.21 21.44 -15.39
O1 FA1 M . -7.65 20.39 -15.94
O30 FA1 M . -6.34 21.84 -13.21
O2 FA1 M . -7.78 22.56 -15.51
C1 FA1 M . -6.02 21.33 -14.53
C2 FA1 N . 18.88 15.71 -6.07
C3 FA1 N . 17.69 16.05 -5.11
O3 FA1 N . 17.15 14.93 -4.32
C4 FA1 N . 18.12 17.17 -4.09
O4 FA1 N . 16.87 17.59 -3.50
C5 FA1 N . 18.85 18.40 -4.69
C6 FA1 N . 19.38 18.31 -5.91
C FA1 N . 20.78 16.81 -7.15
O1 FA1 N . 21.41 15.78 -6.79
O30 FA1 N . 18.57 17.25 -7.92
O2 FA1 N . 21.35 17.69 -7.88
C1 FA1 N . 19.35 17.03 -6.75
C2 FA1 O . -0.14 22.68 11.37
C3 FA1 O . -0.23 22.38 9.85
O3 FA1 O . -0.82 21.10 9.53
C4 FA1 O . -1.10 23.49 9.22
O4 FA1 O . -1.00 23.33 7.79
C5 FA1 O . -0.70 24.90 9.62
C6 FA1 O . 0.03 25.12 10.70
C FA1 O . 0.38 24.48 13.00
O1 FA1 O . -0.21 23.78 13.87
O30 FA1 O . 1.93 23.97 11.37
O2 FA1 O . 0.89 25.59 13.31
C1 FA1 O . 0.55 24.03 11.60
C2 FA1 P . 6.49 -18.13 16.20
C3 FA1 P . 5.41 -17.07 16.51
O3 FA1 P . 4.87 -16.50 15.32
C4 FA1 P . 4.27 -17.61 17.45
O4 FA1 P . 3.71 -16.40 17.97
C5 FA1 P . 4.77 -18.52 18.56
C6 FA1 P . 6.06 -18.87 18.63
C FA1 P . 7.87 -19.66 17.26
O1 FA1 P . 7.61 -20.19 16.15
O30 FA1 P . 8.03 -17.36 18.02
O2 FA1 P . 8.73 -20.10 18.09
C1 FA1 P . 7.11 -18.44 17.59
C2 FA1 Q . -13.51 -1.51 21.35
C3 FA1 Q . -11.98 -1.17 21.20
O3 FA1 Q . -11.56 -0.46 19.98
C4 FA1 Q . -11.58 -0.30 22.46
O4 FA1 Q . -10.14 -0.34 22.53
C5 FA1 Q . -12.11 -0.67 23.82
C6 FA1 Q . -13.07 -1.55 23.90
C FA1 Q . -15.17 -2.25 23.02
O1 FA1 Q . -15.97 -1.58 22.29
O30 FA1 Q . -13.26 -3.59 22.61
O2 FA1 Q . -15.52 -2.95 24.03
C1 FA1 Q . -13.71 -2.23 22.71
C2 FA1 R . 11.57 7.47 21.29
C3 FA1 R . 11.09 6.03 20.92
O3 FA1 R . 11.10 5.79 19.49
C4 FA1 R . 11.95 4.98 21.69
O4 FA1 R . 11.28 3.70 21.56
C5 FA1 R . 12.20 5.28 23.16
C6 FA1 R . 12.01 6.51 23.65
C FA1 R . 12.35 8.85 23.19
O1 FA1 R . 13.00 9.51 22.34
O30 FA1 R . 10.18 7.94 23.19
O2 FA1 R . 12.30 9.16 24.37
C1 FA1 R . 11.52 7.68 22.83
C2 FA1 S . -22.60 10.61 -3.63
C3 FA1 S . -22.32 9.14 -3.30
O3 FA1 S . -21.06 9.02 -2.61
C4 FA1 S . -23.47 8.60 -2.43
O4 FA1 S . -23.29 7.18 -2.63
C5 FA1 S . -24.84 9.12 -2.82
C6 FA1 S . -25.00 10.03 -3.77
C FA1 S . -24.18 12.13 -4.54
O1 FA1 S . -23.53 12.87 -3.79
O30 FA1 S . -23.53 10.17 -5.85
O2 FA1 S . -25.05 12.60 -5.32
C1 FA1 S . -23.85 10.67 -4.52
C2 FA1 T . -20.30 -14.33 5.07
C3 FA1 T . -19.92 -13.69 3.70
O3 FA1 T . -18.49 -13.50 3.53
C4 FA1 T . -20.43 -14.69 2.62
O4 FA1 T . -20.40 -13.95 1.41
C5 FA1 T . -21.84 -15.21 2.79
C6 FA1 T . -22.49 -15.06 3.93
C FA1 T . -22.24 -15.27 6.29
O1 FA1 T . -21.34 -15.91 6.91
O30 FA1 T . -22.33 -13.05 5.39
O2 FA1 T . -23.47 -15.28 6.57
C1 FA1 T . -21.85 -14.40 5.14
C2 FA1 U . -13.32 -8.30 -19.96
C3 FA1 U . -13.81 -7.38 -18.82
O3 FA1 U . -12.79 -6.55 -18.25
C4 FA1 U . -14.90 -6.41 -19.38
O4 FA1 U . -15.45 -5.59 -18.29
C5 FA1 U . -15.97 -7.10 -20.25
C6 FA1 U . -15.77 -8.28 -20.77
C FA1 U . -14.14 -9.82 -21.75
O1 FA1 U . -12.98 -9.68 -22.18
O30 FA1 U . -14.93 -10.12 -19.60
O2 FA1 U . -14.98 -10.60 -22.31
C1 FA1 U . -14.53 -9.10 -20.51
C2 FA1 V . 21.97 -12.24 1.83
C3 FA1 V . 21.38 -11.67 0.55
O3 FA1 V . 20.45 -10.62 0.89
C4 FA1 V . 22.54 -11.15 -0.34
O4 FA1 V . 21.94 -10.92 -1.61
C5 FA1 V . 23.71 -12.11 -0.43
C6 FA1 V . 23.79 -13.18 0.36
C FA1 V . 23.46 -13.83 2.64
O1 FA1 V . 23.52 -12.97 3.58
O30 FA1 V . 21.82 -14.53 1.06
O2 FA1 V . 23.96 -14.98 2.68
C1 FA1 V . 22.74 -13.49 1.41
C2 FA1 W . 14.84 0.07 -20.54
C3 FA1 W . 14.22 -1.14 -19.82
O3 FA1 W . 13.00 -0.86 -19.07
C4 FA1 W . 13.93 -2.20 -20.95
O4 FA1 W . 13.66 -3.39 -20.19
C5 FA1 W . 15.08 -2.46 -21.94
C6 FA1 W . 16.13 -1.65 -22.00
C FA1 W . 16.59 0.68 -22.11
O1 FA1 W . 15.89 1.70 -22.35
O30 FA1 W . 17.24 -0.50 -20.14
O2 FA1 W . 17.69 0.54 -22.66
C1 FA1 W . 16.22 -0.38 -21.15
C2 FA1 X . 1.83 -21.88 -12.74
C3 FA1 X . 2.95 -21.11 -12.00
O3 FA1 X . 2.46 -20.34 -10.88
C4 FA1 X . 4.05 -22.12 -11.51
O4 FA1 X . 5.22 -21.39 -11.06
C5 FA1 X . 4.47 -23.16 -12.55
C6 FA1 X . 3.73 -23.41 -13.63
C FA1 X . 1.44 -23.67 -14.43
O1 FA1 X . 0.36 -23.81 -13.83
O30 FA1 X . 2.77 -21.80 -15.01
O2 FA1 X . 1.69 -24.33 -15.46
C1 FA1 X . 2.44 -22.67 -13.93
#